data_8Z8N
#
_entry.id   8Z8N
#
_cell.length_a   1.00
_cell.length_b   1.00
_cell.length_c   1.00
_cell.angle_alpha   90.00
_cell.angle_beta   90.00
_cell.angle_gamma   90.00
#
_symmetry.space_group_name_H-M   'P 1'
#
loop_
_entity.id
_entity.type
_entity.pdbx_description
1 polymer 'Polymerase acidic protein'
2 polymer 'RNA-directed RNA polymerase catalytic subunit'
3 polymer 'Polymerase basic protein 2'
4 polymer "RNA (5'-R(*AP*GP*AP*GP*AP*AP*AP*UP*CP*AP*AP*GP*GP*CP*AP*GP*UP*U)-3')"
5 polymer "RNA (5'-R(*GP*AP*CP*UP*GP*CP*CP*UP*GP*UP*UP*UP*UP*UP*GP*CP*U)-3')"
#
loop_
_entity_poly.entity_id
_entity_poly.type
_entity_poly.pdbx_seq_one_letter_code
_entity_poly.pdbx_strand_id
1 'polypeptide(L)'
;MTDRPDHIDSRVWELSETQEDWITQVHGHVRRVVECWKYTICCLISNMHTHRGAPQYDVFKWQDRSTIEWICSKKKVQYP
ERDTPDLYDNERAVAYKVLLVSDLSDHSPTSGIYHDLAFNLEGEAEESCALVLRGSQLQDIKGFLCRALEWVVSNNLTQE
VVETISGEAKLQFSVGTTFRTLLKRDTDWDVIPTPRVEPNVPRIEGRRWTQMKKLPLLKEKEGPPSPWRALLLGADSEYI
VCPPGTDQEAISWIHSQSEIECIRESKSTPASVITCLTSSLQSFAEGNPVRSRIHEDIIAFGINKKQEKKQSASSSASGE
WKRAEYQVEEMSLPPWVEEEMVLLRSDQEDNWIELEKNAIYTEVDGVAEGLVDKYIEIVGRTKVASVIEKWQIAATRTFS
QLHTDRSRITACPIITRDPSGNCQFWGMVLLGPHHVKRDTDNAPLLIAEIMGEDTEEKYPKHSVFSLKVEEKQFLLSLKI
TSFSRNKLYTFSNIRRVLIQPASIYSQVVLSRAAENNSLNLEVNPEIQLYLEGAQRGMTLYQWVRMILCLEFLMAIYNNP
QMEGFLANMRRLHMSRHAMMERRQVFLPFGSRPEDKVNECIINNPIVAYLAKGWNSMPNVYY
;
A
2 'polypeptide(L)'
;MNLFTPLSEINPTTTQELLYAYTGPAPVAYGTRTRAVLENIIRPYQYFYKEPNVQRALDIKTGCKEPEDINVEGPSSGFH
TASVLKLADNFFRKYRPAMEKLKYWILVKLPKLKYAELSKGRQTYSFIHKRNLPAPIALEETVEFLEQNLRRKIGPTLLS
YCQAIADVMELDETTYEGARDPRPWDIQLEEIDSDEEDPLFRQVGREETYTIKFSREELWDQMRTLNTMWKHLERGRLNR
RTIATPSMLIRGFVKIVEDAAKEILENVPTSGVPVGGEEKLAKLASKQTFHTAVTGELSGDQEKFNECLDPDAMRLMWTV
FLRKLGCPDWIMELFNIPFMVFKSKLADMGEGLVYTKGKLTDRKPLGEMPSEFDDLVRNVVGNSISCRLGMFMGMYNLTS
TLLALISIEREELTGSHVESSDDFIHFFNCKTHEEMFKQAETLRLTLKLVGINMSPSKCILISPAGIGEFNSKFHHRDFV
GNVATELPALVPNGTNPMTDLAMGLNVIKHSVNTGQMNLCTGALAMRIFNHAYKYAYMALGVTRRTRFMEENAITPLLTN
QGASPVHSFSTMHLDEVALRRHLGLLDEETLRRILNPNNPVTQKGDPSMFFRIENKMPQIMEDYSVPSCFKYTLSRNRTI
QDKPHKALLNKEERYQRVTSIINKLFPEVLIQEASAPGTVRESLKRRLELVVERSDLDEERKKRILSRIF
;
B
3 'polypeptide(L)'
;MDREEPAESECTLRALVEEYNGACKEAPKEMSKQFTDYNTFKRYTTSKKDHAPQMRLVYSVRKPWPISMTPSKEIPLVFN
GTKLKDTILDLGESKRTRANIVVPDYWSKYGSQTSLEVVNAILYAEDLKVQRFFSTEWGEIRYGRMLPFRKPVQACPTIE
EVNPASIPHTLLQVFCPQYTTLDSKRKAHMGAVEKLKRVMEPICKVQTQESAVHIARSLIDSNKKWLPTVVDHTPRTAEM
AHFLCSKYHYVHTNTQDLSDTRSIDNLCGELVKRSLKCRCPKETLVANLDKITIQGRPMREVLADHDGELPYLGICRVAM
GLSTHHTMKIRSTKFSILNSDHPRIEVKKVFSLSPDVQVTIPYRRFKGKAKVYFQNDQIQGYFSCTDRQIDEIKISAPKN
APLLEPLLDICYYGSFIEPGFEQTFGFYPAGKREFVDSFFMHHSKDHKAFLIHMGLDKDLSLPLSPELNWKEPALSKVCR
VTELDSTVQPYTSATREFVLGETLNVYTQHENGLELLICPTEIRSTRGPLPPGTNLSGSEFIDIYQDPFSRAKSLLKSTI
LHAERCKEFVGNMLEEYQDPAETTVQSLVPINTWGKSAKRKLQEEITSDPDWHQCPRKRAKMSYLAIIAGSIQDRDKKQT
NVPRAFMLRGSQIEYDMKATRGLVVDTTNRIIVGGETVLREGKGGPEGYVQTGVFEEQPRCYLVDTPDHGLSMGLSRFCV
HSQGRYFQYEKKISIWEETDNIKATIDSQRDLKRRRDIEEMVSKRARIVLEVLFQGPGHHHHHHHHSADYKDDDDKGGWS
HPQFEKGGGSGGGGSGGSAWSHPQFEK
;
C
4 'polyribonucleotide' AGAGAAAUCAAGGCAGUU D
5 'polyribonucleotide' GACUGCCUGUUUUUGCU E
#
loop_
_chem_comp.id
_chem_comp.type
_chem_comp.name
_chem_comp.formula
A RNA linking ADENOSINE-5'-MONOPHOSPHATE 'C10 H14 N5 O7 P'
C RNA linking CYTIDINE-5'-MONOPHOSPHATE 'C9 H14 N3 O8 P'
G RNA linking GUANOSINE-5'-MONOPHOSPHATE 'C10 H14 N5 O8 P'
U RNA linking URIDINE-5'-MONOPHOSPHATE 'C9 H13 N2 O9 P'
#
# COMPACT_ATOMS: atom_id res chain seq x y z
N THR A 2 38.32 -2.87 -20.22
CA THR A 2 37.19 -2.08 -20.67
C THR A 2 37.36 -1.68 -22.13
N ASP A 3 38.58 -1.31 -22.50
CA ASP A 3 38.87 -0.90 -23.87
C ASP A 3 38.76 -2.09 -24.83
N ARG A 4 38.29 -1.81 -26.03
CA ARG A 4 38.12 -2.86 -27.03
C ARG A 4 39.48 -3.34 -27.52
N PRO A 5 39.71 -4.65 -27.61
CA PRO A 5 40.94 -5.14 -28.24
C PRO A 5 41.04 -4.68 -29.68
N ASP A 6 42.27 -4.40 -30.13
CA ASP A 6 42.48 -3.84 -31.45
C ASP A 6 42.20 -4.83 -32.57
N HIS A 7 42.16 -6.13 -32.27
CA HIS A 7 41.93 -7.15 -33.30
C HIS A 7 40.47 -7.50 -33.46
N ILE A 8 39.57 -6.86 -32.71
CA ILE A 8 38.14 -7.14 -32.76
C ILE A 8 37.44 -5.92 -33.33
N ASP A 9 36.54 -6.15 -34.30
CA ASP A 9 35.81 -5.05 -34.92
C ASP A 9 34.86 -4.41 -33.91
N SER A 10 34.61 -3.11 -34.12
CA SER A 10 33.78 -2.36 -33.17
C SER A 10 32.35 -2.86 -33.14
N ARG A 11 31.83 -3.34 -34.27
CA ARG A 11 30.46 -3.86 -34.31
C ARG A 11 30.32 -5.08 -33.39
N VAL A 12 31.29 -5.99 -33.43
CA VAL A 12 31.23 -7.17 -32.58
C VAL A 12 31.31 -6.79 -31.11
N TRP A 13 32.16 -5.81 -30.78
CA TRP A 13 32.28 -5.36 -29.41
C TRP A 13 30.98 -4.73 -28.92
N GLU A 14 30.36 -3.89 -29.74
CA GLU A 14 29.10 -3.27 -29.36
C GLU A 14 27.99 -4.30 -29.19
N LEU A 15 27.97 -5.30 -30.06
CA LEU A 15 26.99 -6.38 -29.91
C LEU A 15 27.25 -7.18 -28.63
N SER A 16 28.53 -7.38 -28.29
CA SER A 16 28.88 -8.14 -27.09
C SER A 16 28.53 -7.38 -25.82
N GLU A 17 28.56 -6.04 -25.87
CA GLU A 17 28.32 -5.19 -24.70
C GLU A 17 27.13 -5.64 -23.85
N THR A 18 26.09 -6.17 -24.49
CA THR A 18 24.85 -6.53 -23.80
C THR A 18 24.55 -8.02 -23.80
N GLN A 19 25.18 -8.79 -24.69
CA GLN A 19 24.80 -10.20 -24.86
C GLN A 19 24.88 -10.98 -23.56
N GLU A 20 25.82 -10.66 -22.68
CA GLU A 20 25.88 -11.32 -21.38
C GLU A 20 26.45 -10.34 -20.37
N ASP A 21 26.16 -10.59 -19.10
CA ASP A 21 26.58 -9.71 -18.02
C ASP A 21 28.00 -10.11 -17.62
N TRP A 22 28.99 -9.34 -18.11
CA TRP A 22 30.39 -9.68 -17.91
C TRP A 22 30.97 -9.12 -16.62
N ILE A 23 30.43 -8.02 -16.11
CA ILE A 23 31.05 -7.34 -14.98
C ILE A 23 30.94 -8.16 -13.70
N THR A 24 29.87 -8.93 -13.55
CA THR A 24 29.65 -9.73 -12.35
C THR A 24 30.03 -11.18 -12.55
N GLN A 25 31.07 -11.44 -13.35
CA GLN A 25 31.57 -12.79 -13.57
C GLN A 25 33.06 -12.82 -13.26
N VAL A 26 33.53 -14.01 -12.85
CA VAL A 26 34.94 -14.18 -12.53
C VAL A 26 35.77 -13.99 -13.79
N HIS A 27 36.82 -13.17 -13.68
CA HIS A 27 37.70 -12.83 -14.79
C HIS A 27 36.91 -12.21 -15.94
N GLY A 28 36.33 -11.04 -15.66
CA GLY A 28 35.63 -10.29 -16.67
C GLY A 28 36.58 -9.70 -17.70
N HIS A 29 35.99 -9.20 -18.79
CA HIS A 29 36.72 -8.70 -19.95
C HIS A 29 37.60 -9.77 -20.59
N VAL A 30 37.34 -11.03 -20.28
CA VAL A 30 38.02 -12.16 -20.91
C VAL A 30 37.01 -13.13 -21.54
N ARG A 31 35.94 -13.46 -20.81
CA ARG A 31 34.86 -14.24 -21.40
C ARG A 31 34.24 -13.49 -22.56
N ARG A 32 34.09 -12.17 -22.43
CA ARG A 32 33.58 -11.35 -23.52
C ARG A 32 34.48 -11.45 -24.74
N VAL A 33 35.80 -11.41 -24.55
CA VAL A 33 36.73 -11.49 -25.68
C VAL A 33 36.67 -12.87 -26.31
N VAL A 34 36.53 -13.93 -25.50
CA VAL A 34 36.42 -15.28 -26.05
C VAL A 34 35.14 -15.41 -26.88
N GLU A 35 34.03 -14.87 -26.38
CA GLU A 35 32.79 -14.93 -27.14
C GLU A 35 32.87 -14.10 -28.41
N CYS A 36 33.58 -12.97 -28.36
CA CYS A 36 33.83 -12.19 -29.57
C CYS A 36 34.66 -12.98 -30.57
N TRP A 37 35.64 -13.75 -30.07
CA TRP A 37 36.41 -14.62 -30.95
C TRP A 37 35.52 -15.65 -31.64
N LYS A 38 34.62 -16.27 -30.87
CA LYS A 38 33.72 -17.25 -31.45
C LYS A 38 32.79 -16.61 -32.48
N TYR A 39 32.28 -15.41 -32.19
CA TYR A 39 31.41 -14.73 -33.14
C TYR A 39 32.17 -14.35 -34.40
N THR A 40 33.42 -13.90 -34.27
CA THR A 40 34.22 -13.58 -35.44
C THR A 40 34.50 -14.83 -36.28
N ILE A 41 34.76 -15.96 -35.62
CA ILE A 41 34.92 -17.22 -36.34
C ILE A 41 33.64 -17.55 -37.12
N CYS A 42 32.49 -17.39 -36.48
CA CYS A 42 31.22 -17.65 -37.15
C CYS A 42 31.04 -16.74 -38.35
N CYS A 43 31.38 -15.46 -38.20
CA CYS A 43 31.25 -14.50 -39.30
C CYS A 43 32.16 -14.88 -40.47
N LEU A 44 33.41 -15.26 -40.17
CA LEU A 44 34.33 -15.63 -41.25
C LEU A 44 33.88 -16.90 -41.96
N ILE A 45 33.37 -17.88 -41.22
CA ILE A 45 32.87 -19.09 -41.87
C ILE A 45 31.63 -18.78 -42.70
N SER A 46 30.78 -17.86 -42.22
CA SER A 46 29.56 -17.48 -42.92
C SER A 46 29.73 -16.23 -43.78
N ASN A 47 30.95 -15.96 -44.26
CA ASN A 47 31.23 -14.73 -44.99
C ASN A 47 31.00 -14.95 -46.48
N MET A 48 30.01 -14.26 -47.04
CA MET A 48 29.73 -14.19 -48.48
C MET A 48 29.83 -15.56 -49.16
N HIS A 49 29.22 -16.56 -48.54
CA HIS A 49 29.08 -17.89 -49.12
C HIS A 49 27.62 -18.16 -49.43
N THR A 50 27.34 -18.53 -50.68
CA THR A 50 25.99 -18.71 -51.17
C THR A 50 25.79 -20.13 -51.66
N HIS A 51 24.64 -20.71 -51.35
CA HIS A 51 24.29 -22.06 -51.79
C HIS A 51 22.81 -22.10 -52.17
N ARG A 52 22.53 -22.60 -53.37
CA ARG A 52 21.17 -22.64 -53.92
C ARG A 52 20.53 -21.25 -53.92
N GLY A 53 21.31 -20.24 -54.23
CA GLY A 53 20.81 -18.88 -54.24
C GLY A 53 20.57 -18.27 -52.88
N ALA A 54 20.99 -18.95 -51.82
CA ALA A 54 20.82 -18.50 -50.45
C ALA A 54 22.14 -18.62 -49.72
N PRO A 55 22.36 -17.82 -48.66
CA PRO A 55 23.62 -17.92 -47.92
C PRO A 55 23.81 -19.33 -47.36
N GLN A 56 25.04 -19.85 -47.52
CA GLN A 56 25.32 -21.22 -47.12
C GLN A 56 25.25 -21.39 -45.62
N TYR A 57 25.78 -20.43 -44.85
CA TYR A 57 25.80 -20.50 -43.41
C TYR A 57 25.05 -19.31 -42.82
N ASP A 58 24.09 -19.60 -41.96
CA ASP A 58 23.40 -18.57 -41.17
C ASP A 58 23.71 -18.82 -39.70
N VAL A 59 24.16 -17.77 -39.01
CA VAL A 59 24.63 -17.90 -37.63
C VAL A 59 23.44 -17.74 -36.69
N PHE A 60 23.23 -18.74 -35.84
CA PHE A 60 22.21 -18.70 -34.79
C PHE A 60 22.82 -18.25 -33.47
N LYS A 61 23.52 -17.13 -33.46
CA LYS A 61 24.25 -16.68 -32.29
C LYS A 61 24.25 -15.16 -32.22
N TRP A 62 24.03 -14.63 -31.01
CA TRP A 62 24.22 -13.21 -30.73
C TRP A 62 23.24 -12.34 -31.50
N GLN A 63 22.07 -12.89 -31.83
CA GLN A 63 21.01 -12.17 -32.51
C GLN A 63 19.69 -12.51 -31.84
N ASP A 64 18.67 -11.71 -32.15
CA ASP A 64 17.38 -11.82 -31.48
C ASP A 64 16.79 -13.22 -31.68
N ARG A 65 16.30 -13.80 -30.57
CA ARG A 65 15.94 -15.22 -30.55
C ARG A 65 14.83 -15.53 -31.54
N SER A 66 13.81 -14.66 -31.62
CA SER A 66 12.67 -14.92 -32.50
C SER A 66 13.11 -15.15 -33.94
N THR A 67 14.20 -14.51 -34.36
CA THR A 67 14.75 -14.81 -35.67
C THR A 67 15.23 -16.25 -35.76
N ILE A 68 15.87 -16.75 -34.69
CA ILE A 68 16.31 -18.15 -34.70
C ILE A 68 15.10 -19.08 -34.79
N GLU A 69 14.04 -18.82 -34.01
CA GLU A 69 12.88 -19.69 -34.13
C GLU A 69 12.23 -19.60 -35.50
N TRP A 70 12.22 -18.41 -36.12
CA TRP A 70 11.65 -18.29 -37.46
C TRP A 70 12.45 -19.10 -38.48
N ILE A 71 13.78 -18.96 -38.45
CA ILE A 71 14.61 -19.66 -39.43
C ILE A 71 14.55 -21.17 -39.20
N CYS A 72 14.55 -21.60 -37.93
CA CYS A 72 14.48 -23.02 -37.63
C CYS A 72 13.12 -23.61 -38.00
N SER A 73 12.05 -22.82 -37.85
CA SER A 73 10.72 -23.30 -38.23
C SER A 73 10.63 -23.58 -39.72
N LYS A 74 11.22 -22.71 -40.54
CA LYS A 74 11.28 -22.95 -41.97
C LYS A 74 12.14 -24.16 -42.31
N LYS A 75 13.05 -24.54 -41.41
CA LYS A 75 13.97 -25.65 -41.65
C LYS A 75 13.54 -26.93 -40.94
N LYS A 76 12.35 -26.93 -40.33
CA LYS A 76 11.80 -28.12 -39.65
C LYS A 76 12.75 -28.63 -38.58
N VAL A 77 13.25 -27.70 -37.76
CA VAL A 77 14.15 -28.03 -36.66
C VAL A 77 13.87 -27.04 -35.53
N GLN A 78 14.19 -27.46 -34.30
CA GLN A 78 14.03 -26.59 -33.14
C GLN A 78 15.14 -26.89 -32.14
N TYR A 79 15.67 -25.83 -31.53
CA TYR A 79 16.75 -25.95 -30.57
C TYR A 79 16.35 -25.21 -29.28
N PRO A 80 16.57 -25.80 -28.11
CA PRO A 80 16.33 -25.07 -26.86
C PRO A 80 17.40 -24.01 -26.58
N GLU A 81 17.30 -23.33 -25.45
CA GLU A 81 18.08 -22.10 -25.25
C GLU A 81 19.57 -22.37 -25.18
N ARG A 82 19.99 -23.32 -24.34
CA ARG A 82 21.39 -23.36 -23.93
C ARG A 82 22.29 -24.18 -24.85
N ASP A 83 21.78 -25.21 -25.50
CA ASP A 83 22.59 -25.87 -26.53
C ASP A 83 22.28 -25.33 -27.93
N THR A 84 22.30 -24.01 -28.07
CA THR A 84 21.97 -23.39 -29.35
C THR A 84 23.18 -23.42 -30.27
N PRO A 85 23.07 -24.00 -31.47
CA PRO A 85 24.20 -23.98 -32.40
C PRO A 85 24.59 -22.56 -32.77
N ASP A 86 25.90 -22.34 -32.92
CA ASP A 86 26.37 -21.02 -33.31
C ASP A 86 26.04 -20.70 -34.76
N LEU A 87 26.09 -21.72 -35.62
CA LEU A 87 25.80 -21.52 -37.04
C LEU A 87 25.19 -22.80 -37.60
N TYR A 88 24.49 -22.64 -38.73
CA TYR A 88 23.85 -23.75 -39.41
C TYR A 88 24.20 -23.71 -40.89
N ASP A 89 24.49 -24.87 -41.46
CA ASP A 89 24.89 -24.98 -42.86
C ASP A 89 23.70 -25.50 -43.66
N ASN A 90 23.29 -24.75 -44.67
CA ASN A 90 22.16 -25.16 -45.51
C ASN A 90 22.55 -26.22 -46.52
N GLU A 91 23.79 -26.22 -46.99
CA GLU A 91 24.20 -27.17 -48.03
C GLU A 91 24.14 -28.60 -47.51
N ARG A 92 24.60 -28.82 -46.28
CA ARG A 92 24.65 -30.16 -45.70
C ARG A 92 23.54 -30.38 -44.67
N ALA A 93 22.76 -29.35 -44.35
CA ALA A 93 21.67 -29.44 -43.39
C ALA A 93 22.15 -29.95 -42.03
N VAL A 94 23.26 -29.36 -41.56
CA VAL A 94 23.84 -29.68 -40.26
C VAL A 94 24.15 -28.40 -39.52
N ALA A 95 24.24 -28.51 -38.20
CA ALA A 95 24.47 -27.38 -37.32
C ALA A 95 25.81 -27.52 -36.61
N TYR A 96 26.45 -26.39 -36.32
CA TYR A 96 27.76 -26.39 -35.71
C TYR A 96 27.82 -25.34 -34.60
N LYS A 97 28.71 -25.57 -33.64
CA LYS A 97 29.00 -24.62 -32.58
C LYS A 97 30.50 -24.41 -32.50
N VAL A 98 30.94 -23.15 -32.52
CA VAL A 98 32.35 -22.85 -32.36
C VAL A 98 32.73 -23.05 -30.90
N LEU A 99 33.63 -23.98 -30.65
CA LEU A 99 33.99 -24.38 -29.29
C LEU A 99 35.51 -24.51 -29.22
N LEU A 100 36.17 -23.47 -28.70
CA LEU A 100 37.62 -23.48 -28.61
C LEU A 100 38.08 -24.42 -27.50
N VAL A 101 39.21 -25.09 -27.74
CA VAL A 101 39.83 -25.98 -26.77
C VAL A 101 41.33 -25.76 -26.80
N SER A 102 41.95 -25.70 -25.62
CA SER A 102 43.40 -25.56 -25.55
C SER A 102 44.09 -26.80 -26.09
N ASP A 103 43.58 -27.98 -25.76
CA ASP A 103 44.14 -29.24 -26.22
C ASP A 103 43.28 -29.79 -27.36
N LEU A 104 43.94 -30.40 -28.34
CA LEU A 104 43.28 -30.96 -29.51
C LEU A 104 43.10 -32.47 -29.43
N SER A 105 43.77 -33.15 -28.49
CA SER A 105 43.65 -34.60 -28.39
C SER A 105 42.27 -35.03 -27.93
N ASP A 106 41.62 -34.22 -27.09
CA ASP A 106 40.29 -34.55 -26.56
C ASP A 106 39.24 -34.12 -27.57
N HIS A 107 38.89 -35.03 -28.48
CA HIS A 107 37.84 -34.74 -29.46
C HIS A 107 36.51 -34.48 -28.76
N SER A 108 36.12 -35.35 -27.83
CA SER A 108 35.00 -35.16 -26.90
C SER A 108 33.74 -34.65 -27.58
N PRO A 109 33.02 -35.50 -28.33
CA PRO A 109 31.74 -35.05 -28.90
C PRO A 109 30.78 -34.58 -27.83
N THR A 110 30.45 -33.27 -27.85
CA THR A 110 29.66 -32.70 -26.77
C THR A 110 28.23 -33.22 -26.77
N SER A 111 27.58 -33.22 -27.94
CA SER A 111 26.21 -33.65 -28.03
C SER A 111 25.91 -34.11 -29.45
N GLY A 112 24.88 -34.95 -29.58
CA GLY A 112 24.44 -35.42 -30.89
C GLY A 112 23.48 -34.50 -31.60
N ILE A 113 22.98 -33.46 -30.93
CA ILE A 113 22.08 -32.51 -31.58
C ILE A 113 22.82 -31.73 -32.64
N TYR A 114 24.04 -31.29 -32.34
CA TYR A 114 24.85 -30.51 -33.27
C TYR A 114 26.30 -30.94 -33.16
N HIS A 115 27.02 -30.82 -34.27
CA HIS A 115 28.45 -31.08 -34.27
C HIS A 115 29.20 -29.84 -33.79
N ASP A 116 30.49 -30.04 -33.48
CA ASP A 116 31.32 -28.98 -32.94
C ASP A 116 32.43 -28.61 -33.91
N LEU A 117 32.89 -27.37 -33.81
CA LEU A 117 33.99 -26.83 -34.61
C LEU A 117 35.09 -26.43 -33.63
N ALA A 118 36.00 -27.35 -33.34
CA ALA A 118 37.03 -27.14 -32.34
C ALA A 118 38.26 -26.54 -33.00
N PHE A 119 38.57 -25.29 -32.67
CA PHE A 119 39.79 -24.63 -33.10
C PHE A 119 40.58 -24.21 -31.87
N ASN A 120 41.85 -24.61 -31.82
CA ASN A 120 42.67 -24.27 -30.67
C ASN A 120 43.11 -22.81 -30.73
N LEU A 121 43.69 -22.34 -29.62
CA LEU A 121 44.10 -20.94 -29.53
C LEU A 121 45.20 -20.61 -30.54
N GLU A 122 46.15 -21.51 -30.72
CA GLU A 122 47.27 -21.24 -31.63
C GLU A 122 46.88 -21.33 -33.10
N GLY A 123 45.78 -22.00 -33.44
CA GLY A 123 45.26 -21.92 -34.80
C GLY A 123 44.83 -23.20 -35.46
N GLU A 124 45.49 -24.32 -35.17
CA GLU A 124 45.16 -25.57 -35.85
C GLU A 124 43.75 -26.04 -35.49
N ALA A 125 43.07 -26.62 -36.46
CA ALA A 125 41.70 -27.09 -36.32
C ALA A 125 41.65 -28.60 -36.13
N GLU A 126 40.55 -29.06 -35.56
CA GLU A 126 40.34 -30.49 -35.37
C GLU A 126 40.16 -31.16 -36.73
N GLU A 127 40.48 -32.46 -36.78
CA GLU A 127 40.47 -33.18 -38.05
C GLU A 127 39.08 -33.18 -38.68
N SER A 128 38.04 -33.40 -37.88
CA SER A 128 36.68 -33.40 -38.43
C SER A 128 36.29 -32.03 -38.95
N CYS A 129 36.52 -30.99 -38.14
CA CYS A 129 36.15 -29.64 -38.56
C CYS A 129 37.05 -29.12 -39.68
N ALA A 130 38.28 -29.63 -39.79
CA ALA A 130 39.12 -29.26 -40.92
C ALA A 130 38.66 -29.93 -42.20
N LEU A 131 38.30 -31.22 -42.12
CA LEU A 131 37.85 -31.94 -43.31
C LEU A 131 36.44 -31.57 -43.73
N VAL A 132 35.66 -30.94 -42.85
CA VAL A 132 34.29 -30.54 -43.21
C VAL A 132 34.23 -29.11 -43.72
N LEU A 133 35.28 -28.31 -43.54
CA LEU A 133 35.31 -26.92 -43.97
C LEU A 133 36.35 -26.74 -45.07
N ARG A 134 36.19 -25.67 -45.83
CA ARG A 134 37.08 -25.38 -46.95
C ARG A 134 38.40 -24.80 -46.43
N GLY A 135 39.38 -24.73 -47.35
CA GLY A 135 40.71 -24.28 -46.96
C GLY A 135 40.77 -22.84 -46.53
N SER A 136 40.08 -21.95 -47.24
CA SER A 136 40.14 -20.53 -46.92
C SER A 136 39.59 -20.24 -45.54
N GLN A 137 38.52 -20.95 -45.15
CA GLN A 137 37.97 -20.80 -43.81
C GLN A 137 39.00 -21.20 -42.76
N LEU A 138 39.67 -22.34 -42.98
CA LEU A 138 40.69 -22.76 -42.03
C LEU A 138 41.80 -21.72 -41.94
N GLN A 139 42.23 -21.18 -43.08
CA GLN A 139 43.34 -20.23 -43.09
C GLN A 139 42.99 -18.94 -42.37
N ASP A 140 41.81 -18.37 -42.64
CA ASP A 140 41.53 -17.08 -42.02
C ASP A 140 41.11 -17.23 -40.55
N ILE A 141 40.50 -18.36 -40.18
CA ILE A 141 40.31 -18.62 -38.75
C ILE A 141 41.66 -18.77 -38.06
N LYS A 142 42.62 -19.45 -38.70
CA LYS A 142 43.96 -19.54 -38.13
C LYS A 142 44.59 -18.17 -37.96
N GLY A 143 44.44 -17.30 -38.96
CA GLY A 143 44.97 -15.95 -38.84
C GLY A 143 44.35 -15.18 -37.69
N PHE A 144 43.02 -15.25 -37.56
CA PHE A 144 42.37 -14.54 -36.47
C PHE A 144 42.81 -15.07 -35.11
N LEU A 145 42.90 -16.40 -34.97
CA LEU A 145 43.33 -16.98 -33.69
C LEU A 145 44.78 -16.65 -33.37
N CYS A 146 45.68 -16.65 -34.36
CA CYS A 146 47.07 -16.31 -34.04
C CYS A 146 47.20 -14.85 -33.67
N ARG A 147 46.42 -13.97 -34.34
CA ARG A 147 46.41 -12.57 -33.95
C ARG A 147 45.91 -12.40 -32.51
N ALA A 148 44.83 -13.10 -32.16
CA ALA A 148 44.40 -13.12 -30.77
C ALA A 148 45.47 -13.68 -29.86
N LEU A 149 46.32 -14.57 -30.37
CA LEU A 149 47.39 -15.14 -29.57
C LEU A 149 48.43 -14.07 -29.20
N GLU A 150 48.87 -13.26 -30.18
CA GLU A 150 49.81 -12.22 -29.72
C GLU A 150 49.09 -11.15 -28.90
N TRP A 151 47.78 -10.96 -29.10
CA TRP A 151 47.07 -10.06 -28.21
C TRP A 151 47.09 -10.57 -26.77
N VAL A 152 46.91 -11.88 -26.59
CA VAL A 152 46.96 -12.46 -25.25
C VAL A 152 48.35 -12.34 -24.67
N VAL A 153 49.38 -12.73 -25.43
CA VAL A 153 50.73 -12.75 -24.87
C VAL A 153 51.28 -11.34 -24.68
N SER A 154 50.70 -10.34 -25.36
CA SER A 154 51.15 -8.96 -25.15
C SER A 154 50.79 -8.46 -23.76
N ASN A 155 49.63 -8.87 -23.23
CA ASN A 155 49.19 -8.47 -21.90
C ASN A 155 48.98 -9.67 -20.98
N ASN A 156 49.69 -10.76 -21.24
CA ASN A 156 49.72 -12.01 -20.45
C ASN A 156 48.36 -12.37 -19.85
N LEU A 157 47.38 -12.53 -20.75
CA LEU A 157 46.06 -13.01 -20.39
C LEU A 157 45.99 -14.54 -20.36
N THR A 158 47.14 -15.23 -20.30
CA THR A 158 47.19 -16.65 -20.65
C THR A 158 46.33 -17.50 -19.73
N GLN A 159 46.66 -17.54 -18.44
CA GLN A 159 46.06 -18.52 -17.54
C GLN A 159 44.56 -18.32 -17.38
N GLU A 160 44.12 -17.06 -17.26
CA GLU A 160 42.68 -16.82 -17.10
C GLU A 160 41.92 -17.07 -18.39
N VAL A 161 42.53 -16.85 -19.56
CA VAL A 161 41.90 -17.30 -20.79
C VAL A 161 41.76 -18.82 -20.82
N VAL A 162 42.80 -19.52 -20.35
CA VAL A 162 42.76 -20.98 -20.33
C VAL A 162 41.62 -21.47 -19.43
N GLU A 163 41.50 -20.87 -18.24
CA GLU A 163 40.42 -21.31 -17.34
C GLU A 163 39.06 -20.86 -17.83
N THR A 164 38.99 -19.75 -18.58
CA THR A 164 37.76 -19.39 -19.26
C THR A 164 37.33 -20.46 -20.26
N ILE A 165 38.30 -20.97 -21.04
CA ILE A 165 38.00 -22.05 -21.97
C ILE A 165 37.61 -23.31 -21.23
N SER A 166 38.21 -23.54 -20.05
CA SER A 166 38.02 -24.82 -19.35
C SER A 166 36.57 -25.03 -18.94
N GLY A 167 35.94 -24.02 -18.35
CA GLY A 167 34.64 -24.23 -17.74
C GLY A 167 33.71 -23.03 -17.85
N GLU A 168 32.56 -23.16 -17.21
CA GLU A 168 31.49 -22.18 -17.25
C GLU A 168 31.80 -21.00 -16.32
N ALA A 169 31.16 -19.87 -16.60
CA ALA A 169 31.38 -18.66 -15.83
C ALA A 169 30.92 -18.82 -14.38
N LYS A 170 31.57 -18.08 -13.49
CA LYS A 170 31.23 -18.03 -12.09
C LYS A 170 30.94 -16.59 -11.69
N LEU A 171 29.91 -16.41 -10.86
CA LEU A 171 29.49 -15.07 -10.46
C LEU A 171 30.32 -14.58 -9.28
N GLN A 172 30.70 -13.31 -9.33
CA GLN A 172 31.44 -12.68 -8.25
C GLN A 172 30.93 -11.28 -8.02
N PHE A 173 31.14 -10.78 -6.81
CA PHE A 173 30.89 -9.39 -6.46
C PHE A 173 32.17 -8.80 -5.90
N SER A 174 32.54 -7.62 -6.39
CA SER A 174 33.83 -7.01 -6.07
C SER A 174 33.61 -5.69 -5.36
N VAL A 175 34.24 -5.52 -4.20
CA VAL A 175 34.27 -4.24 -3.50
C VAL A 175 35.68 -3.69 -3.58
N GLY A 176 35.81 -2.46 -4.08
CA GLY A 176 37.11 -1.87 -4.28
C GLY A 176 37.75 -1.43 -2.98
N THR A 177 39.02 -1.01 -3.11
CA THR A 177 39.79 -0.58 -1.95
C THR A 177 39.42 0.82 -1.49
N THR A 178 39.00 1.70 -2.40
CA THR A 178 38.60 3.05 -2.01
C THR A 178 37.24 3.05 -1.33
N PHE A 179 36.29 2.28 -1.86
CA PHE A 179 34.98 2.16 -1.22
C PHE A 179 35.08 1.48 0.13
N ARG A 180 36.04 0.57 0.29
CA ARG A 180 36.19 -0.13 1.57
C ARG A 180 36.59 0.81 2.68
N THR A 181 37.47 1.77 2.40
CA THR A 181 37.85 2.76 3.41
C THR A 181 36.68 3.66 3.76
N LEU A 182 35.88 4.05 2.76
CA LEU A 182 34.68 4.84 3.04
C LEU A 182 33.70 4.07 3.90
N LEU A 183 33.57 2.77 3.66
CA LEU A 183 32.58 1.96 4.36
C LEU A 183 32.93 1.80 5.84
N LYS A 184 34.22 1.87 6.19
CA LYS A 184 34.67 1.57 7.54
C LYS A 184 34.93 2.81 8.38
N ARG A 185 34.51 3.99 7.92
CA ARG A 185 34.77 5.21 8.68
C ARG A 185 34.00 5.23 10.00
N ASP A 186 32.77 4.74 10.01
CA ASP A 186 31.89 4.86 11.17
C ASP A 186 31.60 3.49 11.80
N THR A 187 32.59 2.61 11.81
CA THR A 187 32.44 1.33 12.48
C THR A 187 33.81 0.84 12.92
N ASP A 188 33.80 -0.03 13.94
CA ASP A 188 35.03 -0.58 14.49
C ASP A 188 35.45 -1.88 13.84
N TRP A 189 34.56 -2.54 13.12
CA TRP A 189 34.85 -3.80 12.47
C TRP A 189 35.15 -3.58 10.99
N ASP A 190 35.59 -4.65 10.32
CA ASP A 190 35.90 -4.61 8.90
C ASP A 190 34.61 -4.76 8.11
N VAL A 191 34.73 -4.94 6.79
CA VAL A 191 33.55 -5.18 5.97
C VAL A 191 32.89 -6.49 6.38
N ILE A 192 33.68 -7.53 6.58
CA ILE A 192 33.19 -8.78 7.16
C ILE A 192 33.59 -8.77 8.64
N PRO A 193 32.65 -8.62 9.56
CA PRO A 193 33.02 -8.53 10.97
C PRO A 193 33.46 -9.88 11.52
N THR A 194 34.65 -9.89 12.14
CA THR A 194 35.21 -11.09 12.76
C THR A 194 35.71 -10.76 14.16
N PRO A 195 34.81 -10.46 15.09
CA PRO A 195 35.24 -10.16 16.46
C PRO A 195 35.86 -11.37 17.12
N ARG A 196 36.81 -11.11 18.01
CA ARG A 196 37.59 -12.18 18.64
C ARG A 196 36.96 -12.68 19.94
N VAL A 197 35.78 -12.18 20.30
CA VAL A 197 35.15 -12.58 21.55
C VAL A 197 34.69 -14.03 21.47
N GLU A 198 34.62 -14.68 22.62
CA GLU A 198 34.16 -16.06 22.70
C GLU A 198 32.65 -16.09 22.89
N PRO A 199 31.89 -16.76 22.02
CA PRO A 199 30.43 -16.78 22.15
C PRO A 199 29.95 -17.28 23.51
N ASN A 200 29.18 -16.45 24.21
CA ASN A 200 28.57 -16.85 25.47
C ASN A 200 27.37 -15.95 25.75
N VAL A 201 26.52 -16.39 26.67
CA VAL A 201 25.35 -15.65 27.09
C VAL A 201 25.56 -15.25 28.56
N PRO A 202 25.87 -13.98 28.85
CA PRO A 202 26.06 -13.57 30.23
C PRO A 202 24.78 -13.69 31.04
N ARG A 203 24.95 -13.93 32.34
CA ARG A 203 23.82 -14.06 33.27
C ARG A 203 23.61 -12.71 33.94
N ILE A 204 22.76 -11.88 33.34
CA ILE A 204 22.44 -10.56 33.88
C ILE A 204 21.44 -10.71 35.01
N GLU A 205 21.64 -9.95 36.08
CA GLU A 205 20.72 -9.94 37.21
C GLU A 205 19.58 -8.98 36.90
N GLY A 206 18.34 -9.49 36.94
CA GLY A 206 17.17 -8.71 36.62
C GLY A 206 16.32 -8.40 37.82
N ARG A 207 15.15 -7.84 37.54
CA ARG A 207 14.19 -7.46 38.56
C ARG A 207 13.06 -8.49 38.65
N ARG A 208 12.07 -8.20 39.47
CA ARG A 208 10.94 -9.10 39.67
C ARG A 208 9.70 -8.59 38.94
N TRP A 209 8.74 -9.49 38.77
CA TRP A 209 7.47 -9.18 38.12
C TRP A 209 6.40 -8.99 39.20
N THR A 210 5.76 -7.82 39.19
CA THR A 210 4.77 -7.46 40.20
C THR A 210 3.37 -7.63 39.65
N GLN A 211 2.49 -8.19 40.47
CA GLN A 211 1.11 -8.44 40.07
C GLN A 211 0.28 -7.16 40.14
N MET A 212 -0.58 -6.98 39.13
CA MET A 212 -1.59 -5.92 39.16
C MET A 212 -2.73 -6.39 40.05
N LYS A 213 -2.61 -6.13 41.35
CA LYS A 213 -3.65 -6.56 42.29
C LYS A 213 -4.90 -5.69 42.17
N LYS A 214 -4.75 -4.43 41.78
CA LYS A 214 -5.88 -3.53 41.60
C LYS A 214 -5.76 -2.83 40.25
N LEU A 215 -6.90 -2.62 39.60
CA LEU A 215 -6.88 -1.92 38.33
C LEU A 215 -6.46 -0.46 38.53
N PRO A 216 -5.70 0.10 37.60
CA PRO A 216 -5.26 1.50 37.76
C PRO A 216 -6.43 2.46 37.72
N LEU A 217 -6.26 3.58 38.41
CA LEU A 217 -7.27 4.65 38.46
C LEU A 217 -6.76 5.82 37.63
N LEU A 218 -7.52 6.21 36.62
CA LEU A 218 -7.10 7.29 35.74
C LEU A 218 -7.26 8.64 36.42
N LYS A 219 -6.33 9.54 36.13
CA LYS A 219 -6.29 10.83 36.80
C LYS A 219 -7.30 11.78 36.15
N GLU A 220 -8.30 12.18 36.93
CA GLU A 220 -9.26 13.18 36.48
C GLU A 220 -8.63 14.56 36.59
N LYS A 221 -8.58 15.28 35.48
CA LYS A 221 -7.92 16.58 35.45
C LYS A 221 -8.82 17.66 36.03
N GLU A 222 -8.21 18.79 36.34
CA GLU A 222 -8.91 19.92 36.94
C GLU A 222 -8.68 21.18 36.09
N GLY A 223 -9.68 22.06 36.10
CA GLY A 223 -9.63 23.28 35.35
C GLY A 223 -11.00 23.71 34.86
N PRO A 224 -11.04 24.72 34.01
CA PRO A 224 -12.33 25.16 33.44
C PRO A 224 -12.96 24.04 32.64
N PRO A 225 -14.29 23.93 32.68
CA PRO A 225 -14.95 22.88 31.89
C PRO A 225 -14.74 23.10 30.39
N SER A 226 -14.59 22.00 29.67
CA SER A 226 -14.33 22.07 28.24
C SER A 226 -15.57 22.59 27.51
N PRO A 227 -15.42 23.56 26.61
CA PRO A 227 -16.57 23.96 25.79
C PRO A 227 -16.95 22.88 24.79
N TRP A 228 -17.94 23.15 23.94
CA TRP A 228 -18.29 22.24 22.86
C TRP A 228 -17.52 22.69 21.62
N ARG A 229 -16.47 21.94 21.27
CA ARG A 229 -15.55 22.34 20.21
C ARG A 229 -15.78 21.61 18.90
N ALA A 230 -16.84 20.81 18.80
CA ALA A 230 -17.12 20.13 17.54
C ALA A 230 -17.61 21.13 16.50
N LEU A 231 -17.60 20.68 15.23
CA LEU A 231 -17.95 21.58 14.13
C LEU A 231 -19.41 22.03 14.20
N LEU A 232 -20.32 21.12 14.55
CA LEU A 232 -21.74 21.42 14.60
C LEU A 232 -22.26 21.21 16.02
N LEU A 233 -23.53 21.59 16.23
CA LEU A 233 -24.10 21.58 17.58
C LEU A 233 -24.28 20.18 18.12
N GLY A 234 -24.62 19.22 17.26
CA GLY A 234 -24.83 17.87 17.72
C GLY A 234 -26.21 17.63 18.29
N ALA A 235 -26.29 17.24 19.57
CA ALA A 235 -27.57 16.89 20.17
C ALA A 235 -28.49 18.10 20.30
N ASP A 236 -27.93 19.30 20.45
CA ASP A 236 -28.73 20.51 20.57
C ASP A 236 -29.14 21.09 19.22
N SER A 237 -29.12 20.29 18.16
CA SER A 237 -29.49 20.74 16.83
C SER A 237 -30.99 20.56 16.61
N GLU A 238 -31.57 21.46 15.84
CA GLU A 238 -32.97 21.40 15.48
C GLU A 238 -33.14 21.79 14.02
N TYR A 239 -34.30 21.50 13.46
CA TYR A 239 -34.60 21.81 12.07
C TYR A 239 -35.90 22.60 11.99
N ILE A 240 -36.04 23.35 10.90
CA ILE A 240 -37.23 24.14 10.62
C ILE A 240 -37.95 23.51 9.44
N VAL A 241 -39.23 23.15 9.65
CA VAL A 241 -40.02 22.55 8.58
C VAL A 241 -40.35 23.60 7.54
N CYS A 242 -40.16 23.26 6.27
CA CYS A 242 -40.35 24.16 5.15
C CYS A 242 -41.27 23.50 4.12
N PRO A 243 -41.96 24.30 3.31
CA PRO A 243 -42.83 23.72 2.29
C PRO A 243 -42.01 22.96 1.27
N PRO A 244 -42.60 21.93 0.64
CA PRO A 244 -41.84 21.12 -0.31
C PRO A 244 -41.29 21.94 -1.46
N GLY A 245 -40.11 21.57 -1.93
CA GLY A 245 -39.49 22.25 -3.04
C GLY A 245 -37.98 22.08 -3.00
N THR A 246 -37.32 22.81 -3.89
CA THR A 246 -35.87 22.79 -3.94
C THR A 246 -35.28 23.55 -2.75
N ASP A 247 -33.95 23.47 -2.63
CA ASP A 247 -33.26 24.19 -1.56
C ASP A 247 -33.46 25.70 -1.69
N GLN A 248 -33.41 26.21 -2.92
CA GLN A 248 -33.58 27.64 -3.15
C GLN A 248 -34.97 28.10 -2.72
N GLU A 249 -35.99 27.28 -2.97
CA GLU A 249 -37.34 27.64 -2.55
C GLU A 249 -37.44 27.74 -1.03
N ALA A 250 -36.85 26.77 -0.32
CA ALA A 250 -36.89 26.81 1.14
C ALA A 250 -36.11 28.00 1.68
N ILE A 251 -34.96 28.31 1.10
CA ILE A 251 -34.19 29.46 1.54
C ILE A 251 -34.96 30.75 1.28
N SER A 252 -35.64 30.84 0.13
CA SER A 252 -36.45 32.02 -0.15
C SER A 252 -37.58 32.16 0.86
N TRP A 253 -38.26 31.06 1.17
CA TRP A 253 -39.33 31.10 2.17
C TRP A 253 -38.81 31.57 3.52
N ILE A 254 -37.69 31.01 3.97
CA ILE A 254 -37.14 31.36 5.27
C ILE A 254 -36.71 32.83 5.29
N HIS A 255 -36.02 33.28 4.24
CA HIS A 255 -35.55 34.65 4.20
C HIS A 255 -36.71 35.63 4.14
N SER A 256 -37.80 35.28 3.45
CA SER A 256 -38.95 36.16 3.39
C SER A 256 -39.68 36.22 4.73
N GLN A 257 -39.80 35.09 5.42
CA GLN A 257 -40.45 35.04 6.73
C GLN A 257 -39.39 34.77 7.79
N SER A 258 -38.76 35.84 8.27
CA SER A 258 -37.77 35.74 9.33
C SER A 258 -37.48 37.12 9.89
N GLU A 259 -37.23 37.15 11.20
CA GLU A 259 -36.73 38.32 11.89
C GLU A 259 -35.56 37.91 12.78
N ILE A 260 -34.49 38.70 12.76
CA ILE A 260 -33.24 38.37 13.42
C ILE A 260 -33.00 39.37 14.55
N GLU A 261 -32.71 38.85 15.75
CA GLU A 261 -32.33 39.68 16.88
C GLU A 261 -31.41 38.87 17.78
N CYS A 262 -30.26 39.45 18.11
CA CYS A 262 -29.29 38.76 18.93
C CYS A 262 -29.78 38.61 20.37
N ILE A 263 -29.44 37.48 20.98
CA ILE A 263 -29.85 37.20 22.36
C ILE A 263 -28.59 37.03 23.21
N ARG A 264 -27.50 36.58 22.59
CA ARG A 264 -26.24 36.41 23.29
C ARG A 264 -25.11 36.56 22.28
N GLU A 265 -24.30 37.60 22.45
CA GLU A 265 -23.19 37.87 21.54
C GLU A 265 -21.88 37.52 22.21
N SER A 266 -21.07 36.71 21.53
CA SER A 266 -19.79 36.27 22.04
C SER A 266 -18.67 37.11 21.42
N LYS A 267 -17.58 37.25 22.18
CA LYS A 267 -16.43 38.00 21.67
C LYS A 267 -15.76 37.26 20.51
N SER A 268 -15.76 35.92 20.54
CA SER A 268 -15.14 35.16 19.47
C SER A 268 -15.87 35.37 18.14
N THR A 269 -17.21 35.42 18.17
CA THR A 269 -18.01 35.64 16.97
C THR A 269 -18.80 36.93 17.13
N PRO A 270 -18.34 38.03 16.55
CA PRO A 270 -19.09 39.29 16.67
C PRO A 270 -20.48 39.17 16.09
N ALA A 271 -21.42 39.88 16.71
CA ALA A 271 -22.80 39.87 16.24
C ALA A 271 -22.99 40.61 14.92
N SER A 272 -21.97 41.32 14.45
CA SER A 272 -22.06 42.07 13.20
C SER A 272 -21.89 41.18 11.97
N VAL A 273 -21.55 39.89 12.13
CA VAL A 273 -21.40 39.00 11.00
C VAL A 273 -22.72 38.37 10.57
N ILE A 274 -23.83 38.70 11.24
CA ILE A 274 -25.14 38.23 10.80
C ILE A 274 -25.50 38.84 9.45
N THR A 275 -24.90 39.99 9.11
CA THR A 275 -25.14 40.58 7.81
C THR A 275 -24.66 39.67 6.69
N CYS A 276 -23.52 39.00 6.89
CA CYS A 276 -23.03 38.05 5.90
C CYS A 276 -24.01 36.90 5.71
N LEU A 277 -24.55 36.37 6.80
CA LEU A 277 -25.52 35.29 6.70
C LEU A 277 -26.78 35.72 5.96
N THR A 278 -27.30 36.91 6.29
CA THR A 278 -28.49 37.40 5.61
C THR A 278 -28.23 37.64 4.12
N SER A 279 -27.07 38.20 3.79
CA SER A 279 -26.72 38.44 2.39
C SER A 279 -26.61 37.13 1.62
N SER A 280 -26.01 36.11 2.25
CA SER A 280 -25.92 34.81 1.59
C SER A 280 -27.27 34.15 1.44
N LEU A 281 -28.16 34.31 2.43
CA LEU A 281 -29.52 33.81 2.28
C LEU A 281 -30.21 34.47 1.10
N GLN A 282 -30.09 35.79 0.97
CA GLN A 282 -30.67 36.48 -0.17
C GLN A 282 -30.06 36.01 -1.48
N SER A 283 -28.74 35.83 -1.51
CA SER A 283 -28.07 35.42 -2.74
C SER A 283 -28.52 34.03 -3.17
N PHE A 284 -28.66 33.11 -2.23
CA PHE A 284 -28.99 31.73 -2.57
C PHE A 284 -30.50 31.61 -2.84
N ALA A 285 -31.25 32.60 -2.35
CA ALA A 285 -32.67 32.72 -2.68
C ALA A 285 -32.94 33.38 -4.02
N GLU A 286 -32.02 34.18 -4.56
CA GLU A 286 -32.16 34.73 -5.90
C GLU A 286 -31.51 33.86 -6.96
N GLY A 287 -30.96 32.71 -6.58
CA GLY A 287 -30.38 31.78 -7.52
C GLY A 287 -28.87 31.86 -7.70
N ASN A 288 -28.16 32.58 -6.83
CA ASN A 288 -26.70 32.71 -6.90
C ASN A 288 -26.10 32.18 -5.61
N PRO A 289 -25.74 30.89 -5.55
CA PRO A 289 -25.07 30.36 -4.36
C PRO A 289 -23.82 31.14 -3.96
N VAL A 290 -23.03 31.60 -4.93
CA VAL A 290 -21.80 32.35 -4.68
C VAL A 290 -22.11 33.83 -4.78
N ARG A 291 -21.68 34.59 -3.78
CA ARG A 291 -21.94 36.02 -3.72
C ARG A 291 -20.61 36.77 -3.57
N SER A 292 -20.68 38.09 -3.68
CA SER A 292 -19.51 38.94 -3.58
C SER A 292 -19.10 39.09 -2.11
N ARG A 293 -18.12 39.94 -1.85
CA ARG A 293 -17.59 40.15 -0.51
C ARG A 293 -18.07 41.49 0.04
N ILE A 294 -18.56 41.47 1.28
CA ILE A 294 -18.98 42.69 1.97
C ILE A 294 -17.95 43.00 3.05
N HIS A 295 -18.12 44.17 3.68
CA HIS A 295 -17.14 44.63 4.66
C HIS A 295 -17.05 43.68 5.85
N GLU A 296 -18.19 43.17 6.32
CA GLU A 296 -18.18 42.29 7.49
C GLU A 296 -17.50 40.95 7.21
N ASP A 297 -17.31 40.61 5.93
CA ASP A 297 -16.65 39.34 5.61
C ASP A 297 -15.20 39.30 6.09
N ILE A 298 -14.55 40.47 6.19
CA ILE A 298 -13.18 40.51 6.68
C ILE A 298 -13.10 39.99 8.10
N ILE A 299 -13.99 40.44 8.97
CA ILE A 299 -14.05 39.92 10.33
C ILE A 299 -14.58 38.50 10.35
N ALA A 300 -15.58 38.21 9.52
CA ALA A 300 -16.24 36.91 9.57
C ALA A 300 -15.31 35.76 9.16
N PHE A 301 -14.46 35.97 8.16
CA PHE A 301 -13.61 34.91 7.64
C PHE A 301 -12.12 35.16 7.89
N GLY A 302 -11.77 36.21 8.63
CA GLY A 302 -10.39 36.48 8.94
C GLY A 302 -9.54 36.80 7.73
N ILE A 303 -10.05 37.65 6.83
CA ILE A 303 -9.29 38.05 5.65
C ILE A 303 -8.13 38.91 6.08
N ASN A 304 -6.93 38.58 5.58
CA ASN A 304 -5.69 39.29 5.90
C ASN A 304 -5.40 39.25 7.40
N LYS A 305 -5.88 38.23 8.09
CA LYS A 305 -5.59 38.07 9.51
C LYS A 305 -4.17 37.59 9.76
N LYS A 306 -3.57 36.87 8.82
CA LYS A 306 -2.19 36.43 8.96
C LYS A 306 -1.24 37.60 8.93
N GLN A 307 -1.39 38.48 7.94
CA GLN A 307 -0.46 39.60 7.79
C GLN A 307 -0.53 40.57 8.96
N GLU A 308 -1.74 40.91 9.40
CA GLU A 308 -1.87 41.88 10.49
C GLU A 308 -1.38 41.30 11.81
N LYS A 309 -1.63 40.01 12.05
CA LYS A 309 -1.10 39.40 13.27
C LYS A 309 0.41 39.32 13.24
N LYS A 310 0.98 39.01 12.07
CA LYS A 310 2.45 39.01 11.95
C LYS A 310 3.02 40.39 12.18
N GLN A 311 2.35 41.42 11.66
CA GLN A 311 2.81 42.80 11.89
C GLN A 311 2.73 43.15 13.37
N SER A 312 1.64 42.77 14.04
CA SER A 312 1.52 43.04 15.46
C SER A 312 2.59 42.32 16.26
N ALA A 313 2.89 41.07 15.91
CA ALA A 313 3.95 40.34 16.58
C ALA A 313 5.31 41.00 16.36
N SER A 314 5.58 41.47 15.14
CA SER A 314 6.84 42.14 14.86
C SER A 314 6.97 43.44 15.65
N SER A 315 5.89 44.21 15.75
CA SER A 315 5.93 45.45 16.49
C SER A 315 6.07 45.22 18.00
N SER A 316 5.48 44.15 18.51
CA SER A 316 5.52 43.83 19.93
C SER A 316 6.71 42.95 20.30
N ALA A 317 7.60 42.67 19.34
CA ALA A 317 8.76 41.83 19.61
C ALA A 317 9.65 42.46 20.67
N SER A 318 10.05 41.66 21.65
CA SER A 318 10.91 42.13 22.73
C SER A 318 11.51 40.93 23.45
N GLY A 319 12.80 41.01 23.75
CA GLY A 319 13.48 39.93 24.45
C GLY A 319 14.51 39.23 23.61
N GLU A 320 14.73 37.95 23.88
CA GLU A 320 15.70 37.14 23.16
C GLU A 320 15.03 35.87 22.65
N TRP A 321 15.59 35.32 21.58
CA TRP A 321 15.05 34.09 21.00
C TRP A 321 15.19 32.92 21.96
N LYS A 322 14.14 32.12 22.06
CA LYS A 322 14.15 30.94 22.92
C LYS A 322 13.35 29.84 22.23
N ARG A 323 13.60 28.60 22.65
CA ARG A 323 12.91 27.46 22.06
C ARG A 323 11.41 27.57 22.31
N ALA A 324 10.63 27.14 21.32
CA ALA A 324 9.19 27.24 21.40
C ALA A 324 8.65 26.28 22.46
N GLU A 325 7.80 26.81 23.33
CA GLU A 325 7.10 26.01 24.34
C GLU A 325 5.61 26.17 24.13
N TYR A 326 4.95 25.10 23.71
CA TYR A 326 3.53 25.09 23.45
C TYR A 326 2.79 24.47 24.62
N GLN A 327 1.75 25.15 25.09
CA GLN A 327 1.00 24.74 26.27
C GLN A 327 -0.41 24.37 25.87
N VAL A 328 -0.84 23.17 26.28
CA VAL A 328 -2.21 22.72 26.09
C VAL A 328 -2.92 22.85 27.43
N GLU A 329 -3.92 23.72 27.49
CA GLU A 329 -4.59 24.01 28.75
C GLU A 329 -5.35 22.80 29.24
N GLU A 330 -5.22 22.52 30.54
CA GLU A 330 -5.89 21.38 31.16
C GLU A 330 -7.33 21.75 31.49
N MET A 331 -8.25 20.86 31.15
CA MET A 331 -9.67 21.07 31.39
C MET A 331 -10.28 19.82 32.02
N SER A 332 -11.37 20.03 32.75
CA SER A 332 -12.06 18.95 33.45
C SER A 332 -13.25 18.47 32.64
N LEU A 333 -13.95 17.47 33.17
CA LEU A 333 -15.11 16.91 32.48
C LEU A 333 -16.28 17.87 32.55
N PRO A 334 -16.80 18.34 31.41
CA PRO A 334 -17.95 19.23 31.46
C PRO A 334 -19.20 18.47 31.87
N PRO A 335 -20.19 19.16 32.47
CA PRO A 335 -21.44 18.48 32.82
C PRO A 335 -22.35 18.22 31.63
N TRP A 336 -22.06 18.79 30.46
CA TRP A 336 -22.95 18.65 29.31
C TRP A 336 -22.75 17.35 28.54
N VAL A 337 -21.72 16.56 28.87
CA VAL A 337 -21.51 15.30 28.16
C VAL A 337 -22.65 14.33 28.45
N GLU A 338 -23.05 14.22 29.72
CA GLU A 338 -24.18 13.36 30.06
C GLU A 338 -25.48 13.89 29.45
N GLU A 339 -25.63 15.20 29.38
CA GLU A 339 -26.80 15.79 28.73
C GLU A 339 -26.85 15.41 27.25
N GLU A 340 -25.71 15.47 26.57
CA GLU A 340 -25.66 15.05 25.18
C GLU A 340 -25.95 13.56 25.04
N MET A 341 -25.45 12.75 25.97
CA MET A 341 -25.74 11.33 25.95
C MET A 341 -27.23 11.05 26.06
N VAL A 342 -27.92 11.77 26.96
CA VAL A 342 -29.35 11.57 27.14
C VAL A 342 -30.12 12.08 25.93
N LEU A 343 -29.78 13.28 25.43
CA LEU A 343 -30.53 13.87 24.34
C LEU A 343 -30.34 13.08 23.05
N LEU A 344 -29.12 12.60 22.78
CA LEU A 344 -28.87 11.85 21.56
C LEU A 344 -29.62 10.54 21.51
N ARG A 345 -30.09 10.03 22.65
CA ARG A 345 -30.86 8.79 22.70
C ARG A 345 -32.36 9.04 22.60
N SER A 346 -32.79 10.30 22.54
CA SER A 346 -34.21 10.61 22.45
C SER A 346 -34.79 10.11 21.14
N ASP A 347 -36.05 9.66 21.21
CA ASP A 347 -36.72 9.02 20.09
C ASP A 347 -37.31 10.08 19.16
N GLN A 348 -37.13 9.88 17.86
CA GLN A 348 -37.68 10.76 16.84
C GLN A 348 -38.83 10.07 16.11
N GLU A 349 -39.60 10.87 15.36
CA GLU A 349 -40.75 10.35 14.63
C GLU A 349 -40.36 9.72 13.30
N ASP A 350 -39.31 10.21 12.65
CA ASP A 350 -38.88 9.70 11.35
C ASP A 350 -37.79 8.64 11.53
N ASN A 351 -37.59 7.85 10.48
CA ASN A 351 -36.60 6.78 10.54
C ASN A 351 -35.17 7.30 10.40
N TRP A 352 -34.97 8.36 9.63
CA TRP A 352 -33.69 9.06 9.53
C TRP A 352 -32.55 8.19 9.00
N ILE A 353 -32.86 6.93 8.65
CA ILE A 353 -31.88 6.07 8.00
C ILE A 353 -32.56 5.36 6.84
N GLU A 354 -32.39 5.91 5.64
CA GLU A 354 -33.02 5.36 4.43
C GLU A 354 -31.90 4.85 3.51
N LEU A 355 -31.58 3.57 3.65
CA LEU A 355 -30.60 2.90 2.81
C LEU A 355 -31.31 1.85 1.98
N GLU A 356 -31.03 1.85 0.68
CA GLU A 356 -31.71 0.94 -0.24
C GLU A 356 -31.40 -0.51 0.11
N LYS A 357 -32.43 -1.34 0.17
CA LYS A 357 -32.25 -2.76 0.45
C LYS A 357 -31.52 -3.44 -0.69
N ASN A 358 -30.57 -4.32 -0.33
CA ASN A 358 -29.86 -5.10 -1.32
C ASN A 358 -30.74 -6.24 -1.82
N ALA A 359 -30.28 -6.90 -2.87
CA ALA A 359 -31.01 -8.04 -3.42
C ALA A 359 -30.94 -9.24 -2.49
N ILE A 360 -31.86 -10.18 -2.70
CA ILE A 360 -31.89 -11.42 -1.93
C ILE A 360 -31.97 -12.58 -2.92
N TYR A 361 -31.01 -13.49 -2.85
CA TYR A 361 -31.01 -14.69 -3.67
C TYR A 361 -30.88 -15.97 -2.87
N THR A 362 -30.10 -15.96 -1.80
CA THR A 362 -29.88 -17.13 -0.96
C THR A 362 -30.50 -16.91 0.40
N GLU A 363 -30.63 -18.01 1.16
CA GLU A 363 -31.15 -17.92 2.52
C GLU A 363 -30.19 -17.14 3.42
N VAL A 364 -28.89 -17.16 3.12
CA VAL A 364 -27.94 -16.36 3.87
C VAL A 364 -28.22 -14.88 3.67
N ASP A 365 -28.51 -14.47 2.44
CA ASP A 365 -28.77 -13.06 2.15
C ASP A 365 -29.98 -12.55 2.90
N GLY A 366 -31.01 -13.40 3.08
CA GLY A 366 -32.17 -12.97 3.84
C GLY A 366 -31.86 -12.69 5.30
N VAL A 367 -31.01 -13.52 5.91
CA VAL A 367 -30.62 -13.31 7.30
C VAL A 367 -29.91 -11.98 7.48
N ALA A 368 -28.94 -11.71 6.60
CA ALA A 368 -28.18 -10.47 6.71
C ALA A 368 -29.08 -9.26 6.51
N GLU A 369 -29.97 -9.31 5.53
CA GLU A 369 -30.87 -8.19 5.30
C GLU A 369 -31.83 -7.99 6.46
N GLY A 370 -32.36 -9.08 7.03
CA GLY A 370 -33.21 -8.95 8.19
C GLY A 370 -32.49 -8.32 9.36
N LEU A 371 -31.26 -8.75 9.61
CA LEU A 371 -30.48 -8.16 10.70
C LEU A 371 -30.22 -6.68 10.46
N VAL A 372 -29.87 -6.30 9.22
CA VAL A 372 -29.60 -4.90 8.92
C VAL A 372 -30.86 -4.06 9.09
N ASP A 373 -32.00 -4.55 8.61
CA ASP A 373 -33.24 -3.81 8.75
C ASP A 373 -33.62 -3.64 10.21
N LYS A 374 -33.47 -4.69 11.01
CA LYS A 374 -33.81 -4.57 12.43
C LYS A 374 -32.86 -3.63 13.15
N TYR A 375 -31.57 -3.65 12.78
CA TYR A 375 -30.63 -2.69 13.36
C TYR A 375 -31.02 -1.26 13.01
N ILE A 376 -31.42 -1.03 11.75
CA ILE A 376 -31.87 0.30 11.34
C ILE A 376 -33.10 0.71 12.12
N GLU A 377 -34.01 -0.24 12.37
CA GLU A 377 -35.18 0.08 13.20
C GLU A 377 -34.76 0.45 14.61
N ILE A 378 -33.73 -0.21 15.15
CA ILE A 378 -33.31 0.06 16.52
C ILE A 378 -32.74 1.46 16.65
N VAL A 379 -31.82 1.84 15.77
CA VAL A 379 -31.08 3.08 15.90
C VAL A 379 -31.53 4.14 14.90
N GLY A 380 -32.67 3.92 14.23
CA GLY A 380 -33.13 4.87 13.25
C GLY A 380 -33.92 6.02 13.83
N ARG A 381 -35.00 5.71 14.55
CA ARG A 381 -35.85 6.74 15.15
C ARG A 381 -35.21 7.29 16.42
N THR A 382 -34.02 7.86 16.23
CA THR A 382 -33.24 8.44 17.33
C THR A 382 -32.69 9.78 16.90
N LYS A 383 -32.44 10.64 17.89
CA LYS A 383 -31.87 11.96 17.60
C LYS A 383 -30.47 11.83 17.01
N VAL A 384 -29.70 10.85 17.47
CA VAL A 384 -28.33 10.71 16.99
C VAL A 384 -28.31 10.42 15.50
N ALA A 385 -29.28 9.65 15.01
CA ALA A 385 -29.36 9.39 13.57
C ALA A 385 -29.63 10.67 12.79
N SER A 386 -30.51 11.53 13.30
CA SER A 386 -30.76 12.80 12.64
C SER A 386 -29.52 13.68 12.64
N VAL A 387 -28.76 13.67 13.73
CA VAL A 387 -27.53 14.45 13.79
C VAL A 387 -26.50 13.90 12.81
N ILE A 388 -26.45 12.57 12.67
CA ILE A 388 -25.55 11.94 11.70
C ILE A 388 -25.92 12.38 10.29
N GLU A 389 -27.22 12.39 9.97
CA GLU A 389 -27.64 12.83 8.65
C GLU A 389 -27.31 14.30 8.42
N LYS A 390 -27.51 15.14 9.44
CA LYS A 390 -27.16 16.55 9.31
C LYS A 390 -25.67 16.72 9.05
N TRP A 391 -24.84 16.00 9.80
CA TRP A 391 -23.39 16.09 9.61
C TRP A 391 -23.00 15.61 8.22
N GLN A 392 -23.59 14.52 7.76
CA GLN A 392 -23.32 14.02 6.41
C GLN A 392 -23.63 15.08 5.37
N ILE A 393 -24.83 15.66 5.43
CA ILE A 393 -25.24 16.64 4.42
C ILE A 393 -24.34 17.88 4.48
N ALA A 394 -24.08 18.37 5.70
CA ALA A 394 -23.27 19.58 5.84
C ALA A 394 -21.86 19.37 5.33
N ALA A 395 -21.23 18.25 5.72
CA ALA A 395 -19.86 17.98 5.29
C ALA A 395 -19.80 17.79 3.78
N THR A 396 -20.77 17.08 3.20
CA THR A 396 -20.75 16.87 1.76
C THR A 396 -20.93 18.19 1.00
N ARG A 397 -21.87 19.03 1.45
CA ARG A 397 -22.11 20.29 0.77
C ARG A 397 -20.94 21.25 0.94
N THR A 398 -20.24 21.18 2.08
CA THR A 398 -19.07 22.02 2.26
C THR A 398 -17.90 21.52 1.42
N PHE A 399 -17.74 20.21 1.31
CA PHE A 399 -16.61 19.65 0.56
C PHE A 399 -16.79 19.86 -0.94
N SER A 400 -18.02 19.72 -1.44
CA SER A 400 -18.23 19.81 -2.88
C SER A 400 -17.91 21.20 -3.42
N GLN A 401 -18.01 22.23 -2.58
CA GLN A 401 -17.68 23.59 -2.97
C GLN A 401 -16.29 24.01 -2.49
N LEU A 402 -15.46 23.05 -2.07
CA LEU A 402 -14.12 23.39 -1.58
C LEU A 402 -13.09 22.68 -2.46
N HIS A 403 -13.27 22.80 -3.78
CA HIS A 403 -12.40 22.14 -4.74
C HIS A 403 -11.61 23.12 -5.60
N THR A 404 -12.20 24.26 -5.94
CA THR A 404 -11.50 25.30 -6.69
C THR A 404 -10.85 26.28 -5.71
N ASP A 405 -10.40 27.42 -6.23
CA ASP A 405 -9.76 28.42 -5.38
C ASP A 405 -10.52 29.73 -5.44
N ARG A 406 -11.85 29.66 -5.30
CA ARG A 406 -12.67 30.87 -5.38
C ARG A 406 -12.34 31.84 -4.25
N SER A 407 -12.40 33.13 -4.56
CA SER A 407 -12.17 34.19 -3.58
C SER A 407 -13.46 34.85 -3.14
N ARG A 408 -14.60 34.22 -3.38
CA ARG A 408 -15.89 34.79 -3.04
C ARG A 408 -16.68 33.80 -2.19
N ILE A 409 -17.64 34.33 -1.43
CA ILE A 409 -18.35 33.54 -0.43
C ILE A 409 -19.33 32.60 -1.12
N THR A 410 -19.33 31.34 -0.69
CA THR A 410 -20.23 30.31 -1.20
C THR A 410 -21.18 29.89 -0.09
N ALA A 411 -22.41 29.55 -0.48
CA ALA A 411 -23.45 29.15 0.45
C ALA A 411 -23.73 27.65 0.28
N CYS A 412 -23.73 26.93 1.40
CA CYS A 412 -23.98 25.48 1.43
C CYS A 412 -25.03 25.19 2.49
N PRO A 413 -26.31 25.35 2.17
CA PRO A 413 -27.36 25.11 3.16
C PRO A 413 -27.39 23.67 3.61
N ILE A 414 -27.77 23.48 4.88
CA ILE A 414 -27.95 22.15 5.46
C ILE A 414 -29.45 21.90 5.44
N ILE A 415 -29.93 21.33 4.34
CA ILE A 415 -31.35 21.09 4.13
C ILE A 415 -31.57 19.60 3.88
N THR A 416 -32.48 19.01 4.64
CA THR A 416 -32.90 17.64 4.44
C THR A 416 -34.41 17.60 4.19
N ARG A 417 -34.86 16.52 3.56
CA ARG A 417 -36.26 16.38 3.18
C ARG A 417 -36.84 15.13 3.82
N ASP A 418 -37.98 15.28 4.48
CA ASP A 418 -38.69 14.17 5.08
C ASP A 418 -39.41 13.36 4.01
N PRO A 419 -39.84 12.14 4.33
CA PRO A 419 -40.57 11.33 3.35
C PRO A 419 -41.79 12.03 2.77
N SER A 420 -42.48 12.87 3.55
CA SER A 420 -43.60 13.62 3.01
C SER A 420 -43.16 14.57 1.91
N GLY A 421 -42.02 15.24 2.09
CA GLY A 421 -41.50 16.14 1.09
C GLY A 421 -41.13 17.50 1.65
N ASN A 422 -41.51 17.75 2.89
CA ASN A 422 -41.21 19.03 3.52
C ASN A 422 -39.71 19.17 3.72
N CYS A 423 -39.18 20.35 3.35
CA CYS A 423 -37.77 20.62 3.59
C CYS A 423 -37.53 20.88 5.07
N GLN A 424 -36.32 20.52 5.53
CA GLN A 424 -35.93 20.68 6.93
C GLN A 424 -34.65 21.50 6.98
N PHE A 425 -34.72 22.66 7.62
CA PHE A 425 -33.59 23.58 7.70
C PHE A 425 -32.78 23.27 8.96
N TRP A 426 -31.77 22.43 8.82
CA TRP A 426 -30.88 22.15 9.95
C TRP A 426 -29.96 23.32 10.24
N GLY A 427 -29.52 24.04 9.21
CA GLY A 427 -28.60 25.14 9.39
C GLY A 427 -28.01 25.57 8.05
N MET A 428 -26.80 26.13 8.12
CA MET A 428 -26.13 26.61 6.92
C MET A 428 -24.63 26.61 7.14
N VAL A 429 -23.89 26.37 6.06
CA VAL A 429 -22.43 26.46 6.05
C VAL A 429 -22.03 27.54 5.05
N LEU A 430 -21.07 28.37 5.44
CA LEU A 430 -20.70 29.55 4.66
C LEU A 430 -19.21 29.50 4.34
N LEU A 431 -18.88 29.17 3.10
CA LEU A 431 -17.49 29.16 2.67
C LEU A 431 -16.97 30.57 2.51
N GLY A 432 -15.74 30.80 2.98
CA GLY A 432 -15.07 32.05 2.74
C GLY A 432 -14.06 31.92 1.61
N PRO A 433 -13.28 32.97 1.36
CA PRO A 433 -12.22 32.87 0.35
C PRO A 433 -11.20 31.81 0.74
N HIS A 434 -11.11 30.74 -0.05
CA HIS A 434 -10.27 29.59 0.25
C HIS A 434 -9.30 29.37 -0.92
N HIS A 435 -8.10 29.93 -0.79
CA HIS A 435 -7.03 29.64 -1.74
C HIS A 435 -6.21 28.44 -1.24
N VAL A 436 -6.93 27.35 -1.01
CA VAL A 436 -6.32 26.15 -0.43
C VAL A 436 -5.32 25.55 -1.43
N LYS A 437 -4.26 24.96 -0.89
CA LYS A 437 -3.24 24.34 -1.72
C LYS A 437 -2.95 22.93 -1.21
N ARG A 438 -3.14 22.71 0.08
CA ARG A 438 -2.86 21.43 0.72
C ARG A 438 -4.11 20.94 1.43
N ASP A 439 -4.29 19.62 1.45
CA ASP A 439 -5.44 19.02 2.12
C ASP A 439 -5.48 19.35 3.61
N THR A 440 -4.32 19.63 4.21
CA THR A 440 -4.25 19.96 5.63
C THR A 440 -4.73 21.40 5.91
N ASP A 441 -4.62 22.28 4.93
CA ASP A 441 -4.93 23.70 5.14
C ASP A 441 -6.39 23.87 5.53
N ASN A 442 -6.63 24.85 6.39
CA ASN A 442 -7.96 25.14 6.92
C ASN A 442 -8.68 26.13 6.03
N ALA A 443 -9.99 25.88 5.81
CA ALA A 443 -10.84 26.76 5.03
C ALA A 443 -11.77 27.53 5.94
N PRO A 444 -11.81 28.86 5.86
CA PRO A 444 -12.70 29.63 6.73
C PRO A 444 -14.17 29.28 6.50
N LEU A 445 -14.92 29.19 7.59
CA LEU A 445 -16.35 28.92 7.52
C LEU A 445 -17.08 29.78 8.55
N LEU A 446 -18.38 29.96 8.32
CA LEU A 446 -19.26 30.66 9.23
C LEU A 446 -20.49 29.78 9.42
N ILE A 447 -20.48 28.95 10.45
CA ILE A 447 -21.52 27.94 10.65
C ILE A 447 -22.72 28.62 11.30
N ALA A 448 -23.85 28.63 10.60
CA ALA A 448 -25.11 29.11 11.12
C ALA A 448 -26.08 27.94 11.18
N GLU A 449 -26.65 27.70 12.37
CA GLU A 449 -27.48 26.53 12.57
C GLU A 449 -28.37 26.73 13.79
N ILE A 450 -29.39 25.89 13.89
CA ILE A 450 -30.48 26.09 14.85
C ILE A 450 -30.17 25.33 16.13
N MET A 451 -30.21 26.04 17.26
CA MET A 451 -30.10 25.40 18.56
C MET A 451 -31.45 24.85 19.01
N GLY A 452 -31.41 24.13 20.13
CA GLY A 452 -32.62 23.75 20.84
C GLY A 452 -32.65 24.39 22.20
N GLU A 453 -31.47 24.57 22.79
CA GLU A 453 -31.31 25.28 24.05
C GLU A 453 -30.02 26.10 24.00
N ASP A 454 -29.96 27.14 24.81
CA ASP A 454 -28.82 28.03 24.87
C ASP A 454 -28.13 27.89 26.23
N THR A 455 -26.83 27.60 26.19
CA THR A 455 -26.01 27.52 27.39
C THR A 455 -24.69 28.21 27.11
N GLU A 456 -24.41 29.30 27.84
CA GLU A 456 -23.20 30.07 27.59
C GLU A 456 -21.94 29.28 27.89
N GLU A 457 -21.96 28.50 28.98
CA GLU A 457 -20.77 27.73 29.35
C GLU A 457 -20.46 26.64 28.33
N LYS A 458 -21.49 26.04 27.72
CA LYS A 458 -21.26 25.02 26.71
C LYS A 458 -20.84 25.62 25.38
N TYR A 459 -21.34 26.81 25.05
CA TYR A 459 -21.04 27.47 23.78
C TYR A 459 -20.53 28.89 24.05
N PRO A 460 -19.32 29.02 24.58
CA PRO A 460 -18.79 30.36 24.85
C PRO A 460 -18.45 31.15 23.60
N LYS A 461 -18.29 30.49 22.45
CA LYS A 461 -17.89 31.16 21.23
C LYS A 461 -19.04 31.35 20.24
N HIS A 462 -20.16 30.67 20.45
CA HIS A 462 -21.29 30.79 19.55
C HIS A 462 -22.13 32.02 19.90
N SER A 463 -22.49 32.80 18.88
CA SER A 463 -23.42 33.90 19.05
C SER A 463 -24.84 33.39 18.82
N VAL A 464 -25.77 33.83 19.68
CA VAL A 464 -27.14 33.35 19.67
C VAL A 464 -28.04 34.45 19.15
N PHE A 465 -28.92 34.10 18.21
CA PHE A 465 -29.88 35.04 17.62
C PHE A 465 -31.28 34.46 17.72
N SER A 466 -32.26 35.35 17.81
CA SER A 466 -33.66 34.96 17.88
C SER A 466 -34.27 34.98 16.48
N LEU A 467 -34.94 33.89 16.12
CA LEU A 467 -35.51 33.72 14.79
C LEU A 467 -37.01 33.49 14.90
N LYS A 468 -37.79 34.27 14.17
CA LYS A 468 -39.25 34.19 14.18
C LYS A 468 -39.72 33.74 12.80
N VAL A 469 -40.32 32.55 12.75
CA VAL A 469 -40.74 31.93 11.50
C VAL A 469 -42.18 31.45 11.63
N GLU A 470 -43.14 32.23 11.13
CA GLU A 470 -44.57 31.99 11.33
C GLU A 470 -44.88 31.60 12.79
N GLU A 471 -44.81 32.62 13.65
CA GLU A 471 -45.17 32.51 15.07
C GLU A 471 -44.46 31.37 15.79
N LYS A 472 -43.29 30.95 15.30
CA LYS A 472 -42.47 29.95 15.95
C LYS A 472 -41.07 30.53 16.15
N GLN A 473 -40.56 30.43 17.36
CA GLN A 473 -39.26 30.98 17.70
C GLN A 473 -38.22 29.87 17.81
N PHE A 474 -37.06 30.09 17.22
CA PHE A 474 -35.95 29.16 17.28
C PHE A 474 -34.66 29.93 17.48
N LEU A 475 -33.71 29.31 18.18
CA LEU A 475 -32.39 29.91 18.32
C LEU A 475 -31.57 29.65 17.06
N LEU A 476 -30.52 30.45 16.89
CA LEU A 476 -29.70 30.39 15.68
C LEU A 476 -28.24 30.55 16.07
N SER A 477 -27.47 29.46 15.92
CA SER A 477 -26.04 29.52 16.20
C SER A 477 -25.32 30.33 15.13
N LEU A 478 -24.17 30.88 15.51
CA LEU A 478 -23.31 31.57 14.56
C LEU A 478 -21.89 31.56 15.11
N LYS A 479 -21.02 30.77 14.51
CA LYS A 479 -19.66 30.62 14.99
C LYS A 479 -18.69 30.70 13.81
N ILE A 480 -17.57 31.38 14.04
CA ILE A 480 -16.48 31.43 13.07
C ILE A 480 -15.58 30.23 13.29
N THR A 481 -15.36 29.45 12.24
CA THR A 481 -14.55 28.24 12.34
C THR A 481 -13.82 28.01 11.03
N SER A 482 -12.51 27.77 11.13
CA SER A 482 -11.72 27.34 9.98
C SER A 482 -11.49 25.84 10.10
N PHE A 483 -11.86 25.11 9.07
CA PHE A 483 -11.95 23.66 9.14
C PHE A 483 -11.30 23.06 7.90
N SER A 484 -10.52 22.00 8.10
CA SER A 484 -9.63 21.52 7.05
C SER A 484 -10.38 20.66 6.03
N ARG A 485 -9.67 20.38 4.92
CA ARG A 485 -10.25 19.62 3.82
C ARG A 485 -10.37 18.14 4.16
N ASN A 486 -9.34 17.56 4.79
CA ASN A 486 -9.39 16.14 5.14
C ASN A 486 -10.49 15.86 6.14
N LYS A 487 -10.68 16.74 7.12
CA LYS A 487 -11.73 16.54 8.11
C LYS A 487 -13.11 16.63 7.48
N LEU A 488 -13.30 17.57 6.54
CA LEU A 488 -14.58 17.63 5.83
C LEU A 488 -14.81 16.38 4.99
N TYR A 489 -13.75 15.87 4.35
CA TYR A 489 -13.89 14.63 3.58
C TYR A 489 -14.28 13.46 4.47
N THR A 490 -13.63 13.32 5.62
CA THR A 490 -13.91 12.16 6.47
C THR A 490 -15.25 12.31 7.19
N PHE A 491 -15.72 13.55 7.42
CA PHE A 491 -17.04 13.75 7.99
C PHE A 491 -18.14 13.63 6.96
N SER A 492 -17.80 13.68 5.67
CA SER A 492 -18.77 13.42 4.61
C SER A 492 -19.17 11.97 4.55
N ASN A 493 -18.48 11.09 5.28
CA ASN A 493 -18.80 9.68 5.38
C ASN A 493 -19.09 9.30 6.82
N ILE A 494 -19.75 10.20 7.54
CA ILE A 494 -20.08 9.99 8.95
C ILE A 494 -21.03 8.83 9.14
N ARG A 495 -21.72 8.38 8.08
CA ARG A 495 -22.59 7.23 8.20
C ARG A 495 -21.84 5.93 8.47
N ARG A 496 -20.52 5.93 8.31
CA ARG A 496 -19.72 4.75 8.63
C ARG A 496 -19.72 4.42 10.11
N VAL A 497 -20.12 5.37 10.96
CA VAL A 497 -20.08 5.15 12.40
C VAL A 497 -21.11 4.12 12.84
N LEU A 498 -22.10 3.82 12.00
CA LEU A 498 -23.12 2.84 12.34
C LEU A 498 -22.57 1.41 12.37
N ILE A 499 -21.36 1.18 11.87
CA ILE A 499 -20.85 -0.17 11.72
C ILE A 499 -20.58 -0.81 13.08
N GLN A 500 -19.90 -0.08 13.97
CA GLN A 500 -19.52 -0.67 15.26
C GLN A 500 -20.72 -1.05 16.12
N PRO A 501 -21.71 -0.17 16.35
CA PRO A 501 -22.91 -0.63 17.06
C PRO A 501 -23.62 -1.77 16.35
N ALA A 502 -23.64 -1.73 15.02
CA ALA A 502 -24.18 -2.84 14.25
C ALA A 502 -23.37 -4.10 14.49
N SER A 503 -22.05 -3.98 14.60
CA SER A 503 -21.22 -5.14 14.88
C SER A 503 -21.59 -5.75 16.23
N ILE A 504 -21.75 -4.92 17.26
CA ILE A 504 -22.07 -5.44 18.59
C ILE A 504 -23.44 -6.10 18.60
N TYR A 505 -24.44 -5.43 18.02
CA TYR A 505 -25.79 -5.99 17.97
C TYR A 505 -25.80 -7.30 17.19
N SER A 506 -25.09 -7.34 16.07
CA SER A 506 -25.04 -8.52 15.23
C SER A 506 -24.39 -9.68 15.97
N GLN A 507 -23.30 -9.41 16.69
CA GLN A 507 -22.62 -10.46 17.43
C GLN A 507 -23.49 -10.98 18.56
N VAL A 508 -24.25 -10.11 19.22
CA VAL A 508 -25.15 -10.58 20.28
C VAL A 508 -26.24 -11.48 19.69
N VAL A 509 -26.88 -11.03 18.61
CA VAL A 509 -27.96 -11.82 18.02
C VAL A 509 -27.43 -13.14 17.48
N LEU A 510 -26.25 -13.12 16.87
CA LEU A 510 -25.68 -14.34 16.31
C LEU A 510 -25.18 -15.27 17.42
N SER A 511 -24.77 -14.72 18.56
CA SER A 511 -24.44 -15.57 19.70
C SER A 511 -25.68 -16.28 20.22
N ARG A 512 -26.81 -15.57 20.29
CA ARG A 512 -28.08 -16.24 20.62
C ARG A 512 -28.41 -17.32 19.60
N ALA A 513 -28.27 -17.00 18.31
CA ALA A 513 -28.55 -17.96 17.25
C ALA A 513 -27.65 -19.19 17.35
N ALA A 514 -26.40 -18.99 17.78
CA ALA A 514 -25.48 -20.11 17.94
C ALA A 514 -25.82 -20.95 19.16
N GLU A 515 -26.20 -20.29 20.27
CA GLU A 515 -26.54 -21.03 21.47
C GLU A 515 -27.78 -21.89 21.25
N ASN A 516 -28.79 -21.37 20.58
CA ASN A 516 -29.90 -22.21 20.16
C ASN A 516 -29.60 -22.75 18.76
N ASN A 517 -30.59 -23.32 18.09
CA ASN A 517 -30.41 -23.80 16.73
C ASN A 517 -31.41 -23.14 15.79
N SER A 518 -31.65 -21.85 16.00
CA SER A 518 -32.60 -21.10 15.18
C SER A 518 -32.42 -19.60 15.36
N LEU A 519 -32.34 -18.86 14.26
CA LEU A 519 -32.31 -17.41 14.32
C LEU A 519 -33.66 -16.89 14.83
N ASN A 520 -33.60 -15.80 15.60
CA ASN A 520 -34.78 -15.21 16.20
C ASN A 520 -35.10 -13.84 15.62
N LEU A 521 -34.12 -12.92 15.62
CA LEU A 521 -34.26 -11.57 15.09
C LEU A 521 -35.19 -10.72 15.94
N GLU A 522 -35.82 -11.31 16.95
CA GLU A 522 -36.66 -10.59 17.87
C GLU A 522 -36.14 -10.65 19.30
N VAL A 523 -35.02 -11.33 19.54
CA VAL A 523 -34.47 -11.45 20.88
C VAL A 523 -33.92 -10.10 21.32
N ASN A 524 -34.30 -9.69 22.52
CA ASN A 524 -33.82 -8.44 23.13
C ASN A 524 -33.40 -8.83 24.54
N PRO A 525 -32.19 -9.33 24.71
CA PRO A 525 -31.76 -9.87 26.01
C PRO A 525 -31.36 -8.76 26.97
N GLU A 526 -30.95 -9.17 28.16
CA GLU A 526 -30.62 -8.27 29.25
C GLU A 526 -29.10 -8.15 29.32
N ILE A 527 -28.59 -6.93 29.15
CA ILE A 527 -27.15 -6.67 29.15
C ILE A 527 -26.78 -6.06 30.49
N GLN A 528 -25.91 -6.74 31.23
CA GLN A 528 -25.48 -6.25 32.54
C GLN A 528 -24.34 -5.27 32.37
N LEU A 529 -24.47 -4.11 33.01
CA LEU A 529 -23.45 -3.07 32.93
C LEU A 529 -23.29 -2.41 34.29
N TYR A 530 -22.11 -1.80 34.49
CA TYR A 530 -21.85 -1.03 35.70
C TYR A 530 -22.42 0.36 35.51
N LEU A 531 -23.68 0.52 35.90
CA LEU A 531 -24.39 1.79 35.74
C LEU A 531 -24.46 2.51 37.08
N GLU A 532 -23.98 3.75 37.10
CA GLU A 532 -23.96 4.58 38.32
C GLU A 532 -23.22 3.86 39.44
N GLY A 533 -22.12 3.22 39.11
CA GLY A 533 -21.33 2.46 40.08
C GLY A 533 -21.78 1.04 40.29
N ALA A 534 -23.07 0.85 40.61
CA ALA A 534 -23.60 -0.47 40.83
C ALA A 534 -23.81 -1.20 39.50
N GLN A 535 -24.08 -2.50 39.60
CA GLN A 535 -24.30 -3.35 38.43
C GLN A 535 -25.80 -3.52 38.23
N ARG A 536 -26.34 -2.82 37.24
CA ARG A 536 -27.72 -2.96 36.83
C ARG A 536 -27.79 -3.31 35.35
N GLY A 537 -28.68 -4.23 35.00
CA GLY A 537 -28.82 -4.62 33.61
C GLY A 537 -29.61 -3.61 32.80
N MET A 538 -29.57 -3.79 31.48
CA MET A 538 -30.36 -2.99 30.55
C MET A 538 -30.52 -3.76 29.25
N THR A 539 -31.51 -3.36 28.46
CA THR A 539 -31.86 -4.08 27.26
C THR A 539 -30.87 -3.82 26.14
N LEU A 540 -30.85 -4.75 25.18
CA LEU A 540 -29.93 -4.63 24.04
C LEU A 540 -30.25 -3.43 23.17
N TYR A 541 -31.53 -3.16 22.93
CA TYR A 541 -31.91 -2.06 22.05
C TYR A 541 -31.44 -0.73 22.61
N GLN A 542 -31.58 -0.53 23.93
CA GLN A 542 -31.09 0.69 24.54
C GLN A 542 -29.57 0.74 24.58
N TRP A 543 -28.94 -0.41 24.84
CA TRP A 543 -27.47 -0.45 24.90
C TRP A 543 -26.86 -0.06 23.56
N VAL A 544 -27.34 -0.67 22.47
CA VAL A 544 -26.85 -0.34 21.15
C VAL A 544 -27.12 1.13 20.85
N ARG A 545 -28.25 1.66 21.35
CA ARG A 545 -28.60 3.05 21.10
C ARG A 545 -27.61 4.01 21.76
N MET A 546 -27.19 3.71 22.99
CA MET A 546 -26.18 4.57 23.63
C MET A 546 -24.81 4.39 22.99
N ILE A 547 -24.48 3.17 22.55
CA ILE A 547 -23.20 2.94 21.89
C ILE A 547 -23.08 3.80 20.64
N LEU A 548 -24.17 3.92 19.87
CA LEU A 548 -24.13 4.76 18.68
C LEU A 548 -23.86 6.21 19.03
N CYS A 549 -24.51 6.72 20.07
CA CYS A 549 -24.30 8.12 20.47
C CYS A 549 -22.86 8.34 20.94
N LEU A 550 -22.34 7.42 21.75
CA LEU A 550 -20.99 7.59 22.26
C LEU A 550 -19.96 7.47 21.14
N GLU A 551 -20.16 6.55 20.19
CA GLU A 551 -19.26 6.45 19.06
C GLU A 551 -19.34 7.68 18.17
N PHE A 552 -20.54 8.25 18.01
CA PHE A 552 -20.66 9.48 17.24
C PHE A 552 -19.90 10.62 17.91
N LEU A 553 -20.00 10.72 19.24
CA LEU A 553 -19.24 11.74 19.95
C LEU A 553 -17.74 11.51 19.83
N MET A 554 -17.30 10.25 19.94
CA MET A 554 -15.88 9.93 19.77
C MET A 554 -15.40 10.19 18.35
N ALA A 555 -16.29 10.15 17.36
CA ALA A 555 -15.92 10.41 15.98
C ALA A 555 -15.81 11.90 15.68
N ILE A 556 -16.81 12.68 16.08
CA ILE A 556 -16.74 14.13 15.88
C ILE A 556 -15.73 14.78 16.81
N TYR A 557 -15.34 14.10 17.88
CA TYR A 557 -14.27 14.54 18.78
C TYR A 557 -13.15 13.52 18.67
N ASN A 558 -12.31 13.68 17.66
CA ASN A 558 -11.20 12.78 17.43
C ASN A 558 -9.95 13.61 17.20
N ASN A 559 -8.90 13.27 17.93
CA ASN A 559 -7.66 14.05 17.95
C ASN A 559 -6.55 13.14 18.46
N PRO A 560 -5.29 13.62 18.50
CA PRO A 560 -4.23 12.76 19.07
C PRO A 560 -4.55 12.29 20.49
N GLN A 561 -5.20 13.13 21.29
CA GLN A 561 -5.53 12.72 22.66
C GLN A 561 -6.47 11.52 22.68
N MET A 562 -7.53 11.57 21.88
CA MET A 562 -8.50 10.46 21.88
C MET A 562 -7.88 9.18 21.36
N GLU A 563 -7.13 9.25 20.26
CA GLU A 563 -6.56 8.03 19.71
C GLU A 563 -5.51 7.43 20.64
N GLY A 564 -4.67 8.28 21.25
CA GLY A 564 -3.72 7.78 22.22
C GLY A 564 -4.39 7.18 23.44
N PHE A 565 -5.44 7.84 23.94
CA PHE A 565 -6.19 7.33 25.07
C PHE A 565 -6.77 5.96 24.77
N LEU A 566 -7.42 5.82 23.62
CA LEU A 566 -8.03 4.53 23.28
C LEU A 566 -6.97 3.46 23.06
N ALA A 567 -5.88 3.79 22.37
CA ALA A 567 -4.85 2.80 22.09
C ALA A 567 -4.20 2.32 23.37
N ASN A 568 -3.94 3.21 24.32
CA ASN A 568 -3.33 2.81 25.58
C ASN A 568 -4.33 2.27 26.59
N MET A 569 -5.63 2.45 26.35
CA MET A 569 -6.66 1.91 27.22
C MET A 569 -7.14 0.54 26.76
N ARG A 570 -6.83 0.14 25.54
CA ARG A 570 -7.20 -1.20 25.09
C ARG A 570 -6.58 -2.28 25.98
N ARG A 571 -5.31 -2.11 26.34
CA ARG A 571 -4.66 -3.12 27.18
C ARG A 571 -5.22 -3.12 28.60
N LEU A 572 -5.63 -1.97 29.13
CA LEU A 572 -6.26 -1.96 30.44
C LEU A 572 -7.65 -2.57 30.39
N HIS A 573 -8.38 -2.39 29.29
CA HIS A 573 -9.64 -3.09 29.10
C HIS A 573 -9.43 -4.59 29.07
N MET A 574 -8.38 -5.03 28.37
CA MET A 574 -8.04 -6.46 28.34
C MET A 574 -7.69 -6.97 29.74
N SER A 575 -6.94 -6.18 30.50
CA SER A 575 -6.58 -6.57 31.87
C SER A 575 -7.82 -6.67 32.76
N ARG A 576 -8.76 -5.73 32.61
CA ARG A 576 -10.00 -5.82 33.37
C ARG A 576 -10.77 -7.08 33.00
N HIS A 577 -10.82 -7.42 31.71
CA HIS A 577 -11.50 -8.66 31.32
C HIS A 577 -10.82 -9.87 31.93
N ALA A 578 -9.48 -9.87 31.94
CA ALA A 578 -8.74 -10.98 32.53
C ALA A 578 -9.07 -11.13 34.02
N MET A 579 -9.11 -10.01 34.75
CA MET A 579 -9.46 -10.07 36.16
C MET A 579 -10.93 -10.47 36.35
N MET A 580 -11.79 -10.12 35.40
CA MET A 580 -13.17 -10.61 35.44
C MET A 580 -13.21 -12.13 35.33
N GLU A 581 -12.37 -12.70 34.49
CA GLU A 581 -12.31 -14.16 34.36
C GLU A 581 -11.52 -14.82 35.49
N ARG A 582 -11.29 -14.10 36.59
CA ARG A 582 -10.58 -14.63 37.77
C ARG A 582 -9.16 -15.07 37.39
N ARG A 583 -8.41 -14.12 36.82
CA ARG A 583 -7.08 -14.40 36.33
C ARG A 583 -6.10 -13.37 36.89
N GLN A 584 -4.83 -13.75 36.94
CA GLN A 584 -3.79 -12.93 37.55
C GLN A 584 -3.06 -12.14 36.47
N VAL A 585 -2.89 -10.85 36.71
CA VAL A 585 -2.21 -9.95 35.79
C VAL A 585 -0.90 -9.53 36.42
N PHE A 586 0.21 -9.81 35.74
CA PHE A 586 1.53 -9.48 36.24
C PHE A 586 2.20 -8.46 35.34
N LEU A 587 3.05 -7.63 35.95
CA LEU A 587 3.69 -6.53 35.26
C LEU A 587 5.19 -6.53 35.54
N PRO A 588 6.00 -5.99 34.62
CA PRO A 588 7.44 -5.92 34.86
C PRO A 588 7.80 -4.86 35.89
N PHE A 589 9.11 -4.61 36.06
CA PHE A 589 9.60 -3.75 37.14
C PHE A 589 9.06 -2.32 37.07
N GLY A 590 9.41 -1.58 36.03
CA GLY A 590 9.01 -0.19 35.94
C GLY A 590 7.72 0.02 35.18
N SER A 591 6.71 -0.78 35.51
CA SER A 591 5.46 -0.81 34.75
C SER A 591 4.43 0.10 35.41
N ARG A 592 4.01 1.14 34.69
CA ARG A 592 2.91 2.00 35.09
C ARG A 592 2.00 2.18 33.88
N PRO A 593 1.13 1.21 33.61
CA PRO A 593 0.27 1.30 32.42
C PRO A 593 -0.60 2.54 32.38
N GLU A 594 -1.07 3.01 33.54
CA GLU A 594 -1.92 4.20 33.56
C GLU A 594 -1.17 5.45 33.12
N ASP A 595 0.15 5.46 33.28
CA ASP A 595 0.93 6.63 32.87
C ASP A 595 0.85 6.86 31.36
N LYS A 596 0.77 5.78 30.58
CA LYS A 596 0.58 5.91 29.15
C LYS A 596 -0.79 6.46 28.79
N VAL A 597 -1.79 6.26 29.66
CA VAL A 597 -3.13 6.76 29.42
C VAL A 597 -3.29 8.18 29.98
N ASN A 598 -2.75 8.43 31.17
CA ASN A 598 -2.94 9.71 31.83
C ASN A 598 -2.34 10.86 31.03
N GLU A 599 -1.31 10.57 30.23
CA GLU A 599 -0.71 11.61 29.41
C GLU A 599 -1.61 12.06 28.27
N CYS A 600 -2.61 11.26 27.91
CA CYS A 600 -3.54 11.59 26.84
C CYS A 600 -4.80 12.27 27.34
N ILE A 601 -4.95 12.46 28.64
CA ILE A 601 -6.12 13.11 29.23
C ILE A 601 -5.72 14.56 29.52
N ILE A 602 -6.07 15.47 28.63
CA ILE A 602 -5.74 16.88 28.83
C ILE A 602 -7.02 17.73 28.83
N ASN A 603 -7.67 17.83 27.67
CA ASN A 603 -8.86 18.67 27.58
C ASN A 603 -9.98 18.07 26.75
N ASN A 604 -9.87 16.84 26.27
CA ASN A 604 -10.91 16.27 25.42
C ASN A 604 -12.11 15.89 26.28
N PRO A 605 -13.31 16.43 25.99
CA PRO A 605 -14.47 16.13 26.85
C PRO A 605 -14.83 14.65 26.90
N ILE A 606 -14.76 13.95 25.78
CA ILE A 606 -15.18 12.55 25.77
C ILE A 606 -14.08 11.65 26.31
N VAL A 607 -12.82 12.05 26.18
CA VAL A 607 -11.75 11.33 26.89
C VAL A 607 -11.96 11.42 28.39
N ALA A 608 -12.31 12.62 28.88
CA ALA A 608 -12.61 12.78 30.30
C ALA A 608 -13.83 11.98 30.71
N TYR A 609 -14.86 11.95 29.87
CA TYR A 609 -16.07 11.18 30.17
C TYR A 609 -15.76 9.68 30.24
N LEU A 610 -14.94 9.19 29.31
CA LEU A 610 -14.53 7.79 29.33
C LEU A 610 -13.68 7.48 30.56
N ALA A 611 -12.80 8.42 30.95
CA ALA A 611 -12.00 8.23 32.15
C ALA A 611 -12.88 8.16 33.39
N LYS A 612 -13.89 9.03 33.48
CA LYS A 612 -14.81 8.97 34.60
C LYS A 612 -15.59 7.67 34.61
N GLY A 613 -16.03 7.21 33.44
CA GLY A 613 -16.71 5.93 33.37
C GLY A 613 -15.84 4.78 33.82
N TRP A 614 -14.55 4.81 33.45
CA TRP A 614 -13.62 3.81 33.93
C TRP A 614 -13.43 3.87 35.44
N ASN A 615 -13.30 5.09 35.98
CA ASN A 615 -13.09 5.26 37.41
C ASN A 615 -14.32 4.89 38.22
N SER A 616 -15.51 4.97 37.64
CA SER A 616 -16.74 4.60 38.32
C SER A 616 -16.96 3.10 38.36
N MET A 617 -15.96 2.31 37.99
CA MET A 617 -16.02 0.87 37.93
C MET A 617 -15.15 0.25 39.04
N PRO A 618 -15.47 -0.97 39.46
CA PRO A 618 -14.67 -1.60 40.52
C PRO A 618 -13.20 -1.74 40.12
N ASN A 619 -12.32 -1.50 41.09
CA ASN A 619 -10.88 -1.60 40.86
C ASN A 619 -10.35 -3.00 41.13
N VAL A 620 -10.90 -3.70 42.11
CA VAL A 620 -10.50 -5.06 42.44
C VAL A 620 -11.69 -5.98 42.19
N TYR A 621 -11.41 -7.20 41.73
CA TYR A 621 -12.45 -8.17 41.44
C TYR A 621 -12.44 -9.37 42.36
N TYR A 622 -11.25 -9.78 42.84
CA TYR A 622 -11.08 -10.89 43.79
C TYR A 622 -12.03 -12.06 43.57
N MET B 1 -17.17 4.66 29.64
CA MET B 1 -16.35 3.47 29.43
C MET B 1 -17.01 2.24 30.03
N ASN B 2 -17.85 2.46 31.05
CA ASN B 2 -18.62 1.36 31.62
C ASN B 2 -19.64 0.79 30.63
N LEU B 3 -19.99 1.55 29.59
CA LEU B 3 -20.87 1.05 28.55
C LEU B 3 -20.17 0.07 27.62
N PHE B 4 -18.85 0.14 27.52
CA PHE B 4 -18.07 -0.74 26.66
C PHE B 4 -17.61 -2.01 27.37
N THR B 5 -18.08 -2.24 28.60
CA THR B 5 -17.64 -3.36 29.43
C THR B 5 -18.87 -4.16 29.84
N PRO B 6 -19.45 -4.94 28.93
CA PRO B 6 -20.60 -5.77 29.28
C PRO B 6 -20.21 -6.86 30.26
N LEU B 7 -21.19 -7.25 31.08
CA LEU B 7 -20.98 -8.25 32.12
C LEU B 7 -21.78 -9.53 31.88
N SER B 8 -22.50 -9.62 30.75
CA SER B 8 -23.30 -10.80 30.49
C SER B 8 -23.55 -10.92 28.99
N GLU B 9 -23.60 -12.16 28.52
CA GLU B 9 -23.96 -12.57 27.16
C GLU B 9 -22.94 -12.14 26.11
N ILE B 10 -21.92 -11.38 26.48
CA ILE B 10 -20.90 -10.93 25.54
C ILE B 10 -19.68 -10.44 26.33
N ASN B 11 -18.48 -10.74 25.81
CA ASN B 11 -17.23 -10.50 26.51
C ASN B 11 -16.76 -9.06 26.30
N PRO B 12 -16.04 -8.50 27.28
CA PRO B 12 -15.38 -7.21 27.05
C PRO B 12 -14.38 -7.25 25.90
N THR B 13 -13.70 -8.37 25.70
CA THR B 13 -12.83 -8.51 24.54
C THR B 13 -13.63 -8.58 23.24
N THR B 14 -14.86 -9.09 23.31
CA THR B 14 -15.71 -9.13 22.13
C THR B 14 -16.14 -7.73 21.72
N THR B 15 -16.32 -6.82 22.67
CA THR B 15 -16.62 -5.42 22.39
C THR B 15 -15.35 -4.57 22.30
N GLN B 16 -14.21 -5.17 21.96
CA GLN B 16 -12.95 -4.45 21.89
C GLN B 16 -12.94 -3.45 20.74
N GLU B 17 -13.67 -3.74 19.65
CA GLU B 17 -13.69 -2.85 18.49
C GLU B 17 -14.36 -1.52 18.76
N LEU B 18 -15.08 -1.38 19.88
CA LEU B 18 -15.67 -0.09 20.23
C LEU B 18 -14.63 0.89 20.77
N LEU B 19 -13.45 0.42 21.14
CA LEU B 19 -12.37 1.27 21.62
C LEU B 19 -11.55 1.85 20.48
N TYR B 20 -12.10 1.93 19.28
CA TYR B 20 -11.40 2.39 18.10
C TYR B 20 -12.03 3.69 17.60
N ALA B 21 -11.31 4.35 16.70
CA ALA B 21 -11.72 5.63 16.13
C ALA B 21 -11.70 5.58 14.61
N TYR B 22 -12.32 4.53 14.06
CA TYR B 22 -12.46 4.42 12.60
C TYR B 22 -13.01 5.70 12.00
N THR B 23 -14.23 6.05 12.38
CA THR B 23 -14.83 7.30 11.92
C THR B 23 -14.23 8.46 12.71
N GLY B 24 -13.80 9.49 12.01
CA GLY B 24 -13.13 10.61 12.63
C GLY B 24 -11.81 10.90 11.98
N PRO B 25 -11.41 12.17 11.98
CA PRO B 25 -10.19 12.56 11.24
C PRO B 25 -8.95 11.99 11.90
N ALA B 26 -8.13 11.32 11.08
CA ALA B 26 -6.82 10.90 11.57
C ALA B 26 -5.91 12.10 11.69
N PRO B 27 -5.19 12.24 12.81
CA PRO B 27 -4.35 13.43 13.01
C PRO B 27 -3.27 13.56 11.94
N VAL B 28 -2.99 14.80 11.58
CA VAL B 28 -1.94 15.12 10.62
C VAL B 28 -0.85 15.90 11.35
N ALA B 29 0.39 15.69 10.92
CA ALA B 29 1.53 16.35 11.53
C ALA B 29 1.74 17.72 10.91
N TYR B 30 2.05 18.70 11.75
CA TYR B 30 2.19 20.08 11.34
C TYR B 30 3.64 20.54 11.47
N GLY B 31 4.05 21.40 10.54
CA GLY B 31 5.33 22.08 10.66
C GLY B 31 6.53 21.16 10.54
N THR B 32 7.61 21.55 11.23
CA THR B 32 8.88 20.88 11.08
C THR B 32 8.88 19.52 11.75
N ARG B 33 9.64 18.60 11.15
CA ARG B 33 9.98 17.33 11.77
C ARG B 33 11.30 17.40 12.54
N THR B 34 11.93 18.57 12.57
CA THR B 34 13.29 18.68 13.11
C THR B 34 13.35 18.27 14.58
N ARG B 35 12.39 18.73 15.38
CA ARG B 35 12.39 18.35 16.79
C ARG B 35 12.20 16.84 16.94
N ALA B 36 11.29 16.27 16.16
CA ALA B 36 11.03 14.83 16.26
C ALA B 36 12.24 14.01 15.84
N VAL B 37 12.88 14.37 14.73
CA VAL B 37 14.03 13.60 14.27
C VAL B 37 15.21 13.78 15.22
N LEU B 38 15.41 14.98 15.75
CA LEU B 38 16.48 15.18 16.72
C LEU B 38 16.22 14.44 18.02
N GLU B 39 14.95 14.34 18.43
CA GLU B 39 14.62 13.51 19.57
C GLU B 39 14.88 12.04 19.28
N ASN B 40 14.56 11.58 18.07
CA ASN B 40 14.82 10.19 17.72
C ASN B 40 16.31 9.89 17.71
N ILE B 41 17.13 10.84 17.22
CA ILE B 41 18.56 10.62 17.13
C ILE B 41 19.20 10.62 18.53
N ILE B 42 18.70 11.45 19.43
CA ILE B 42 19.35 11.60 20.73
C ILE B 42 19.10 10.39 21.63
N ARG B 43 18.03 9.63 21.40
CA ARG B 43 17.70 8.53 22.31
C ARG B 43 18.78 7.46 22.39
N PRO B 44 19.32 6.91 21.29
CA PRO B 44 20.37 5.90 21.44
C PRO B 44 21.58 6.39 22.22
N TYR B 45 21.90 7.68 22.13
CA TYR B 45 23.00 8.22 22.90
C TYR B 45 22.64 8.40 24.37
N GLN B 46 21.36 8.63 24.67
CA GLN B 46 20.94 8.84 26.06
C GLN B 46 20.95 7.53 26.85
N TYR B 47 20.44 6.45 26.26
CA TYR B 47 20.31 5.18 26.96
C TYR B 47 21.40 4.18 26.62
N PHE B 48 22.48 4.62 25.96
CA PHE B 48 23.62 3.73 25.76
C PHE B 48 24.25 3.34 27.09
N TYR B 49 24.37 4.29 28.01
CA TYR B 49 24.91 4.04 29.34
C TYR B 49 23.78 4.06 30.36
N LYS B 50 24.07 3.51 31.54
CA LYS B 50 23.07 3.48 32.60
C LYS B 50 22.67 4.89 33.01
N GLU B 51 23.64 5.79 33.13
CA GLU B 51 23.36 7.19 33.40
C GLU B 51 23.55 8.01 32.13
N PRO B 52 22.72 9.02 31.89
CA PRO B 52 22.86 9.82 30.67
C PRO B 52 24.24 10.46 30.56
N ASN B 53 25.01 10.02 29.57
CA ASN B 53 26.36 10.51 29.30
C ASN B 53 26.53 10.76 27.81
N VAL B 54 25.58 11.52 27.24
CA VAL B 54 25.52 11.69 25.79
C VAL B 54 26.82 12.23 25.24
N GLN B 55 27.42 13.21 25.93
CA GLN B 55 28.63 13.85 25.41
C GLN B 55 29.76 12.84 25.24
N ARG B 56 29.97 11.97 26.22
CA ARG B 56 30.97 10.92 26.07
C ARG B 56 30.49 9.81 25.15
N ALA B 57 29.17 9.56 25.12
CA ALA B 57 28.62 8.54 24.25
C ALA B 57 28.69 8.90 22.78
N LEU B 58 28.99 10.15 22.45
CA LEU B 58 29.18 10.54 21.04
C LEU B 58 30.61 10.28 20.60
N ASP B 59 31.11 9.08 20.92
CA ASP B 59 32.42 8.63 20.49
C ASP B 59 32.45 7.16 20.14
N ILE B 60 31.30 6.47 20.19
CA ILE B 60 31.23 5.03 20.04
C ILE B 60 30.91 4.72 18.58
N LYS B 61 31.76 3.92 17.94
CA LYS B 61 31.54 3.53 16.56
C LYS B 61 30.66 2.29 16.45
N THR B 62 30.98 1.24 17.20
CA THR B 62 30.19 0.03 17.25
C THR B 62 29.49 -0.05 18.60
N GLY B 63 28.18 -0.28 18.58
CA GLY B 63 27.37 -0.23 19.79
C GLY B 63 27.61 -1.35 20.77
N CYS B 64 28.72 -2.06 20.64
CA CYS B 64 29.04 -3.13 21.56
C CYS B 64 29.23 -2.58 22.97
N LYS B 65 28.71 -3.32 23.95
CA LYS B 65 28.78 -2.90 25.35
C LYS B 65 28.96 -4.11 26.23
N GLU B 66 29.46 -3.88 27.43
CA GLU B 66 29.64 -4.94 28.41
C GLU B 66 28.31 -5.30 29.06
N PRO B 67 28.17 -6.55 29.53
CA PRO B 67 26.90 -6.96 30.15
C PRO B 67 26.51 -6.12 31.35
N GLU B 68 27.48 -5.67 32.15
CA GLU B 68 27.15 -4.84 33.31
C GLU B 68 26.73 -3.43 32.93
N ASP B 69 26.99 -3.02 31.69
CA ASP B 69 26.57 -1.72 31.21
C ASP B 69 25.10 -1.71 30.79
N ILE B 70 24.50 -2.89 30.60
CA ILE B 70 23.12 -2.97 30.16
C ILE B 70 22.19 -2.47 31.26
N ASN B 71 21.27 -1.57 30.91
CA ASN B 71 20.34 -1.00 31.86
C ASN B 71 19.12 -1.92 31.98
N VAL B 72 19.01 -2.60 33.13
CA VAL B 72 17.89 -3.49 33.37
C VAL B 72 16.63 -2.76 33.81
N GLU B 73 16.74 -1.51 34.21
CA GLU B 73 15.59 -0.73 34.66
C GLU B 73 14.98 0.09 33.53
N GLY B 74 15.77 0.97 32.92
CA GLY B 74 15.30 1.78 31.82
C GLY B 74 15.70 1.21 30.49
N PRO B 75 15.45 1.97 29.41
CA PRO B 75 15.86 1.51 28.08
C PRO B 75 17.36 1.38 27.97
N SER B 76 17.79 0.43 27.15
CA SER B 76 19.21 0.19 26.89
C SER B 76 19.45 0.16 25.40
N SER B 77 20.38 0.98 24.93
CA SER B 77 20.76 1.03 23.53
C SER B 77 22.13 0.39 23.37
N GLY B 78 22.25 -0.54 22.44
CA GLY B 78 23.48 -1.29 22.23
C GLY B 78 23.27 -2.78 22.40
N PHE B 79 24.32 -3.53 22.05
CA PHE B 79 24.26 -4.97 22.05
C PHE B 79 25.54 -5.55 22.63
N HIS B 80 25.45 -6.81 23.05
CA HIS B 80 26.60 -7.57 23.55
C HIS B 80 27.07 -8.49 22.43
N THR B 81 28.34 -8.35 22.03
CA THR B 81 28.82 -9.02 20.82
C THR B 81 28.79 -10.53 20.97
N ALA B 82 29.37 -11.07 22.05
CA ALA B 82 29.40 -12.51 22.24
C ALA B 82 27.98 -13.06 22.36
N SER B 83 27.07 -12.29 22.97
CA SER B 83 25.67 -12.69 23.01
C SER B 83 25.10 -12.82 21.61
N VAL B 84 25.42 -11.86 20.73
CA VAL B 84 24.92 -11.93 19.36
C VAL B 84 25.48 -13.15 18.64
N LEU B 85 26.78 -13.43 18.81
CA LEU B 85 27.34 -14.63 18.19
C LEU B 85 26.62 -15.89 18.66
N LYS B 86 26.47 -16.04 19.97
CA LYS B 86 25.84 -17.27 20.49
C LYS B 86 24.39 -17.37 20.05
N LEU B 87 23.65 -16.26 20.08
CA LEU B 87 22.25 -16.30 19.71
C LEU B 87 22.07 -16.59 18.23
N ALA B 88 22.91 -16.00 17.37
CA ALA B 88 22.85 -16.31 15.95
C ALA B 88 23.20 -17.77 15.69
N ASP B 89 24.20 -18.29 16.39
CA ASP B 89 24.54 -19.71 16.24
C ASP B 89 23.38 -20.60 16.64
N ASN B 90 22.71 -20.26 17.75
CA ASN B 90 21.56 -21.05 18.18
C ASN B 90 20.40 -20.94 17.18
N PHE B 91 20.18 -19.75 16.63
CA PHE B 91 19.11 -19.58 15.64
C PHE B 91 19.43 -20.31 14.34
N PHE B 92 20.71 -20.48 14.02
CA PHE B 92 21.08 -21.30 12.86
C PHE B 92 20.90 -22.78 13.16
N ARG B 93 21.31 -23.22 14.34
CA ARG B 93 21.30 -24.65 14.66
C ARG B 93 19.89 -25.22 14.63
N LYS B 94 18.93 -24.50 15.20
CA LYS B 94 17.52 -24.86 15.06
C LYS B 94 16.93 -24.11 13.88
N TYR B 95 15.80 -24.61 13.38
CA TYR B 95 15.19 -24.09 12.15
C TYR B 95 16.16 -24.19 10.98
N ARG B 96 16.90 -25.31 10.92
CA ARG B 96 17.83 -25.52 9.82
C ARG B 96 17.14 -25.55 8.45
N PRO B 97 15.97 -26.17 8.27
CA PRO B 97 15.29 -26.07 6.98
C PRO B 97 15.04 -24.64 6.54
N ALA B 98 14.73 -23.74 7.47
CA ALA B 98 14.52 -22.34 7.12
C ALA B 98 15.76 -21.71 6.53
N MET B 99 16.94 -22.03 7.07
CA MET B 99 18.18 -21.51 6.53
C MET B 99 18.58 -22.20 5.22
N GLU B 100 18.09 -23.43 4.99
CA GLU B 100 18.34 -24.09 3.71
C GLU B 100 17.67 -23.35 2.58
N LYS B 101 16.46 -22.83 2.79
CA LYS B 101 15.79 -22.04 1.78
C LYS B 101 16.58 -20.79 1.44
N LEU B 102 17.26 -20.21 2.44
CA LEU B 102 18.10 -19.05 2.19
C LEU B 102 19.26 -19.40 1.26
N LYS B 103 19.84 -20.60 1.44
CA LYS B 103 20.91 -21.04 0.56
C LYS B 103 20.43 -21.14 -0.89
N TYR B 104 19.25 -21.73 -1.09
CA TYR B 104 18.69 -21.82 -2.43
C TYR B 104 18.38 -20.45 -3.01
N TRP B 105 17.89 -19.54 -2.17
CA TRP B 105 17.63 -18.18 -2.62
C TRP B 105 18.91 -17.49 -3.08
N ILE B 106 19.99 -17.64 -2.31
CA ILE B 106 21.26 -17.03 -2.69
C ILE B 106 21.79 -17.65 -3.98
N LEU B 107 21.75 -18.97 -4.08
CA LEU B 107 22.35 -19.65 -5.22
C LEU B 107 21.52 -19.53 -6.48
N VAL B 108 20.19 -19.46 -6.36
CA VAL B 108 19.32 -19.53 -7.53
C VAL B 108 18.57 -18.21 -7.73
N LYS B 109 17.78 -17.82 -6.71
CA LYS B 109 16.88 -16.69 -6.88
C LYS B 109 17.60 -15.34 -6.82
N LEU B 110 18.65 -15.24 -6.02
CA LEU B 110 19.35 -13.96 -5.88
C LEU B 110 19.96 -13.48 -7.20
N PRO B 111 20.72 -14.29 -7.95
CA PRO B 111 21.29 -13.77 -9.21
C PRO B 111 20.25 -13.38 -10.25
N LYS B 112 19.03 -13.90 -10.16
CA LYS B 112 17.98 -13.59 -11.11
C LYS B 112 17.16 -12.36 -10.72
N LEU B 113 17.47 -11.72 -9.60
CA LEU B 113 16.74 -10.52 -9.20
C LEU B 113 17.14 -9.35 -10.09
N LYS B 114 16.13 -8.63 -10.58
CA LYS B 114 16.34 -7.48 -11.46
C LYS B 114 16.24 -6.19 -10.66
N TYR B 115 16.87 -5.14 -11.17
CA TYR B 115 16.75 -3.85 -10.52
C TYR B 115 15.51 -3.09 -10.95
N ALA B 116 14.71 -3.65 -11.87
CA ALA B 116 13.47 -3.01 -12.27
C ALA B 116 12.46 -2.98 -11.14
N GLU B 117 12.52 -3.96 -10.22
CA GLU B 117 11.64 -3.96 -9.07
C GLU B 117 11.93 -2.81 -8.12
N LEU B 118 13.10 -2.17 -8.25
CA LEU B 118 13.39 -0.98 -7.46
C LEU B 118 12.48 0.19 -7.82
N SER B 119 11.88 0.16 -9.02
CA SER B 119 10.95 1.20 -9.42
C SER B 119 9.59 1.08 -8.74
N LYS B 120 9.29 -0.09 -8.16
CA LYS B 120 8.04 -0.29 -7.43
C LYS B 120 8.21 0.02 -5.94
N GLY B 121 8.72 1.22 -5.65
CA GLY B 121 8.96 1.61 -4.28
C GLY B 121 8.34 2.94 -3.90
N ARG B 122 8.74 3.47 -2.74
CA ARG B 122 8.21 4.73 -2.25
C ARG B 122 8.92 5.90 -2.90
N GLN B 123 8.51 7.11 -2.55
CA GLN B 123 9.18 8.30 -3.05
C GLN B 123 10.62 8.33 -2.56
N THR B 124 11.55 8.61 -3.47
CA THR B 124 12.97 8.53 -3.21
C THR B 124 13.61 9.90 -3.43
N TYR B 125 14.44 10.31 -2.48
CA TYR B 125 15.22 11.53 -2.65
C TYR B 125 16.23 11.34 -3.77
N SER B 126 16.29 12.29 -4.69
CA SER B 126 17.20 12.23 -5.82
C SER B 126 18.36 13.20 -5.57
N PHE B 127 19.59 12.67 -5.63
CA PHE B 127 20.76 13.50 -5.40
C PHE B 127 21.05 14.43 -6.56
N ILE B 128 20.36 14.27 -7.69
CA ILE B 128 20.57 15.16 -8.83
C ILE B 128 19.79 16.45 -8.67
N HIS B 129 18.48 16.35 -8.44
CA HIS B 129 17.61 17.51 -8.32
C HIS B 129 17.37 17.93 -6.87
N LYS B 130 17.87 17.17 -5.90
CA LYS B 130 17.72 17.47 -4.47
C LYS B 130 16.24 17.63 -4.10
N ARG B 131 15.42 16.68 -4.54
CA ARG B 131 13.99 16.74 -4.28
C ARG B 131 13.42 15.33 -4.37
N ASN B 132 12.33 15.10 -3.64
CA ASN B 132 11.66 13.82 -3.67
C ASN B 132 11.05 13.57 -5.05
N LEU B 133 11.16 12.34 -5.54
CA LEU B 133 10.67 11.96 -6.85
C LEU B 133 10.07 10.56 -6.76
N PRO B 134 9.18 10.21 -7.69
CA PRO B 134 8.67 8.84 -7.74
C PRO B 134 9.80 7.86 -8.04
N ALA B 135 9.60 6.63 -7.58
CA ALA B 135 10.66 5.63 -7.64
C ALA B 135 11.17 5.35 -9.05
N PRO B 136 10.33 5.12 -10.06
CA PRO B 136 10.88 4.85 -11.41
C PRO B 136 11.73 5.99 -11.96
N ILE B 137 11.34 7.24 -11.70
CA ILE B 137 12.09 8.38 -12.20
C ILE B 137 13.47 8.43 -11.57
N ALA B 138 13.54 8.28 -10.24
CA ALA B 138 14.83 8.27 -9.57
C ALA B 138 15.68 7.09 -10.01
N LEU B 139 15.03 5.93 -10.23
CA LEU B 139 15.76 4.76 -10.69
C LEU B 139 16.41 5.00 -12.05
N GLU B 140 15.66 5.56 -12.99
CA GLU B 140 16.23 5.82 -14.31
C GLU B 140 17.27 6.93 -14.27
N GLU B 141 17.08 7.93 -13.40
CA GLU B 141 18.11 8.95 -13.21
C GLU B 141 19.42 8.34 -12.74
N THR B 142 19.35 7.47 -11.72
CA THR B 142 20.56 6.85 -11.21
C THR B 142 21.20 5.91 -12.23
N VAL B 143 20.38 5.16 -12.96
CA VAL B 143 20.93 4.26 -13.97
C VAL B 143 21.65 5.04 -15.06
N GLU B 144 21.03 6.13 -15.52
CA GLU B 144 21.69 6.98 -16.52
C GLU B 144 22.97 7.60 -15.96
N PHE B 145 22.95 8.03 -14.69
CA PHE B 145 24.15 8.59 -14.08
C PHE B 145 25.29 7.57 -14.06
N LEU B 146 24.98 6.33 -13.65
CA LEU B 146 25.99 5.29 -13.64
C LEU B 146 26.51 5.01 -15.04
N GLU B 147 25.61 4.98 -16.03
CA GLU B 147 26.03 4.73 -17.41
C GLU B 147 26.96 5.82 -17.91
N GLN B 148 26.64 7.08 -17.62
CA GLN B 148 27.52 8.17 -18.05
C GLN B 148 28.86 8.15 -17.31
N ASN B 149 28.88 7.67 -16.07
CA ASN B 149 30.13 7.69 -15.31
C ASN B 149 30.95 6.42 -15.47
N LEU B 150 30.32 5.27 -15.68
CA LEU B 150 31.06 4.02 -15.77
C LEU B 150 31.42 3.62 -17.19
N ARG B 151 30.98 4.37 -18.20
CA ARG B 151 31.29 4.09 -19.60
C ARG B 151 30.92 2.66 -19.99
N ARG B 152 29.79 2.19 -19.47
CA ARG B 152 29.32 0.84 -19.76
C ARG B 152 27.82 0.77 -19.50
N LYS B 153 27.21 -0.30 -20.00
CA LYS B 153 25.78 -0.52 -19.85
C LYS B 153 25.52 -1.40 -18.63
N ILE B 154 24.59 -0.96 -17.79
CA ILE B 154 24.26 -1.69 -16.57
C ILE B 154 23.40 -2.89 -16.91
N GLY B 155 23.79 -4.06 -16.39
CA GLY B 155 23.06 -5.28 -16.63
C GLY B 155 21.70 -5.27 -15.96
N PRO B 156 20.76 -6.05 -16.50
CA PRO B 156 19.39 -6.04 -15.96
C PRO B 156 19.28 -6.56 -14.54
N THR B 157 20.23 -7.36 -14.07
CA THR B 157 20.13 -7.97 -12.76
C THR B 157 20.40 -6.95 -11.65
N LEU B 158 19.84 -7.22 -10.47
CA LEU B 158 20.09 -6.38 -9.31
C LEU B 158 21.54 -6.45 -8.87
N LEU B 159 22.18 -7.62 -9.00
CA LEU B 159 23.59 -7.73 -8.68
C LEU B 159 24.43 -6.81 -9.57
N SER B 160 24.04 -6.68 -10.85
CA SER B 160 24.73 -5.75 -11.73
C SER B 160 24.56 -4.30 -11.26
N TYR B 161 23.36 -3.95 -10.79
CA TYR B 161 23.14 -2.60 -10.28
C TYR B 161 24.00 -2.33 -9.05
N CYS B 162 24.05 -3.29 -8.12
CA CYS B 162 24.88 -3.12 -6.93
C CYS B 162 26.35 -3.06 -7.29
N GLN B 163 26.78 -3.85 -8.26
CA GLN B 163 28.17 -3.78 -8.71
C GLN B 163 28.49 -2.42 -9.32
N ALA B 164 27.55 -1.87 -10.11
CA ALA B 164 27.75 -0.55 -10.68
C ALA B 164 27.86 0.49 -9.57
N ILE B 165 27.02 0.38 -8.54
CA ILE B 165 27.09 1.30 -7.41
C ILE B 165 28.45 1.17 -6.72
N ALA B 166 28.96 -0.06 -6.62
CA ALA B 166 30.25 -0.25 -5.98
C ALA B 166 31.38 0.38 -6.77
N ASP B 167 31.41 0.16 -8.09
CA ASP B 167 32.52 0.69 -8.90
C ASP B 167 32.42 2.19 -9.12
N VAL B 168 31.22 2.78 -9.04
CA VAL B 168 31.13 4.22 -9.24
C VAL B 168 31.76 4.99 -8.08
N MET B 169 31.95 4.34 -6.93
CA MET B 169 32.46 5.01 -5.75
C MET B 169 33.97 5.26 -5.78
N GLU B 170 34.72 4.49 -6.57
CA GLU B 170 36.16 4.70 -6.63
C GLU B 170 36.56 5.85 -7.56
N LEU B 171 35.64 6.36 -8.36
CA LEU B 171 35.96 7.49 -9.23
C LEU B 171 36.13 8.76 -8.41
N ASP B 172 37.22 9.49 -8.66
CA ASP B 172 37.47 10.72 -7.93
C ASP B 172 36.39 11.76 -8.22
N GLU B 173 36.00 11.90 -9.48
CA GLU B 173 34.99 12.86 -9.90
C GLU B 173 33.94 12.16 -10.74
N THR B 174 32.68 12.52 -10.52
CA THR B 174 31.57 11.99 -11.28
C THR B 174 30.74 13.13 -11.85
N THR B 175 30.18 12.90 -13.03
CA THR B 175 29.44 13.93 -13.75
C THR B 175 28.07 13.39 -14.16
N TYR B 176 27.14 14.32 -14.38
CA TYR B 176 25.81 14.02 -14.90
C TYR B 176 25.47 14.99 -16.02
N GLU B 177 26.39 15.11 -16.99
CA GLU B 177 26.16 16.01 -18.12
C GLU B 177 24.89 15.62 -18.87
N GLY B 178 24.13 16.63 -19.26
CA GLY B 178 22.88 16.41 -19.97
C GLY B 178 21.69 16.25 -19.05
N THR B 209 22.91 21.32 -21.24
CA THR B 209 21.78 22.08 -20.71
C THR B 209 21.74 21.99 -19.19
N TYR B 210 22.05 20.81 -18.65
CA TYR B 210 22.00 20.56 -17.21
C TYR B 210 23.12 19.60 -16.85
N THR B 211 24.22 20.14 -16.33
CA THR B 211 25.35 19.34 -15.86
C THR B 211 25.70 19.78 -14.44
N ILE B 212 25.88 18.80 -13.55
CA ILE B 212 26.23 19.05 -12.16
C ILE B 212 27.34 18.08 -11.77
N LYS B 213 28.28 18.58 -10.98
CA LYS B 213 29.46 17.83 -10.59
C LYS B 213 29.27 17.19 -9.21
N PHE B 214 30.04 16.13 -8.98
CA PHE B 214 30.12 15.49 -7.67
C PHE B 214 31.55 15.07 -7.40
N SER B 215 31.90 15.06 -6.12
CA SER B 215 33.15 14.48 -5.65
C SER B 215 32.87 13.13 -5.01
N ARG B 216 33.94 12.41 -4.67
CA ARG B 216 33.76 11.14 -3.97
C ARG B 216 33.11 11.36 -2.61
N GLU B 217 33.54 12.40 -1.89
CA GLU B 217 32.94 12.70 -0.60
C GLU B 217 31.49 13.16 -0.76
N GLU B 218 31.21 13.99 -1.77
CA GLU B 218 29.84 14.46 -1.98
C GLU B 218 28.91 13.32 -2.38
N LEU B 219 29.37 12.45 -3.28
CA LEU B 219 28.56 11.29 -3.66
C LEU B 219 28.37 10.36 -2.49
N TRP B 220 29.41 10.17 -1.67
CA TRP B 220 29.29 9.36 -0.47
C TRP B 220 28.24 9.93 0.48
N ASP B 221 28.27 11.25 0.69
CA ASP B 221 27.29 11.89 1.56
C ASP B 221 25.88 11.74 1.02
N GLN B 222 25.72 11.89 -0.30
CA GLN B 222 24.40 11.71 -0.90
C GLN B 222 23.91 10.28 -0.72
N MET B 223 24.80 9.31 -0.87
CA MET B 223 24.43 7.92 -0.64
C MET B 223 24.05 7.68 0.82
N ARG B 224 24.76 8.33 1.74
CA ARG B 224 24.48 8.18 3.16
C ARG B 224 23.21 8.92 3.59
N THR B 225 22.88 10.01 2.89
CA THR B 225 21.79 10.88 3.32
C THR B 225 20.47 10.13 3.36
N LEU B 226 19.74 10.28 4.46
CA LEU B 226 18.43 9.66 4.65
C LEU B 226 17.38 10.76 4.68
N ASN B 227 16.52 10.77 3.66
CA ASN B 227 15.44 11.76 3.63
C ASN B 227 14.35 11.36 4.63
N THR B 228 13.97 12.30 5.49
CA THR B 228 12.96 12.07 6.50
C THR B 228 11.75 12.94 6.22
N MET B 229 10.57 12.41 6.53
CA MET B 229 9.34 13.17 6.41
C MET B 229 8.35 12.69 7.48
N TRP B 230 7.38 13.54 7.76
CA TRP B 230 6.34 13.21 8.73
C TRP B 230 5.56 11.98 8.28
N LYS B 231 5.22 11.12 9.22
CA LYS B 231 4.32 10.00 8.97
C LYS B 231 2.89 10.49 9.15
N HIS B 232 2.14 10.56 8.05
CA HIS B 232 0.83 11.18 8.05
C HIS B 232 -0.27 10.13 8.15
N LEU B 233 -1.43 10.56 8.64
CA LEU B 233 -2.62 9.72 8.73
C LEU B 233 -2.41 8.51 9.63
N GLU B 234 -1.49 8.63 10.60
CA GLU B 234 -1.22 7.56 11.54
C GLU B 234 -2.16 7.65 12.73
N ARG B 235 -2.54 6.49 13.26
CA ARG B 235 -3.54 6.41 14.32
C ARG B 235 -2.98 5.67 15.52
N GLY B 236 -3.53 5.96 16.69
CA GLY B 236 -3.15 5.30 17.91
C GLY B 236 -2.00 5.92 18.67
N ARG B 237 -1.62 7.15 18.36
CA ARG B 237 -0.52 7.83 19.02
C ARG B 237 -0.91 9.24 19.42
N LEU B 238 -0.37 9.70 20.55
CA LEU B 238 -0.51 11.10 20.94
C LEU B 238 0.54 11.97 20.28
N ASN B 239 1.72 11.44 20.00
CA ASN B 239 2.83 12.19 19.41
C ASN B 239 3.11 11.65 18.01
N ARG B 240 3.46 12.56 17.11
CA ARG B 240 3.72 12.19 15.71
C ARG B 240 5.16 11.73 15.56
N ARG B 241 5.35 10.63 14.82
CA ARG B 241 6.67 10.12 14.50
C ARG B 241 7.05 10.50 13.06
N THR B 242 8.31 10.23 12.72
CA THR B 242 8.85 10.48 11.40
C THR B 242 9.33 9.18 10.77
N ILE B 243 9.43 9.20 9.45
CA ILE B 243 9.85 8.04 8.67
C ILE B 243 11.00 8.47 7.76
N ALA B 244 12.02 7.62 7.68
CA ALA B 244 13.18 7.86 6.83
C ALA B 244 13.19 6.87 5.68
N THR B 245 13.53 7.35 4.48
CA THR B 245 13.58 6.51 3.30
C THR B 245 14.99 6.48 2.73
N PRO B 246 15.42 5.34 2.16
CA PRO B 246 16.77 5.26 1.62
C PRO B 246 16.89 6.00 0.29
N SER B 247 18.12 6.12 -0.17
CA SER B 247 18.39 6.63 -1.51
C SER B 247 18.56 5.47 -2.49
N MET B 248 18.38 5.77 -3.77
CA MET B 248 18.50 4.73 -4.80
C MET B 248 19.92 4.17 -4.89
N LEU B 249 20.91 4.85 -4.32
CA LEU B 249 22.26 4.33 -4.29
C LEU B 249 22.43 3.18 -3.30
N ILE B 250 21.46 2.97 -2.41
CA ILE B 250 21.58 1.94 -1.38
C ILE B 250 20.32 1.08 -1.36
N ARG B 251 19.30 1.50 -2.12
CA ARG B 251 18.04 0.77 -2.13
C ARG B 251 18.21 -0.63 -2.72
N GLY B 252 19.14 -0.82 -3.65
CA GLY B 252 19.38 -2.16 -4.17
C GLY B 252 19.91 -3.10 -3.12
N PHE B 253 20.90 -2.64 -2.35
CA PHE B 253 21.44 -3.45 -1.27
C PHE B 253 20.38 -3.73 -0.21
N VAL B 254 19.58 -2.71 0.12
CA VAL B 254 18.51 -2.90 1.09
C VAL B 254 17.50 -3.91 0.56
N LYS B 255 17.19 -3.84 -0.73
CA LYS B 255 16.26 -4.79 -1.34
C LYS B 255 16.79 -6.22 -1.24
N ILE B 256 18.08 -6.41 -1.53
CA ILE B 256 18.66 -7.75 -1.44
C ILE B 256 18.57 -8.27 -0.01
N VAL B 257 18.98 -7.45 0.95
CA VAL B 257 19.01 -7.91 2.35
C VAL B 257 17.60 -8.19 2.84
N GLU B 258 16.63 -7.36 2.45
CA GLU B 258 15.27 -7.55 2.93
C GLU B 258 14.59 -8.73 2.25
N ASP B 259 14.92 -9.02 0.99
CA ASP B 259 14.42 -10.24 0.37
C ASP B 259 14.98 -11.46 1.07
N ALA B 260 16.26 -11.44 1.43
CA ALA B 260 16.82 -12.55 2.19
C ALA B 260 16.15 -12.70 3.55
N ALA B 261 15.91 -11.56 4.24
CA ALA B 261 15.25 -11.61 5.54
C ALA B 261 13.84 -12.15 5.42
N LYS B 262 13.11 -11.74 4.38
CA LYS B 262 11.77 -12.27 4.15
C LYS B 262 11.80 -13.77 3.85
N GLU B 263 12.80 -14.21 3.09
CA GLU B 263 12.93 -15.63 2.80
C GLU B 263 13.16 -16.43 4.08
N ILE B 264 13.97 -15.90 4.99
CA ILE B 264 14.19 -16.58 6.27
C ILE B 264 12.91 -16.55 7.11
N LEU B 265 12.28 -15.39 7.23
CA LEU B 265 11.15 -15.22 8.13
C LEU B 265 9.92 -16.00 7.68
N GLU B 266 9.78 -16.21 6.36
CA GLU B 266 8.64 -16.95 5.86
C GLU B 266 8.68 -18.43 6.23
N ASN B 267 9.81 -18.92 6.73
CA ASN B 267 9.95 -20.33 7.06
C ASN B 267 10.18 -20.61 8.54
N VAL B 268 10.20 -19.59 9.39
CA VAL B 268 10.41 -19.79 10.82
C VAL B 268 9.07 -19.68 11.54
N PRO B 269 8.80 -20.55 12.52
CA PRO B 269 7.51 -20.52 13.22
C PRO B 269 7.31 -19.30 14.11
N THR B 270 8.36 -18.54 14.40
CA THR B 270 8.30 -17.47 15.39
C THR B 270 8.14 -16.09 14.77
N SER B 271 7.86 -15.99 13.48
CA SER B 271 7.79 -14.72 12.79
C SER B 271 6.33 -14.35 12.52
N GLY B 272 5.95 -13.12 12.89
CA GLY B 272 4.59 -12.65 12.70
C GLY B 272 4.44 -11.74 11.51
N VAL B 273 5.19 -12.01 10.44
CA VAL B 273 5.13 -11.24 9.20
C VAL B 273 3.83 -11.58 8.49
N PRO B 274 3.41 -10.79 7.47
CA PRO B 274 2.12 -11.02 6.80
C PRO B 274 1.74 -12.47 6.51
N VAL B 275 2.73 -13.36 6.36
CA VAL B 275 2.41 -14.77 6.14
C VAL B 275 2.20 -15.53 7.45
N GLY B 276 2.83 -15.10 8.54
CA GLY B 276 2.74 -15.82 9.79
C GLY B 276 1.54 -15.46 10.64
N GLY B 277 1.00 -14.25 10.46
CA GLY B 277 -0.07 -13.77 11.32
C GLY B 277 -1.37 -14.54 11.19
N GLU B 278 -1.51 -15.35 10.13
CA GLU B 278 -2.76 -16.05 9.88
C GLU B 278 -2.90 -17.28 10.79
N GLU B 279 -1.97 -18.22 10.66
CA GLU B 279 -2.10 -19.50 11.35
C GLU B 279 -1.35 -19.58 12.67
N LYS B 280 -0.30 -18.79 12.87
CA LYS B 280 0.54 -18.96 14.04
C LYS B 280 -0.20 -18.60 15.33
N LEU B 281 -0.81 -17.41 15.36
CA LEU B 281 -1.53 -17.00 16.56
C LEU B 281 -2.76 -17.88 16.79
N ALA B 282 -3.48 -18.21 15.72
CA ALA B 282 -4.67 -19.05 15.87
C ALA B 282 -4.31 -20.45 16.38
N LYS B 283 -3.20 -21.00 15.89
CA LYS B 283 -2.75 -22.31 16.34
C LYS B 283 -2.28 -22.26 17.78
N LEU B 284 -1.51 -21.23 18.14
CA LEU B 284 -1.06 -21.10 19.53
C LEU B 284 -2.23 -20.87 20.49
N ALA B 285 -3.32 -20.28 20.01
CA ALA B 285 -4.51 -20.11 20.83
C ALA B 285 -5.34 -21.38 20.93
N SER B 286 -5.02 -22.42 20.16
CA SER B 286 -5.78 -23.65 20.14
C SER B 286 -5.03 -24.85 20.72
N LYS B 287 -3.74 -24.72 20.99
CA LYS B 287 -2.97 -25.83 21.54
C LYS B 287 -3.44 -26.17 22.94
N GLN B 288 -3.71 -27.44 23.19
CA GLN B 288 -4.06 -27.89 24.52
C GLN B 288 -2.83 -27.94 25.41
N THR B 289 -3.06 -27.84 26.72
CA THR B 289 -1.99 -27.81 27.71
C THR B 289 -2.34 -28.74 28.85
N PHE B 290 -1.33 -29.44 29.37
CA PHE B 290 -1.52 -30.31 30.51
C PHE B 290 -2.05 -29.51 31.69
N HIS B 291 -3.06 -30.06 32.38
CA HIS B 291 -3.75 -29.30 33.42
C HIS B 291 -2.81 -28.91 34.55
N THR B 292 -1.92 -29.82 34.96
CA THR B 292 -0.98 -29.51 36.03
C THR B 292 0.01 -28.40 35.63
N ALA B 293 0.24 -28.20 34.34
CA ALA B 293 1.17 -27.18 33.89
C ALA B 293 0.60 -25.78 34.13
N VAL B 294 1.48 -24.79 34.06
CA VAL B 294 1.13 -23.39 34.25
C VAL B 294 1.34 -22.66 32.93
N THR B 295 0.28 -22.03 32.42
CA THR B 295 0.33 -21.36 31.15
C THR B 295 0.71 -19.89 31.36
N GLY B 296 0.60 -19.09 30.29
CA GLY B 296 0.89 -17.68 30.37
C GLY B 296 1.07 -17.03 29.02
N GLU B 297 0.55 -15.81 28.86
CA GLU B 297 0.71 -15.03 27.64
C GLU B 297 1.31 -13.69 27.99
N LEU B 298 2.34 -13.29 27.25
CA LEU B 298 2.95 -11.97 27.43
C LEU B 298 2.72 -11.18 26.14
N SER B 299 1.76 -10.27 26.19
CA SER B 299 1.45 -9.39 25.07
C SER B 299 2.00 -8.01 25.37
N GLY B 300 2.83 -7.47 24.48
CA GLY B 300 3.44 -6.19 24.75
C GLY B 300 4.08 -5.59 23.53
N ASP B 301 4.55 -4.36 23.70
CA ASP B 301 5.21 -3.58 22.68
C ASP B 301 6.65 -3.32 23.11
N GLN B 302 7.55 -3.22 22.12
CA GLN B 302 8.95 -2.94 22.40
C GLN B 302 9.16 -1.44 22.46
N GLU B 303 9.56 -0.95 23.62
CA GLU B 303 9.78 0.49 23.80
C GLU B 303 10.99 0.95 23.01
N LYS B 304 10.83 2.05 22.28
CA LYS B 304 11.93 2.69 21.56
C LYS B 304 12.63 1.71 20.63
N PHE B 305 11.83 0.92 19.92
CA PHE B 305 12.38 -0.17 19.11
C PHE B 305 13.32 0.35 18.03
N ASN B 306 12.93 1.41 17.34
CA ASN B 306 13.71 1.88 16.21
C ASN B 306 15.03 2.51 16.66
N GLU B 307 15.02 3.23 17.76
CA GLU B 307 16.17 4.01 18.19
C GLU B 307 17.12 3.24 19.10
N CYS B 308 16.88 1.95 19.36
CA CYS B 308 17.71 1.18 20.26
C CYS B 308 18.58 0.15 19.55
N LEU B 309 18.12 -0.43 18.45
CA LEU B 309 18.91 -1.42 17.73
C LEU B 309 20.08 -0.76 17.00
N ASP B 310 21.20 -1.50 16.93
CA ASP B 310 22.39 -1.04 16.26
C ASP B 310 22.64 -1.86 15.00
N PRO B 311 23.01 -1.21 13.88
CA PRO B 311 23.22 -1.95 12.64
C PRO B 311 24.30 -3.01 12.73
N ASP B 312 25.31 -2.83 13.58
CA ASP B 312 26.37 -3.83 13.69
C ASP B 312 25.85 -5.16 14.21
N ALA B 313 24.79 -5.15 15.02
CA ALA B 313 24.20 -6.40 15.47
C ALA B 313 23.64 -7.18 14.29
N MET B 314 22.96 -6.50 13.36
CA MET B 314 22.48 -7.17 12.16
C MET B 314 23.63 -7.59 11.26
N ARG B 315 24.67 -6.77 11.15
CA ARG B 315 25.87 -7.19 10.41
C ARG B 315 26.41 -8.51 10.95
N LEU B 316 26.56 -8.58 12.28
CA LEU B 316 27.14 -9.75 12.91
C LEU B 316 26.25 -10.97 12.74
N MET B 317 24.94 -10.80 12.92
CA MET B 317 24.01 -11.91 12.74
C MET B 317 24.02 -12.42 11.31
N TRP B 318 24.01 -11.50 10.33
CA TRP B 318 24.05 -11.90 8.93
C TRP B 318 25.36 -12.59 8.59
N THR B 319 26.47 -12.08 9.12
CA THR B 319 27.76 -12.69 8.86
C THR B 319 27.84 -14.10 9.44
N VAL B 320 27.29 -14.30 10.64
CA VAL B 320 27.24 -15.64 11.22
C VAL B 320 26.39 -16.55 10.35
N PHE B 321 25.24 -16.05 9.89
CA PHE B 321 24.35 -16.85 9.05
C PHE B 321 25.06 -17.29 7.78
N LEU B 322 25.74 -16.35 7.11
CA LEU B 322 26.39 -16.67 5.85
C LEU B 322 27.61 -17.57 6.05
N ARG B 323 28.35 -17.35 7.14
CA ARG B 323 29.52 -18.19 7.41
C ARG B 323 29.10 -19.63 7.72
N LYS B 324 28.01 -19.82 8.46
CA LYS B 324 27.59 -21.17 8.76
C LYS B 324 26.87 -21.85 7.60
N LEU B 325 26.55 -21.10 6.54
CA LEU B 325 26.08 -21.69 5.29
C LEU B 325 27.21 -22.01 4.33
N GLY B 326 28.44 -21.60 4.63
CA GLY B 326 29.51 -21.76 3.68
C GLY B 326 29.45 -20.83 2.49
N CYS B 327 28.75 -19.71 2.61
CA CYS B 327 28.61 -18.78 1.51
C CYS B 327 29.95 -18.11 1.21
N PRO B 328 30.18 -17.72 -0.05
CA PRO B 328 31.43 -17.05 -0.40
C PRO B 328 31.55 -15.69 0.27
N ASP B 329 32.76 -15.11 0.18
CA ASP B 329 33.03 -13.84 0.84
C ASP B 329 32.32 -12.67 0.18
N TRP B 330 32.13 -12.70 -1.13
CA TRP B 330 31.44 -11.59 -1.79
C TRP B 330 29.98 -11.51 -1.35
N ILE B 331 29.37 -12.65 -1.03
CA ILE B 331 28.02 -12.63 -0.45
C ILE B 331 28.04 -11.91 0.88
N MET B 332 29.05 -12.18 1.71
CA MET B 332 29.17 -11.50 2.99
C MET B 332 29.33 -10.00 2.81
N GLU B 333 30.18 -9.60 1.87
CA GLU B 333 30.38 -8.16 1.62
C GLU B 333 29.10 -7.51 1.12
N LEU B 334 28.39 -8.19 0.21
CA LEU B 334 27.14 -7.64 -0.32
C LEU B 334 26.10 -7.48 0.79
N PHE B 335 26.02 -8.45 1.70
CA PHE B 335 25.09 -8.35 2.81
C PHE B 335 25.52 -7.31 3.85
N ASN B 336 26.81 -7.02 3.93
CA ASN B 336 27.29 -6.10 4.96
C ASN B 336 27.32 -4.65 4.53
N ILE B 337 27.42 -4.36 3.23
CA ILE B 337 27.48 -2.96 2.77
C ILE B 337 26.28 -2.14 3.23
N PRO B 338 25.03 -2.62 3.11
CA PRO B 338 23.90 -1.77 3.53
C PRO B 338 23.99 -1.25 4.96
N PHE B 339 24.26 -2.15 5.92
CA PHE B 339 24.32 -1.73 7.32
C PHE B 339 25.52 -0.84 7.59
N MET B 340 26.64 -1.08 6.89
CA MET B 340 27.80 -0.21 7.05
C MET B 340 27.51 1.19 6.55
N VAL B 341 26.77 1.31 5.44
CA VAL B 341 26.34 2.62 4.98
C VAL B 341 25.37 3.24 5.99
N PHE B 342 24.53 2.41 6.60
CA PHE B 342 23.60 2.90 7.61
C PHE B 342 24.33 3.47 8.82
N LYS B 343 25.44 2.84 9.22
CA LYS B 343 26.21 3.37 10.35
C LYS B 343 26.76 4.76 10.07
N SER B 344 26.92 5.12 8.80
CA SER B 344 27.42 6.43 8.41
C SER B 344 26.29 7.37 7.97
N LYS B 345 25.05 7.07 8.35
CA LYS B 345 23.90 7.80 7.83
C LYS B 345 23.96 9.27 8.22
N LEU B 346 23.45 10.12 7.33
CA LEU B 346 23.28 11.55 7.57
C LEU B 346 21.78 11.83 7.51
N ALA B 347 21.10 11.67 8.64
CA ALA B 347 19.68 11.94 8.69
C ALA B 347 19.40 13.42 8.43
N ASP B 348 18.42 13.69 7.59
CA ASP B 348 18.06 15.06 7.27
C ASP B 348 17.21 15.63 8.41
N MET B 349 17.72 16.70 9.04
CA MET B 349 17.00 17.29 10.17
C MET B 349 15.67 17.88 9.72
N GLY B 350 15.67 18.66 8.65
CA GLY B 350 14.44 19.25 8.16
C GLY B 350 14.53 20.76 7.99
N GLU B 351 13.48 21.47 8.39
CA GLU B 351 13.42 22.91 8.22
C GLU B 351 14.03 23.68 9.39
N GLY B 352 14.41 23.00 10.46
CA GLY B 352 15.02 23.63 11.62
C GLY B 352 14.08 23.66 12.81
N LEU B 353 14.65 24.06 13.94
CA LEU B 353 13.91 24.14 15.18
C LEU B 353 13.12 25.45 15.25
N VAL B 354 12.04 25.44 16.00
CA VAL B 354 11.15 26.58 16.14
C VAL B 354 11.59 27.41 17.34
N TYR B 355 11.85 28.69 17.11
CA TYR B 355 12.25 29.63 18.16
C TYR B 355 11.28 30.79 18.20
N THR B 356 10.94 31.23 19.41
CA THR B 356 9.98 32.31 19.62
C THR B 356 10.66 33.51 20.25
N LYS B 357 10.17 34.69 19.89
CA LYS B 357 10.60 35.97 20.47
C LYS B 357 9.38 36.72 21.00
N GLY B 358 8.55 36.01 21.75
CA GLY B 358 7.28 36.57 22.19
C GLY B 358 6.11 35.96 21.44
N LYS B 359 5.54 36.71 20.50
CA LYS B 359 4.44 36.21 19.68
C LYS B 359 4.92 35.68 18.33
N LEU B 360 5.88 36.34 17.71
CA LEU B 360 6.40 35.89 16.42
C LEU B 360 7.28 34.66 16.60
N THR B 361 7.45 33.91 15.51
CA THR B 361 8.23 32.69 15.51
C THR B 361 9.24 32.72 14.37
N ASP B 362 10.30 31.95 14.52
CA ASP B 362 11.33 31.84 13.49
C ASP B 362 11.76 30.38 13.36
N ARG B 363 12.35 30.07 12.21
CA ARG B 363 12.82 28.73 11.89
C ARG B 363 14.33 28.76 11.88
N LYS B 364 14.95 28.03 12.81
CA LYS B 364 16.39 28.11 12.97
C LYS B 364 17.01 26.71 12.99
N PRO B 365 18.15 26.52 12.34
CA PRO B 365 18.80 25.22 12.35
C PRO B 365 19.45 24.93 13.70
N LEU B 366 19.83 23.67 13.88
CA LEU B 366 20.49 23.25 15.11
C LEU B 366 21.91 23.79 15.14
N GLY B 367 22.24 24.53 16.20
CA GLY B 367 23.56 25.10 16.41
C GLY B 367 23.58 26.61 16.45
N GLU B 368 22.65 27.26 15.74
CA GLU B 368 22.61 28.71 15.72
C GLU B 368 22.29 29.28 17.10
N MET B 369 21.34 28.68 17.80
CA MET B 369 20.94 29.11 19.13
C MET B 369 20.91 27.93 20.07
N PRO B 370 21.10 28.16 21.37
CA PRO B 370 21.08 27.06 22.33
C PRO B 370 19.72 26.38 22.38
N SER B 371 19.74 25.07 22.60
CA SER B 371 18.53 24.26 22.68
C SER B 371 18.83 23.05 23.56
N GLU B 372 17.93 22.08 23.54
CA GLU B 372 18.12 20.84 24.29
C GLU B 372 18.83 19.76 23.50
N PHE B 373 19.23 20.06 22.26
CA PHE B 373 20.02 19.14 21.44
C PHE B 373 21.40 19.71 21.14
N ASP B 374 21.95 20.50 22.06
CA ASP B 374 23.25 21.11 21.84
C ASP B 374 24.38 20.08 21.85
N ASP B 375 24.13 18.88 22.34
CA ASP B 375 25.15 17.84 22.32
C ASP B 375 25.44 17.37 20.90
N LEU B 376 24.43 17.38 20.03
CA LEU B 376 24.56 16.85 18.68
C LEU B 376 25.04 17.88 17.67
N VAL B 377 25.45 19.07 18.13
CA VAL B 377 25.91 20.11 17.22
C VAL B 377 27.18 19.66 16.50
N ARG B 378 28.03 18.91 17.19
CA ARG B 378 29.29 18.47 16.60
C ARG B 378 29.07 17.46 15.47
N ASN B 379 27.86 16.91 15.35
CA ASN B 379 27.53 15.95 14.31
C ASN B 379 26.82 16.61 13.12
N VAL B 380 26.68 17.93 13.13
CA VAL B 380 25.96 18.64 12.08
C VAL B 380 26.86 18.75 10.85
N VAL B 381 26.39 18.19 9.73
CA VAL B 381 27.09 18.28 8.45
C VAL B 381 26.12 18.93 7.47
N GLY B 382 26.32 20.21 7.21
CA GLY B 382 25.39 20.95 6.37
C GLY B 382 24.02 21.00 7.04
N ASN B 383 22.99 20.56 6.32
CA ASN B 383 21.65 20.45 6.87
C ASN B 383 21.36 19.06 7.40
N SER B 384 22.30 18.14 7.29
CA SER B 384 22.16 16.78 7.81
C SER B 384 22.97 16.63 9.08
N ILE B 385 22.76 15.51 9.77
CA ILE B 385 23.40 15.24 11.05
C ILE B 385 23.84 13.79 11.10
N SER B 386 25.05 13.56 11.59
CA SER B 386 25.58 12.21 11.73
C SER B 386 24.91 11.49 12.89
N CYS B 387 24.71 10.17 12.72
CA CYS B 387 24.06 9.37 13.76
C CYS B 387 24.50 7.92 13.57
N ARG B 388 25.42 7.45 14.41
CA ARG B 388 25.88 6.07 14.35
C ARG B 388 24.97 5.12 15.12
N LEU B 389 24.75 5.39 16.40
CA LEU B 389 23.90 4.54 17.23
C LEU B 389 22.43 4.76 16.87
N GLY B 390 21.66 3.69 16.96
CA GLY B 390 20.23 3.78 16.72
C GLY B 390 19.88 3.70 15.24
N MET B 391 18.59 3.55 14.98
CA MET B 391 18.07 3.41 13.63
C MET B 391 16.90 4.36 13.43
N PHE B 392 16.24 4.24 12.28
CA PHE B 392 15.08 5.02 11.94
C PHE B 392 13.98 4.10 11.41
N MET B 393 12.73 4.50 11.63
CA MET B 393 11.60 3.71 11.18
C MET B 393 11.47 3.80 9.66
N GLY B 394 10.85 2.78 9.08
CA GLY B 394 10.68 2.69 7.65
C GLY B 394 11.82 2.00 6.93
N MET B 395 12.86 1.59 7.64
CA MET B 395 14.00 0.90 7.04
C MET B 395 14.34 -0.33 7.87
N TYR B 396 14.74 -1.40 7.18
CA TYR B 396 15.16 -2.65 7.82
C TYR B 396 14.09 -3.19 8.76
N ASN B 397 12.85 -3.17 8.30
CA ASN B 397 11.74 -3.66 9.11
C ASN B 397 11.85 -5.17 9.33
N LEU B 398 12.15 -5.92 8.27
CA LEU B 398 12.20 -7.37 8.39
C LEU B 398 13.50 -7.84 9.06
N THR B 399 14.61 -7.13 8.84
CA THR B 399 15.86 -7.51 9.48
C THR B 399 15.79 -7.29 10.99
N SER B 400 15.10 -6.23 11.42
CA SER B 400 14.91 -6.00 12.85
C SER B 400 14.11 -7.12 13.50
N THR B 401 13.16 -7.70 12.76
CA THR B 401 12.42 -8.84 13.28
C THR B 401 13.34 -10.03 13.51
N LEU B 402 14.29 -10.25 12.61
CA LEU B 402 15.24 -11.35 12.78
C LEU B 402 16.07 -11.17 14.03
N LEU B 403 16.51 -9.94 14.31
CA LEU B 403 17.28 -9.68 15.51
C LEU B 403 16.50 -9.96 16.79
N ALA B 404 15.17 -9.89 16.71
CA ALA B 404 14.32 -10.17 17.87
C ALA B 404 14.00 -11.65 18.03
N LEU B 405 14.41 -12.49 17.08
CA LEU B 405 14.14 -13.92 17.17
C LEU B 405 15.36 -14.76 17.49
N ILE B 406 16.57 -14.27 17.16
CA ILE B 406 17.77 -14.96 17.61
C ILE B 406 17.88 -14.89 19.12
N SER B 407 17.34 -13.83 19.73
CA SER B 407 17.38 -13.69 21.18
C SER B 407 16.53 -14.76 21.87
N ILE B 408 15.43 -15.16 21.26
CA ILE B 408 14.56 -16.18 21.82
C ILE B 408 15.24 -17.55 21.87
N GLU B 409 16.35 -17.72 21.16
CA GLU B 409 17.01 -19.01 21.02
C GLU B 409 17.92 -19.23 22.22
N ARG B 410 17.30 -19.61 23.34
CA ARG B 410 18.02 -19.92 24.56
C ARG B 410 17.42 -21.18 25.18
N GLU B 411 18.24 -21.88 25.97
CA GLU B 411 17.78 -23.10 26.61
C GLU B 411 16.74 -22.81 27.70
N GLU B 412 16.86 -21.68 28.38
CA GLU B 412 15.87 -21.32 29.40
C GLU B 412 14.51 -21.03 28.78
N LEU B 413 14.50 -20.35 27.63
CA LEU B 413 13.26 -19.96 26.97
C LEU B 413 12.71 -21.17 26.21
N THR B 414 11.77 -21.88 26.83
CA THR B 414 11.13 -23.04 26.21
C THR B 414 9.72 -22.73 25.73
N GLY B 415 9.32 -21.46 25.72
CA GLY B 415 8.00 -21.07 25.32
C GLY B 415 7.89 -20.78 23.83
N SER B 416 6.71 -20.28 23.44
CA SER B 416 6.41 -19.97 22.06
C SER B 416 6.37 -18.45 21.87
N HIS B 417 7.08 -17.96 20.85
CA HIS B 417 7.19 -16.53 20.59
C HIS B 417 6.72 -16.24 19.17
N VAL B 418 6.06 -15.09 19.00
CA VAL B 418 5.72 -14.56 17.69
C VAL B 418 6.12 -13.09 17.67
N GLU B 419 6.92 -12.71 16.68
CA GLU B 419 7.46 -11.37 16.58
C GLU B 419 7.03 -10.73 15.27
N SER B 420 6.63 -9.46 15.33
CA SER B 420 6.26 -8.71 14.14
C SER B 420 6.71 -7.26 14.35
N SER B 421 7.89 -6.94 13.85
CA SER B 421 8.49 -5.60 13.96
C SER B 421 8.62 -5.26 15.43
N ASP B 422 7.91 -4.25 15.95
CA ASP B 422 8.04 -3.84 17.34
C ASP B 422 6.96 -4.42 18.25
N ASP B 423 6.07 -5.27 17.72
CA ASP B 423 4.99 -5.85 18.52
C ASP B 423 5.18 -7.35 18.57
N PHE B 424 4.91 -7.94 19.74
CA PHE B 424 5.16 -9.36 19.94
C PHE B 424 4.13 -9.95 20.89
N ILE B 425 4.05 -11.27 20.87
CA ILE B 425 3.29 -12.03 21.86
C ILE B 425 4.09 -13.28 22.20
N HIS B 426 4.12 -13.64 23.48
CA HIS B 426 4.87 -14.80 23.94
C HIS B 426 3.96 -15.71 24.74
N PHE B 427 4.17 -17.01 24.61
CA PHE B 427 3.39 -18.03 25.29
C PHE B 427 4.31 -18.81 26.22
N PHE B 428 3.95 -18.89 27.50
CA PHE B 428 4.71 -19.65 28.48
C PHE B 428 3.96 -20.92 28.83
N ASN B 429 4.66 -22.05 28.77
CA ASN B 429 4.14 -23.35 29.22
C ASN B 429 5.12 -23.87 30.27
N CYS B 430 4.77 -23.68 31.53
CA CYS B 430 5.67 -23.94 32.64
C CYS B 430 5.03 -24.92 33.62
N LYS B 431 5.75 -25.18 34.71
CA LYS B 431 5.28 -26.06 35.78
C LYS B 431 5.01 -25.32 37.08
N THR B 432 5.81 -24.30 37.40
CA THR B 432 5.62 -23.48 38.58
C THR B 432 5.61 -22.02 38.19
N HIS B 433 4.95 -21.20 39.02
CA HIS B 433 4.88 -19.76 38.75
C HIS B 433 6.25 -19.11 38.85
N GLU B 434 7.08 -19.55 39.81
CA GLU B 434 8.40 -18.97 39.98
C GLU B 434 9.27 -19.21 38.75
N GLU B 435 9.23 -20.43 38.20
CA GLU B 435 9.99 -20.72 36.99
C GLU B 435 9.43 -19.96 35.79
N MET B 436 8.11 -19.73 35.76
CA MET B 436 7.53 -18.91 34.72
C MET B 436 8.05 -17.47 34.79
N PHE B 437 8.14 -16.92 36.00
CA PHE B 437 8.67 -15.57 36.15
C PHE B 437 10.15 -15.52 35.80
N LYS B 438 10.89 -16.58 36.12
CA LYS B 438 12.29 -16.66 35.70
C LYS B 438 12.40 -16.64 34.18
N GLN B 439 11.54 -17.39 33.49
CA GLN B 439 11.55 -17.38 32.04
C GLN B 439 11.16 -16.02 31.48
N ALA B 440 10.18 -15.37 32.11
CA ALA B 440 9.77 -14.04 31.66
C ALA B 440 10.90 -13.03 31.80
N GLU B 441 11.62 -13.08 32.92
CA GLU B 441 12.76 -12.18 33.11
C GLU B 441 13.89 -12.52 32.13
N THR B 442 14.10 -13.81 31.87
CA THR B 442 15.10 -14.20 30.87
C THR B 442 14.74 -13.66 29.50
N LEU B 443 13.44 -13.72 29.15
CA LEU B 443 12.98 -13.15 27.89
C LEU B 443 13.20 -11.64 27.85
N ARG B 444 12.94 -10.96 28.96
CA ARG B 444 13.12 -9.51 29.00
C ARG B 444 14.59 -9.14 28.83
N LEU B 445 15.49 -9.89 29.47
CA LEU B 445 16.91 -9.55 29.42
C LEU B 445 17.58 -9.99 28.12
N THR B 446 17.18 -11.13 27.54
CA THR B 446 17.83 -11.60 26.33
C THR B 446 17.54 -10.68 25.15
N LEU B 447 16.38 -10.03 25.14
CA LEU B 447 16.11 -9.00 24.14
C LEU B 447 16.97 -7.77 24.36
N LYS B 448 17.39 -7.51 25.59
CA LYS B 448 18.24 -6.38 25.91
C LYS B 448 19.69 -6.60 25.47
N LEU B 449 20.10 -7.85 25.26
CA LEU B 449 21.45 -8.15 24.81
C LEU B 449 21.69 -7.76 23.35
N VAL B 450 20.64 -7.48 22.59
CA VAL B 450 20.77 -7.04 21.21
C VAL B 450 20.27 -5.64 20.98
N GLY B 451 19.76 -4.96 22.00
CA GLY B 451 19.22 -3.63 21.86
C GLY B 451 17.73 -3.55 21.70
N ILE B 452 16.98 -4.48 22.28
CA ILE B 452 15.53 -4.52 22.16
C ILE B 452 14.94 -4.45 23.56
N ASN B 453 14.34 -3.31 23.90
CA ASN B 453 13.77 -3.08 25.22
C ASN B 453 12.25 -3.09 25.08
N MET B 454 11.61 -4.08 25.71
CA MET B 454 10.16 -4.11 25.73
C MET B 454 9.63 -3.05 26.69
N SER B 455 8.49 -2.46 26.35
CA SER B 455 7.94 -1.38 27.15
C SER B 455 7.40 -1.92 28.47
N PRO B 456 7.89 -1.46 29.62
CA PRO B 456 7.34 -1.95 30.89
C PRO B 456 5.85 -1.67 31.05
N SER B 457 5.38 -0.52 30.61
CA SER B 457 3.98 -0.13 30.79
C SER B 457 3.07 -0.68 29.71
N LYS B 458 3.60 -1.42 28.74
CA LYS B 458 2.82 -1.95 27.64
C LYS B 458 2.77 -3.47 27.60
N CYS B 459 3.62 -4.15 28.36
CA CYS B 459 3.65 -5.62 28.39
C CYS B 459 2.84 -6.12 29.57
N ILE B 460 1.90 -7.01 29.30
CA ILE B 460 1.01 -7.56 30.31
C ILE B 460 1.03 -9.08 30.21
N LEU B 461 1.18 -9.75 31.35
CA LEU B 461 1.26 -11.20 31.41
C LEU B 461 0.00 -11.75 32.10
N ILE B 462 -0.67 -12.69 31.44
CA ILE B 462 -1.87 -13.32 31.95
C ILE B 462 -1.51 -14.77 32.25
N SER B 463 -1.52 -15.15 33.52
CA SER B 463 -1.00 -16.46 33.93
C SER B 463 -1.96 -17.62 33.68
N PRO B 464 -3.23 -17.59 34.15
CA PRO B 464 -4.06 -18.80 34.07
C PRO B 464 -4.25 -19.35 32.66
N ALA B 465 -4.78 -18.54 31.75
CA ALA B 465 -5.15 -19.04 30.43
C ALA B 465 -4.98 -17.92 29.41
N GLY B 466 -5.62 -18.07 28.25
CA GLY B 466 -5.35 -17.22 27.11
C GLY B 466 -6.23 -15.99 26.93
N ILE B 467 -5.71 -14.83 27.30
CA ILE B 467 -6.27 -13.53 26.93
C ILE B 467 -5.12 -12.63 26.52
N GLY B 468 -5.06 -12.25 25.25
CA GLY B 468 -3.96 -11.43 24.78
C GLY B 468 -4.27 -10.81 23.45
N GLU B 469 -3.37 -9.92 23.02
CA GLU B 469 -3.50 -9.22 21.76
C GLU B 469 -2.16 -9.24 21.03
N PHE B 470 -2.23 -9.32 19.70
CA PHE B 470 -1.04 -9.32 18.85
C PHE B 470 -1.36 -8.58 17.57
N ASN B 471 -0.50 -7.65 17.18
CA ASN B 471 -0.75 -6.78 16.03
C ASN B 471 -2.12 -6.13 16.16
N SER B 472 -3.08 -6.61 15.36
CA SER B 472 -4.45 -6.14 15.43
C SER B 472 -5.40 -7.18 15.98
N LYS B 473 -4.99 -8.46 16.04
CA LYS B 473 -5.86 -9.50 16.54
C LYS B 473 -6.05 -9.38 18.05
N PHE B 474 -7.21 -9.83 18.52
CA PHE B 474 -7.48 -9.92 19.95
C PHE B 474 -7.91 -11.34 20.26
N HIS B 475 -7.23 -11.97 21.21
CA HIS B 475 -7.39 -13.39 21.50
C HIS B 475 -8.12 -13.56 22.83
N HIS B 476 -9.10 -14.46 22.85
CA HIS B 476 -9.80 -14.82 24.08
C HIS B 476 -10.18 -16.29 23.99
N ARG B 477 -9.59 -17.11 24.87
CA ARG B 477 -9.81 -18.56 24.92
C ARG B 477 -9.42 -19.15 23.57
N ASP B 478 -10.30 -19.87 22.87
CA ASP B 478 -9.95 -20.51 21.62
C ASP B 478 -10.22 -19.64 20.40
N PHE B 479 -10.77 -18.45 20.58
CA PHE B 479 -11.12 -17.58 19.47
C PHE B 479 -10.11 -16.44 19.34
N VAL B 480 -9.66 -16.19 18.13
CA VAL B 480 -8.83 -15.04 17.79
C VAL B 480 -9.61 -14.17 16.84
N GLY B 481 -9.86 -12.93 17.24
CA GLY B 481 -10.66 -12.03 16.43
C GLY B 481 -9.86 -10.86 15.88
N ASN B 482 -9.68 -10.84 14.55
CA ASN B 482 -8.97 -9.73 13.92
C ASN B 482 -9.84 -8.48 13.96
N VAL B 483 -9.26 -7.38 14.45
CA VAL B 483 -9.95 -6.10 14.53
C VAL B 483 -9.18 -5.11 13.68
N ALA B 484 -9.86 -4.51 12.71
CA ALA B 484 -9.20 -3.59 11.80
C ALA B 484 -8.74 -2.33 12.52
N THR B 485 -7.65 -1.75 12.02
CA THR B 485 -7.18 -0.47 12.52
C THR B 485 -7.85 0.70 11.80
N GLU B 486 -8.05 0.56 10.50
CA GLU B 486 -8.73 1.57 9.69
C GLU B 486 -9.99 0.95 9.08
N LEU B 487 -11.11 1.67 9.17
CA LEU B 487 -12.34 1.19 8.57
C LEU B 487 -12.21 1.19 7.05
N PRO B 488 -12.69 0.15 6.38
CA PRO B 488 -12.68 0.15 4.91
C PRO B 488 -13.40 1.38 4.36
N ALA B 489 -12.80 1.99 3.35
CA ALA B 489 -13.38 3.17 2.72
C ALA B 489 -14.61 2.74 1.93
N LEU B 490 -15.78 2.96 2.51
CA LEU B 490 -17.03 2.55 1.87
C LEU B 490 -17.46 3.58 0.85
N VAL B 491 -16.55 3.96 -0.04
CA VAL B 491 -16.81 4.95 -1.08
C VAL B 491 -16.22 4.47 -2.39
N PRO B 492 -16.76 4.94 -3.52
CA PRO B 492 -16.12 4.67 -4.81
C PRO B 492 -14.70 5.23 -4.85
N ASN B 493 -13.81 4.48 -5.49
CA ASN B 493 -12.42 4.90 -5.63
C ASN B 493 -12.18 5.74 -6.88
N GLY B 494 -13.22 6.40 -7.39
CA GLY B 494 -13.08 7.19 -8.59
C GLY B 494 -13.11 6.34 -9.86
N THR B 495 -12.42 6.83 -10.88
CA THR B 495 -12.31 6.15 -12.19
C THR B 495 -13.72 6.08 -12.76
N ASN B 496 -14.28 4.89 -12.99
CA ASN B 496 -15.59 4.73 -13.58
C ASN B 496 -16.49 3.87 -12.68
N PRO B 497 -17.82 4.01 -12.81
CA PRO B 497 -18.71 3.25 -11.91
C PRO B 497 -18.50 1.75 -11.94
N MET B 498 -18.25 1.18 -13.13
CA MET B 498 -18.14 -0.27 -13.24
C MET B 498 -16.94 -0.81 -12.47
N THR B 499 -15.78 -0.15 -12.58
CA THR B 499 -14.60 -0.67 -11.91
C THR B 499 -14.62 -0.41 -10.40
N ASP B 500 -15.08 0.76 -9.98
CA ASP B 500 -15.02 1.06 -8.55
C ASP B 500 -16.16 0.42 -7.76
N LEU B 501 -17.28 0.10 -8.42
CA LEU B 501 -18.25 -0.78 -7.77
C LEU B 501 -17.63 -2.12 -7.42
N ALA B 502 -16.92 -2.71 -8.38
CA ALA B 502 -16.23 -3.97 -8.13
C ALA B 502 -15.16 -3.81 -7.06
N MET B 503 -14.44 -2.68 -7.08
CA MET B 503 -13.43 -2.43 -6.05
C MET B 503 -14.05 -2.37 -4.66
N GLY B 504 -15.17 -1.67 -4.53
CA GLY B 504 -15.82 -1.58 -3.23
C GLY B 504 -16.35 -2.92 -2.75
N LEU B 505 -16.98 -3.67 -3.64
CA LEU B 505 -17.45 -5.01 -3.28
C LEU B 505 -16.28 -5.91 -2.87
N ASN B 506 -15.16 -5.81 -3.57
CA ASN B 506 -13.99 -6.62 -3.25
C ASN B 506 -13.40 -6.23 -1.90
N VAL B 507 -13.37 -4.94 -1.59
CA VAL B 507 -12.86 -4.51 -0.28
C VAL B 507 -13.77 -5.00 0.82
N ILE B 508 -15.08 -4.92 0.63
CA ILE B 508 -16.01 -5.44 1.65
C ILE B 508 -15.85 -6.94 1.81
N LYS B 509 -15.66 -7.66 0.69
CA LYS B 509 -15.45 -9.10 0.75
C LYS B 509 -14.17 -9.44 1.50
N HIS B 510 -13.10 -8.68 1.26
CA HIS B 510 -11.84 -8.90 1.96
C HIS B 510 -12.02 -8.64 3.46
N SER B 511 -12.75 -7.59 3.82
CA SER B 511 -13.00 -7.32 5.23
C SER B 511 -13.80 -8.43 5.88
N VAL B 512 -14.81 -8.96 5.17
CA VAL B 512 -15.60 -10.06 5.72
C VAL B 512 -14.76 -11.31 5.89
N ASN B 513 -13.92 -11.61 4.90
CA ASN B 513 -13.13 -12.83 4.93
C ASN B 513 -12.13 -12.83 6.07
N THR B 514 -11.56 -11.67 6.40
CA THR B 514 -10.61 -11.57 7.49
C THR B 514 -11.25 -11.74 8.86
N GLY B 515 -12.58 -11.77 8.94
CA GLY B 515 -13.28 -11.88 10.20
C GLY B 515 -13.65 -10.55 10.83
N GLN B 516 -13.22 -9.43 10.26
CA GLN B 516 -13.58 -8.13 10.80
C GLN B 516 -15.08 -7.90 10.72
N MET B 517 -15.70 -8.30 9.62
CA MET B 517 -17.13 -8.13 9.40
C MET B 517 -17.83 -9.48 9.42
N ASN B 518 -19.15 -9.43 9.37
CA ASN B 518 -19.97 -10.64 9.36
C ASN B 518 -21.22 -10.35 8.54
N LEU B 519 -22.26 -11.16 8.74
CA LEU B 519 -23.48 -11.05 7.93
C LEU B 519 -24.04 -9.64 7.95
N CYS B 520 -24.47 -9.18 9.12
CA CYS B 520 -25.15 -7.90 9.22
C CYS B 520 -24.18 -6.73 9.00
N THR B 521 -23.00 -6.80 9.59
CA THR B 521 -22.02 -5.72 9.39
C THR B 521 -21.61 -5.63 7.93
N GLY B 522 -21.38 -6.78 7.29
CA GLY B 522 -21.03 -6.75 5.88
C GLY B 522 -22.16 -6.20 5.01
N ALA B 523 -23.39 -6.60 5.28
CA ALA B 523 -24.51 -6.10 4.50
C ALA B 523 -24.73 -4.61 4.72
N LEU B 524 -24.57 -4.14 5.97
CA LEU B 524 -24.71 -2.71 6.24
C LEU B 524 -23.61 -1.91 5.56
N ALA B 525 -22.38 -2.43 5.57
CA ALA B 525 -21.29 -1.77 4.84
C ALA B 525 -21.59 -1.74 3.35
N MET B 526 -22.17 -2.82 2.83
CA MET B 526 -22.57 -2.86 1.42
C MET B 526 -23.60 -1.79 1.11
N ARG B 527 -24.60 -1.64 1.99
CA ARG B 527 -25.64 -0.65 1.75
C ARG B 527 -25.11 0.77 1.85
N ILE B 528 -24.24 1.03 2.82
CA ILE B 528 -23.63 2.36 2.94
C ILE B 528 -22.78 2.67 1.72
N PHE B 529 -21.97 1.71 1.27
CA PHE B 529 -21.15 1.91 0.09
C PHE B 529 -22.02 2.11 -1.14
N ASN B 530 -23.13 1.37 -1.25
CA ASN B 530 -24.01 1.52 -2.40
C ASN B 530 -24.66 2.89 -2.42
N HIS B 531 -25.06 3.39 -1.25
CA HIS B 531 -25.67 4.72 -1.20
C HIS B 531 -24.65 5.79 -1.56
N ALA B 532 -23.43 5.69 -1.03
CA ALA B 532 -22.38 6.64 -1.40
C ALA B 532 -22.01 6.52 -2.87
N TYR B 533 -22.12 5.31 -3.43
CA TYR B 533 -21.84 5.08 -4.85
C TYR B 533 -22.89 5.73 -5.73
N LYS B 534 -24.16 5.56 -5.38
CA LYS B 534 -25.23 6.19 -6.14
C LYS B 534 -25.20 7.70 -6.03
N TYR B 535 -24.78 8.23 -4.87
CA TYR B 535 -24.66 9.68 -4.76
C TYR B 535 -23.42 10.20 -5.48
N ALA B 536 -22.32 9.44 -5.47
CA ALA B 536 -21.05 9.92 -6.01
C ALA B 536 -21.08 10.02 -7.53
N TYR B 537 -22.03 9.39 -8.19
CA TYR B 537 -22.21 9.53 -9.64
C TYR B 537 -23.49 10.27 -9.98
N MET B 538 -24.04 11.01 -9.03
CA MET B 538 -25.17 11.92 -9.26
C MET B 538 -26.36 11.15 -9.84
N ALA B 539 -26.86 10.20 -9.04
CA ALA B 539 -27.99 9.38 -9.43
C ALA B 539 -29.04 9.25 -8.33
N LEU B 540 -28.83 9.87 -7.17
CA LEU B 540 -29.78 9.82 -6.07
C LEU B 540 -30.49 11.15 -5.92
N GLY B 541 -31.79 11.09 -5.66
CA GLY B 541 -32.58 12.31 -5.56
C GLY B 541 -32.96 12.86 -6.94
N VAL B 542 -33.17 14.17 -6.98
CA VAL B 542 -33.53 14.86 -8.22
C VAL B 542 -32.29 15.59 -8.71
N THR B 543 -31.64 15.04 -9.73
CA THR B 543 -30.42 15.59 -10.28
C THR B 543 -30.59 15.84 -11.77
N ARG B 544 -29.58 16.50 -12.36
CA ARG B 544 -29.62 16.77 -13.80
C ARG B 544 -29.64 15.48 -14.61
N ARG B 545 -28.78 14.52 -14.26
CA ARG B 545 -28.78 13.23 -14.93
C ARG B 545 -30.11 12.51 -14.73
N THR B 546 -30.58 12.46 -13.48
CA THR B 546 -31.87 11.83 -13.21
C THR B 546 -32.98 12.51 -13.99
N ARG B 547 -33.11 13.83 -13.86
CA ARG B 547 -34.17 14.54 -14.56
C ARG B 547 -34.02 14.39 -16.07
N PHE B 548 -32.81 14.08 -16.55
CA PHE B 548 -32.63 13.77 -17.97
C PHE B 548 -33.23 12.41 -18.31
N MET B 549 -33.09 11.43 -17.41
CA MET B 549 -33.57 10.09 -17.74
C MET B 549 -35.09 10.05 -17.90
N GLU B 550 -35.84 10.57 -16.91
CA GLU B 550 -37.30 10.52 -17.03
C GLU B 550 -37.87 11.55 -18.00
N GLU B 551 -37.07 12.48 -18.52
CA GLU B 551 -37.56 13.36 -19.57
C GLU B 551 -37.27 12.85 -20.98
N ASN B 552 -36.28 11.97 -21.13
CA ASN B 552 -36.02 11.29 -22.38
C ASN B 552 -36.55 9.85 -22.37
N ALA B 553 -37.34 9.48 -21.37
CA ALA B 553 -37.87 8.13 -21.22
C ALA B 553 -36.75 7.10 -21.17
N ILE B 554 -35.66 7.45 -20.49
CA ILE B 554 -34.51 6.56 -20.34
C ILE B 554 -34.70 5.83 -19.00
N THR B 555 -35.35 4.66 -19.06
CA THR B 555 -35.54 3.86 -17.86
C THR B 555 -34.18 3.41 -17.32
N PRO B 556 -34.01 3.37 -16.00
CA PRO B 556 -32.70 3.01 -15.43
C PRO B 556 -32.54 1.50 -15.30
N LEU B 557 -31.41 1.00 -15.77
CA LEU B 557 -31.13 -0.44 -15.76
C LEU B 557 -29.96 -0.84 -14.88
N LEU B 558 -29.03 0.07 -14.59
CA LEU B 558 -27.84 -0.26 -13.83
C LEU B 558 -27.89 0.41 -12.47
N THR B 559 -27.02 -0.05 -11.56
CA THR B 559 -26.94 0.52 -10.23
C THR B 559 -26.50 1.98 -10.28
N ASN B 560 -25.50 2.28 -11.11
CA ASN B 560 -25.05 3.67 -11.25
C ASN B 560 -26.12 4.56 -11.86
N GLN B 561 -27.12 3.98 -12.53
CA GLN B 561 -28.24 4.75 -13.07
C GLN B 561 -29.31 5.04 -12.02
N GLY B 562 -29.21 4.44 -10.83
CA GLY B 562 -30.20 4.63 -9.79
C GLY B 562 -31.20 3.50 -9.66
N ALA B 563 -31.05 2.43 -10.43
CA ALA B 563 -31.97 1.30 -10.34
C ALA B 563 -31.73 0.52 -9.05
N SER B 564 -32.60 -0.44 -8.80
CA SER B 564 -32.47 -1.29 -7.63
C SER B 564 -31.16 -2.07 -7.71
N PRO B 565 -30.50 -2.30 -6.58
CA PRO B 565 -29.21 -2.99 -6.62
C PRO B 565 -29.37 -4.47 -6.93
N VAL B 566 -28.50 -4.97 -7.81
CA VAL B 566 -28.54 -6.38 -8.19
C VAL B 566 -27.69 -7.26 -7.29
N HIS B 567 -26.74 -6.68 -6.56
CA HIS B 567 -25.84 -7.46 -5.73
C HIS B 567 -26.48 -7.79 -4.39
N SER B 568 -25.90 -8.77 -3.71
CA SER B 568 -26.33 -9.19 -2.39
C SER B 568 -25.08 -9.54 -1.58
N PHE B 569 -25.29 -9.96 -0.33
CA PHE B 569 -24.15 -10.37 0.49
C PHE B 569 -23.42 -11.55 -0.14
N SER B 570 -24.18 -12.52 -0.67
CA SER B 570 -23.61 -13.70 -1.31
C SER B 570 -23.19 -13.45 -2.73
N THR B 571 -23.16 -12.19 -3.18
CA THR B 571 -22.88 -11.87 -4.58
C THR B 571 -21.91 -10.70 -4.64
N MET B 572 -20.81 -10.77 -3.88
CA MET B 572 -19.78 -9.74 -3.95
C MET B 572 -18.76 -10.02 -5.04
N HIS B 573 -18.73 -11.24 -5.57
CA HIS B 573 -17.71 -11.67 -6.51
C HIS B 573 -18.20 -11.70 -7.95
N LEU B 574 -19.35 -11.11 -8.23
CA LEU B 574 -19.99 -11.22 -9.54
C LEU B 574 -20.18 -9.83 -10.15
N ASP B 575 -19.89 -9.74 -11.45
CA ASP B 575 -20.04 -8.47 -12.16
C ASP B 575 -21.52 -8.14 -12.35
N GLU B 576 -21.82 -6.85 -12.40
CA GLU B 576 -23.20 -6.39 -12.41
C GLU B 576 -23.93 -6.82 -13.69
N VAL B 577 -23.29 -6.64 -14.84
CA VAL B 577 -23.99 -6.84 -16.11
C VAL B 577 -24.33 -8.31 -16.31
N ALA B 578 -23.42 -9.21 -15.94
CA ALA B 578 -23.71 -10.64 -16.06
C ALA B 578 -24.87 -11.04 -15.16
N LEU B 579 -24.89 -10.51 -13.93
CA LEU B 579 -26.02 -10.75 -13.03
C LEU B 579 -27.32 -10.29 -13.65
N ARG B 580 -27.33 -9.07 -14.19
CA ARG B 580 -28.56 -8.51 -14.71
C ARG B 580 -29.02 -9.24 -15.96
N ARG B 581 -28.09 -9.74 -16.78
CA ARG B 581 -28.49 -10.59 -17.90
C ARG B 581 -29.06 -11.91 -17.42
N HIS B 582 -28.42 -12.53 -16.42
CA HIS B 582 -28.89 -13.83 -15.96
C HIS B 582 -30.27 -13.74 -15.33
N LEU B 583 -30.53 -12.67 -14.58
CA LEU B 583 -31.84 -12.46 -13.97
C LEU B 583 -32.81 -11.74 -14.88
N GLY B 584 -32.45 -11.49 -16.13
CA GLY B 584 -33.34 -10.85 -17.08
C GLY B 584 -33.67 -9.41 -16.77
N LEU B 585 -32.67 -8.62 -16.39
CA LEU B 585 -32.85 -7.19 -16.14
C LEU B 585 -32.43 -6.34 -17.34
N LEU B 586 -31.22 -6.52 -17.84
CA LEU B 586 -30.73 -5.79 -19.01
C LEU B 586 -31.31 -6.29 -20.31
N ASP B 587 -32.30 -7.20 -20.26
CA ASP B 587 -32.92 -7.82 -21.43
C ASP B 587 -31.90 -8.16 -22.50
N GLU B 588 -32.24 -7.93 -23.76
CA GLU B 588 -31.32 -8.23 -24.84
C GLU B 588 -31.04 -7.03 -25.74
N GLU B 589 -32.05 -6.22 -26.05
CA GLU B 589 -31.84 -5.08 -26.92
C GLU B 589 -30.92 -4.05 -26.30
N THR B 590 -31.15 -3.71 -25.02
CA THR B 590 -30.25 -2.79 -24.33
C THR B 590 -28.89 -3.41 -24.09
N LEU B 591 -28.83 -4.75 -23.99
CA LEU B 591 -27.55 -5.42 -23.78
C LEU B 591 -26.61 -5.19 -24.95
N ARG B 592 -27.12 -5.32 -26.18
CA ARG B 592 -26.28 -5.13 -27.35
C ARG B 592 -25.74 -3.71 -27.42
N ARG B 593 -26.59 -2.73 -27.09
CA ARG B 593 -26.24 -1.34 -27.29
C ARG B 593 -25.19 -0.87 -26.29
N ILE B 594 -25.27 -1.33 -25.03
CA ILE B 594 -24.34 -0.85 -24.02
C ILE B 594 -22.98 -1.51 -24.15
N LEU B 595 -22.91 -2.72 -24.71
CA LEU B 595 -21.65 -3.44 -24.85
C LEU B 595 -21.12 -3.41 -26.29
N ASN B 596 -21.55 -2.45 -27.08
CA ASN B 596 -21.08 -2.34 -28.46
C ASN B 596 -19.63 -1.88 -28.43
N PRO B 597 -18.69 -2.63 -29.01
CA PRO B 597 -17.28 -2.26 -28.90
C PRO B 597 -16.93 -0.93 -29.55
N ASN B 598 -17.68 -0.49 -30.57
CA ASN B 598 -17.36 0.74 -31.29
C ASN B 598 -18.08 1.95 -30.72
N ASN B 599 -18.37 1.95 -29.42
CA ASN B 599 -19.06 3.06 -28.80
C ASN B 599 -18.19 4.31 -28.77
N PRO B 600 -18.81 5.50 -28.87
CA PRO B 600 -18.02 6.73 -28.85
C PRO B 600 -17.27 6.96 -27.55
N VAL B 601 -17.81 6.51 -26.42
CA VAL B 601 -17.25 6.86 -25.12
C VAL B 601 -15.90 6.20 -24.89
N THR B 602 -15.76 4.92 -25.27
CA THR B 602 -14.55 4.17 -25.01
C THR B 602 -13.62 4.13 -26.23
N GLN B 603 -14.11 3.63 -27.35
CA GLN B 603 -13.28 3.52 -28.55
C GLN B 603 -14.14 3.51 -29.82
N ILE B 620 -6.23 -2.13 -12.44
CA ILE B 620 -5.91 -3.08 -13.48
C ILE B 620 -5.38 -4.38 -12.87
N MET B 621 -5.53 -4.52 -11.55
CA MET B 621 -5.02 -5.70 -10.86
C MET B 621 -6.11 -6.74 -10.61
N GLU B 622 -7.28 -6.31 -10.15
CA GLU B 622 -8.40 -7.21 -9.91
C GLU B 622 -9.71 -6.57 -10.36
N ASP B 623 -9.69 -5.91 -11.52
CA ASP B 623 -10.85 -5.15 -11.96
C ASP B 623 -12.06 -6.06 -12.17
N TYR B 624 -11.89 -7.10 -12.98
CA TYR B 624 -12.94 -8.08 -13.28
C TYR B 624 -14.24 -7.39 -13.68
N SER B 625 -14.14 -6.47 -14.64
CA SER B 625 -15.29 -5.76 -15.17
C SER B 625 -15.21 -5.73 -16.68
N VAL B 626 -16.39 -5.76 -17.32
CA VAL B 626 -16.48 -5.84 -18.77
C VAL B 626 -16.23 -4.47 -19.38
N PRO B 627 -15.75 -4.40 -20.62
CA PRO B 627 -15.67 -3.11 -21.33
C PRO B 627 -17.02 -2.75 -21.92
N SER B 628 -17.62 -1.68 -21.41
CA SER B 628 -18.93 -1.24 -21.85
C SER B 628 -18.92 0.27 -22.00
N CYS B 629 -20.10 0.85 -22.24
CA CYS B 629 -20.19 2.30 -22.39
C CYS B 629 -19.94 3.02 -21.07
N PHE B 630 -20.31 2.41 -19.94
CA PHE B 630 -20.06 2.99 -18.64
C PHE B 630 -18.62 2.76 -18.16
N LYS B 631 -17.79 2.11 -18.96
CA LYS B 631 -16.35 2.00 -18.68
C LYS B 631 -15.62 3.16 -19.36
N TYR B 632 -15.92 4.37 -18.87
CA TYR B 632 -15.34 5.59 -19.40
C TYR B 632 -14.28 6.12 -18.44
N THR B 633 -13.74 7.29 -18.75
CA THR B 633 -12.76 7.95 -17.91
C THR B 633 -13.13 9.43 -17.79
N LEU B 634 -12.68 10.04 -16.69
CA LEU B 634 -12.97 11.43 -16.42
C LEU B 634 -11.85 12.33 -16.95
N SER B 635 -12.11 13.63 -16.97
CA SER B 635 -11.16 14.62 -17.44
C SER B 635 -10.53 15.30 -16.23
N ARG B 636 -9.19 15.28 -16.18
CA ARG B 636 -8.46 15.89 -15.09
C ARG B 636 -7.97 17.29 -15.46
N HIS B 645 11.58 21.34 -13.13
CA HIS B 645 10.59 20.28 -12.95
C HIS B 645 9.81 20.02 -14.23
N LYS B 646 9.57 21.07 -15.01
CA LYS B 646 8.83 20.94 -16.26
C LYS B 646 9.63 20.24 -17.34
N ALA B 647 10.94 20.09 -17.18
CA ALA B 647 11.76 19.40 -18.16
C ALA B 647 11.52 17.90 -18.18
N LEU B 648 10.74 17.37 -17.24
CA LEU B 648 10.47 15.94 -17.20
C LEU B 648 9.25 15.53 -18.03
N LEU B 649 8.32 16.46 -18.28
CA LEU B 649 7.06 16.11 -18.93
C LEU B 649 7.28 15.52 -20.32
N ASN B 650 8.13 16.17 -21.12
CA ASN B 650 8.43 15.65 -22.44
C ASN B 650 9.09 14.28 -22.35
N LYS B 651 9.92 14.06 -21.33
CA LYS B 651 10.51 12.74 -21.13
C LYS B 651 9.45 11.69 -20.81
N GLU B 652 8.44 12.07 -20.01
CA GLU B 652 7.33 11.16 -19.74
C GLU B 652 6.62 10.79 -21.02
N GLU B 653 6.37 11.78 -21.88
CA GLU B 653 5.66 11.51 -23.13
C GLU B 653 6.49 10.65 -24.08
N ARG B 654 7.80 10.91 -24.15
CA ARG B 654 8.67 10.09 -24.98
C ARG B 654 8.70 8.64 -24.49
N TYR B 655 8.81 8.45 -23.18
CA TYR B 655 8.79 7.10 -22.62
C TYR B 655 7.44 6.43 -22.87
N GLN B 656 6.34 7.19 -22.78
CA GLN B 656 5.03 6.63 -23.05
C GLN B 656 4.89 6.18 -24.49
N ARG B 657 5.40 6.97 -25.44
CA ARG B 657 5.31 6.58 -26.84
C ARG B 657 6.19 5.36 -27.13
N VAL B 658 7.40 5.32 -26.56
CA VAL B 658 8.24 4.13 -26.74
C VAL B 658 7.59 2.91 -26.10
N THR B 659 6.89 3.10 -24.99
CA THR B 659 6.12 2.01 -24.40
C THR B 659 5.02 1.54 -25.35
N SER B 660 4.33 2.49 -25.97
CA SER B 660 3.22 2.15 -26.87
C SER B 660 3.70 1.34 -28.06
N ILE B 661 4.83 1.74 -28.66
CA ILE B 661 5.33 1.00 -29.82
C ILE B 661 5.79 -0.40 -29.41
N ILE B 662 6.39 -0.53 -28.22
CA ILE B 662 6.80 -1.86 -27.75
C ILE B 662 5.58 -2.71 -27.42
N ASN B 663 4.53 -2.10 -26.86
CA ASN B 663 3.36 -2.85 -26.43
C ASN B 663 2.68 -3.56 -27.60
N LYS B 664 2.78 -3.02 -28.81
CA LYS B 664 2.13 -3.59 -29.98
C LYS B 664 3.03 -4.53 -30.77
N LEU B 665 4.29 -4.17 -30.97
CA LEU B 665 5.19 -5.03 -31.73
C LEU B 665 5.56 -6.28 -30.95
N PHE B 666 5.60 -6.20 -29.62
CA PHE B 666 5.88 -7.36 -28.77
C PHE B 666 4.62 -7.77 -28.03
N PRO B 667 3.90 -8.79 -28.50
CA PRO B 667 2.76 -9.31 -27.72
C PRO B 667 3.17 -10.12 -26.50
N GLU B 668 4.43 -10.49 -26.38
CA GLU B 668 4.91 -11.29 -25.26
C GLU B 668 5.42 -10.44 -24.11
N VAL B 669 5.43 -9.11 -24.24
CA VAL B 669 6.02 -8.26 -23.23
C VAL B 669 5.04 -7.98 -22.08
N LEU B 670 3.77 -8.27 -22.27
CA LEU B 670 2.78 -8.19 -21.19
C LEU B 670 2.69 -9.45 -20.37
N ILE B 671 2.78 -10.62 -21.01
CA ILE B 671 2.69 -11.89 -20.29
C ILE B 671 3.87 -12.06 -19.35
N GLN B 672 5.08 -11.75 -19.83
CA GLN B 672 6.28 -11.88 -19.01
C GLN B 672 7.05 -10.57 -19.00
N GLU B 673 8.25 -10.58 -18.44
CA GLU B 673 9.08 -9.39 -18.38
C GLU B 673 10.05 -9.35 -19.55
N ALA B 674 10.37 -8.14 -20.00
CA ALA B 674 11.22 -7.94 -21.16
C ALA B 674 12.63 -8.44 -20.87
N SER B 675 13.00 -9.55 -21.50
CA SER B 675 14.32 -10.16 -21.31
C SER B 675 14.89 -10.46 -22.69
N ALA B 676 15.68 -9.53 -23.21
CA ALA B 676 16.32 -9.70 -24.51
C ALA B 676 17.52 -8.77 -24.64
N PRO B 677 18.70 -9.29 -24.97
CA PRO B 677 19.87 -8.43 -25.16
C PRO B 677 19.67 -7.46 -26.32
N GLY B 678 20.25 -6.28 -26.19
CA GLY B 678 20.14 -5.24 -27.18
C GLY B 678 19.32 -4.07 -26.67
N THR B 679 19.37 -2.98 -27.45
CA THR B 679 18.64 -1.78 -27.10
C THR B 679 17.22 -1.83 -27.68
N VAL B 680 16.45 -0.78 -27.41
CA VAL B 680 15.07 -0.72 -27.89
C VAL B 680 15.04 -0.61 -29.41
N ARG B 681 15.94 0.20 -29.98
CA ARG B 681 15.92 0.46 -31.42
C ARG B 681 16.11 -0.82 -32.22
N GLU B 682 17.18 -1.57 -31.93
CA GLU B 682 17.48 -2.77 -32.69
C GLU B 682 16.41 -3.84 -32.47
N SER B 683 15.94 -4.00 -31.23
CA SER B 683 14.92 -5.00 -30.96
C SER B 683 13.64 -4.69 -31.74
N LEU B 684 13.20 -3.43 -31.71
CA LEU B 684 11.99 -3.06 -32.44
C LEU B 684 12.18 -3.22 -33.94
N LYS B 685 13.35 -2.83 -34.47
CA LYS B 685 13.58 -2.95 -35.90
C LYS B 685 13.57 -4.41 -36.34
N ARG B 686 14.25 -5.28 -35.58
CA ARG B 686 14.28 -6.69 -35.95
C ARG B 686 12.90 -7.32 -35.82
N ARG B 687 12.12 -6.93 -34.82
CA ARG B 687 10.77 -7.47 -34.70
C ARG B 687 9.88 -6.99 -35.83
N LEU B 688 10.06 -5.73 -36.26
CA LEU B 688 9.31 -5.24 -37.42
C LEU B 688 9.66 -6.03 -38.66
N GLU B 689 10.96 -6.27 -38.90
CA GLU B 689 11.37 -7.05 -40.06
C GLU B 689 10.80 -8.47 -39.98
N LEU B 690 10.85 -9.08 -38.81
CA LEU B 690 10.35 -10.45 -38.65
C LEU B 690 8.85 -10.52 -38.89
N VAL B 691 8.08 -9.56 -38.36
CA VAL B 691 6.63 -9.62 -38.52
C VAL B 691 6.24 -9.30 -39.96
N VAL B 692 7.01 -8.46 -40.65
CA VAL B 692 6.69 -8.19 -42.06
C VAL B 692 7.02 -9.41 -42.92
N GLU B 693 8.18 -10.03 -42.68
CA GLU B 693 8.59 -11.17 -43.49
C GLU B 693 7.71 -12.40 -43.29
N ARG B 694 6.97 -12.47 -42.19
CA ARG B 694 6.07 -13.58 -41.94
C ARG B 694 4.65 -13.31 -42.43
N SER B 695 4.39 -12.13 -43.00
CA SER B 695 3.06 -11.80 -43.47
C SER B 695 2.73 -12.58 -44.75
N ASP B 696 1.44 -12.63 -45.07
CA ASP B 696 0.97 -13.32 -46.26
C ASP B 696 1.31 -12.57 -47.54
N LEU B 697 1.78 -11.33 -47.45
CA LEU B 697 2.13 -10.56 -48.63
C LEU B 697 3.30 -11.19 -49.37
N ASP B 698 3.35 -10.94 -50.67
CA ASP B 698 4.44 -11.47 -51.49
C ASP B 698 5.75 -10.73 -51.19
N GLU B 699 6.84 -11.27 -51.71
CA GLU B 699 8.17 -10.77 -51.36
C GLU B 699 8.39 -9.34 -51.86
N GLU B 700 7.79 -8.98 -52.99
CA GLU B 700 7.97 -7.62 -53.50
C GLU B 700 7.35 -6.59 -52.54
N ARG B 701 6.16 -6.88 -52.02
CA ARG B 701 5.60 -6.01 -50.98
C ARG B 701 6.43 -6.05 -49.71
N LYS B 702 7.06 -7.19 -49.42
CA LYS B 702 7.93 -7.27 -48.24
C LYS B 702 9.09 -6.30 -48.36
N LYS B 703 9.79 -6.30 -49.51
CA LYS B 703 10.89 -5.37 -49.66
C LYS B 703 10.40 -3.93 -49.80
N ARG B 704 9.20 -3.74 -50.36
CA ARG B 704 8.61 -2.40 -50.39
C ARG B 704 8.42 -1.86 -48.98
N ILE B 705 7.93 -2.69 -48.06
CA ILE B 705 7.73 -2.26 -46.68
C ILE B 705 9.08 -2.05 -45.99
N LEU B 706 10.04 -2.95 -46.22
CA LEU B 706 11.36 -2.80 -45.61
C LEU B 706 12.11 -1.58 -46.12
N SER B 707 11.81 -1.10 -47.33
CA SER B 707 12.51 0.04 -47.89
C SER B 707 12.24 1.33 -47.12
N ARG B 708 11.11 1.43 -46.42
CA ARG B 708 10.73 2.64 -45.73
C ARG B 708 11.02 2.59 -44.23
N ILE B 709 11.75 1.58 -43.77
CA ILE B 709 12.11 1.45 -42.36
C ILE B 709 13.47 2.11 -42.15
N PHE B 710 13.52 3.11 -41.28
CA PHE B 710 14.76 3.81 -40.96
C PHE B 710 14.66 4.55 -39.63
N GLU C 10 -1.09 -5.53 -45.15
CA GLU C 10 -2.18 -4.88 -44.43
C GLU C 10 -1.73 -3.54 -43.87
N CYS C 11 -2.70 -2.63 -43.68
CA CYS C 11 -2.38 -1.26 -43.27
C CYS C 11 -1.72 -1.23 -41.90
N THR C 12 -1.91 -2.27 -41.09
CA THR C 12 -1.28 -2.31 -39.78
C THR C 12 0.23 -2.30 -39.88
N LEU C 13 0.79 -2.96 -40.90
CA LEU C 13 2.24 -2.98 -41.06
C LEU C 13 2.79 -1.59 -41.31
N ARG C 14 2.19 -0.85 -42.25
CA ARG C 14 2.63 0.52 -42.49
C ARG C 14 2.38 1.41 -41.29
N ALA C 15 1.32 1.14 -40.52
CA ALA C 15 1.09 1.90 -39.29
C ALA C 15 2.23 1.70 -38.30
N LEU C 16 2.64 0.44 -38.11
CA LEU C 16 3.77 0.17 -37.23
C LEU C 16 5.05 0.81 -37.75
N VAL C 17 5.28 0.75 -39.06
CA VAL C 17 6.49 1.35 -39.62
C VAL C 17 6.52 2.86 -39.40
N GLU C 18 5.39 3.54 -39.66
CA GLU C 18 5.37 4.99 -39.49
C GLU C 18 5.48 5.38 -38.02
N GLU C 19 4.88 4.61 -37.12
CA GLU C 19 5.02 4.91 -35.70
C GLU C 19 6.45 4.69 -35.23
N TYR C 20 7.11 3.63 -35.74
CA TYR C 20 8.52 3.41 -35.44
C TYR C 20 9.38 4.57 -35.93
N ASN C 21 9.13 5.04 -37.16
CA ASN C 21 9.90 6.16 -37.68
C ASN C 21 9.67 7.42 -36.86
N GLY C 22 8.42 7.67 -36.46
CA GLY C 22 8.14 8.83 -35.61
C GLY C 22 8.82 8.74 -34.26
N ALA C 23 8.81 7.56 -33.65
CA ALA C 23 9.48 7.37 -32.36
C ALA C 23 10.98 7.57 -32.49
N CYS C 24 11.59 7.05 -33.56
CA CYS C 24 13.01 7.24 -33.77
C CYS C 24 13.36 8.71 -34.01
N LYS C 25 12.54 9.42 -34.78
CA LYS C 25 12.83 10.82 -35.07
C LYS C 25 12.64 11.70 -33.85
N GLU C 26 11.53 11.53 -33.13
CA GLU C 26 11.20 12.43 -32.02
C GLU C 26 12.03 12.14 -30.78
N ALA C 27 12.43 10.89 -30.56
CA ALA C 27 13.09 10.48 -29.33
C ALA C 27 14.39 9.76 -29.65
N PRO C 28 15.45 10.52 -29.98
CA PRO C 28 16.74 9.87 -30.31
C PRO C 28 17.36 9.11 -29.13
N LYS C 29 17.55 9.79 -28.00
CA LYS C 29 18.17 9.16 -26.84
C LYS C 29 17.26 8.11 -26.22
N GLU C 30 15.95 8.32 -26.28
CA GLU C 30 15.02 7.39 -25.65
C GLU C 30 15.08 6.01 -26.30
N MET C 31 15.20 5.98 -27.64
CA MET C 31 15.30 4.72 -28.35
C MET C 31 16.60 3.98 -28.07
N SER C 32 17.64 4.69 -27.61
CA SER C 32 18.94 4.08 -27.37
C SER C 32 19.01 3.33 -26.05
N LYS C 33 17.98 3.41 -25.22
CA LYS C 33 17.96 2.68 -23.96
C LYS C 33 17.86 1.18 -24.23
N GLN C 34 18.27 0.41 -23.23
CA GLN C 34 18.25 -1.05 -23.35
C GLN C 34 16.80 -1.55 -23.38
N PHE C 35 16.59 -2.66 -24.10
CA PHE C 35 15.25 -3.24 -24.18
C PHE C 35 14.78 -3.74 -22.82
N THR C 36 15.69 -4.33 -22.03
CA THR C 36 15.33 -4.82 -20.71
C THR C 36 14.94 -3.70 -19.75
N ASP C 37 15.23 -2.44 -20.09
CA ASP C 37 14.81 -1.32 -19.28
C ASP C 37 13.29 -1.09 -19.34
N TYR C 38 12.58 -1.79 -20.22
CA TYR C 38 11.14 -1.63 -20.33
C TYR C 38 10.45 -1.84 -18.99
N ASN C 39 10.88 -2.85 -18.24
CA ASN C 39 10.29 -3.10 -16.93
C ASN C 39 10.53 -1.95 -15.97
N THR C 40 11.48 -1.06 -16.28
CA THR C 40 11.73 0.13 -15.48
C THR C 40 10.90 1.32 -15.95
N PHE C 41 10.95 1.64 -17.24
CA PHE C 41 10.27 2.85 -17.72
C PHE C 41 8.84 2.59 -18.19
N LYS C 42 8.29 1.40 -17.96
CA LYS C 42 6.88 1.20 -18.21
C LYS C 42 5.99 2.00 -17.27
N ARG C 43 6.53 2.42 -16.11
CA ARG C 43 5.77 3.12 -15.09
C ARG C 43 6.28 4.54 -14.86
N TYR C 44 6.98 5.12 -15.83
CA TYR C 44 7.52 6.47 -15.71
C TYR C 44 6.37 7.47 -15.75
N THR C 45 6.01 8.03 -14.60
CA THR C 45 4.92 8.99 -14.51
C THR C 45 5.13 9.86 -13.28
N THR C 46 4.84 11.16 -13.43
CA THR C 46 4.90 12.10 -12.32
C THR C 46 3.55 12.28 -11.61
N SER C 47 2.70 11.26 -11.65
CA SER C 47 1.39 11.32 -11.02
C SER C 47 1.33 10.35 -9.84
N LYS C 48 0.72 10.81 -8.75
CA LYS C 48 0.60 10.00 -7.56
C LYS C 48 -0.78 9.36 -7.46
N HIS C 51 -6.11 10.89 -0.25
CA HIS C 51 -5.41 10.46 -1.44
C HIS C 51 -6.36 9.72 -2.37
N ALA C 52 -5.92 9.47 -3.60
CA ALA C 52 -6.63 8.72 -4.63
C ALA C 52 -7.83 9.51 -5.17
N PRO C 53 -8.17 9.34 -6.45
CA PRO C 53 -9.33 10.03 -7.03
C PRO C 53 -10.64 9.88 -6.27
N GLN C 54 -10.67 9.01 -5.25
CA GLN C 54 -11.87 8.84 -4.44
C GLN C 54 -12.28 10.14 -3.75
N MET C 55 -11.33 11.02 -3.49
CA MET C 55 -11.57 12.27 -2.79
C MET C 55 -12.01 13.39 -3.74
N ARG C 56 -11.93 13.16 -5.05
CA ARG C 56 -12.32 14.16 -6.04
C ARG C 56 -13.38 13.69 -7.01
N LEU C 57 -13.82 12.43 -6.92
CA LEU C 57 -14.80 11.90 -7.87
C LEU C 57 -16.13 12.63 -7.79
N VAL C 58 -16.56 12.97 -6.57
CA VAL C 58 -17.87 13.59 -6.38
C VAL C 58 -17.95 14.93 -7.11
N TYR C 59 -16.85 15.69 -7.12
CA TYR C 59 -16.81 16.94 -7.87
C TYR C 59 -16.50 16.73 -9.35
N SER C 60 -15.73 15.70 -9.68
CA SER C 60 -15.40 15.45 -11.08
C SER C 60 -16.63 15.06 -11.88
N VAL C 61 -17.51 14.25 -11.29
CA VAL C 61 -18.73 13.86 -11.99
C VAL C 61 -19.65 15.06 -12.21
N ARG C 62 -19.67 16.00 -11.27
CA ARG C 62 -20.52 17.17 -11.36
C ARG C 62 -19.87 18.33 -12.10
N LYS C 63 -18.67 18.12 -12.63
CA LYS C 63 -18.09 19.08 -13.55
C LYS C 63 -19.02 19.22 -14.77
N PRO C 64 -19.15 20.42 -15.34
CA PRO C 64 -20.09 20.58 -16.46
C PRO C 64 -19.81 19.69 -17.66
N TRP C 65 -18.54 19.36 -17.92
CA TRP C 65 -18.17 18.51 -19.05
C TRP C 65 -17.20 17.43 -18.56
N PRO C 66 -17.70 16.47 -17.77
CA PRO C 66 -16.79 15.51 -17.13
C PRO C 66 -16.12 14.53 -18.08
N ILE C 67 -16.93 13.90 -18.93
CA ILE C 67 -16.45 12.77 -19.74
C ILE C 67 -15.70 13.29 -20.95
N SER C 68 -14.50 12.75 -21.17
CA SER C 68 -13.71 13.05 -22.36
C SER C 68 -14.00 11.97 -23.40
N MET C 69 -14.57 12.37 -24.52
CA MET C 69 -15.03 11.46 -25.56
C MET C 69 -14.30 11.74 -26.87
N THR C 70 -13.89 10.67 -27.55
CA THR C 70 -13.28 10.81 -28.86
C THR C 70 -14.33 11.26 -29.89
N PRO C 71 -13.92 11.99 -30.92
CA PRO C 71 -14.88 12.40 -31.95
C PRO C 71 -15.58 11.20 -32.57
N SER C 72 -16.90 11.29 -32.66
CA SER C 72 -17.73 10.23 -33.22
C SER C 72 -19.07 10.82 -33.62
N LYS C 73 -20.04 9.95 -33.92
CA LYS C 73 -21.37 10.39 -34.32
C LYS C 73 -22.26 10.43 -33.09
N GLU C 74 -22.29 11.59 -32.44
CA GLU C 74 -23.15 11.82 -31.29
C GLU C 74 -23.88 13.15 -31.48
N ILE C 75 -25.19 13.13 -31.30
CA ILE C 75 -25.98 14.35 -31.47
C ILE C 75 -25.60 15.35 -30.39
N PRO C 76 -25.36 16.62 -30.73
CA PRO C 76 -24.99 17.58 -29.67
C PRO C 76 -26.17 18.01 -28.81
N LEU C 77 -27.34 18.22 -29.41
CA LEU C 77 -28.52 18.70 -28.69
C LEU C 77 -29.67 17.75 -28.96
N VAL C 78 -30.12 17.06 -27.93
CA VAL C 78 -31.34 16.25 -27.98
C VAL C 78 -32.21 16.62 -26.78
N PHE C 79 -33.42 17.10 -27.06
CA PHE C 79 -34.32 17.59 -26.02
C PHE C 79 -33.62 18.60 -25.11
N ASN C 80 -32.92 19.56 -25.74
CA ASN C 80 -32.08 20.52 -25.06
C ASN C 80 -31.01 19.80 -24.23
N GLY C 81 -30.14 19.09 -24.95
CA GLY C 81 -29.14 18.24 -24.32
C GLY C 81 -27.78 18.87 -24.12
N THR C 82 -27.34 19.66 -25.09
CA THR C 82 -25.99 20.26 -25.15
C THR C 82 -24.92 19.29 -24.66
N LYS C 83 -24.85 18.16 -25.36
CA LYS C 83 -23.99 17.04 -24.98
C LYS C 83 -22.77 16.89 -25.87
N LEU C 84 -22.44 17.89 -26.68
CA LEU C 84 -21.23 17.84 -27.50
C LEU C 84 -20.75 19.27 -27.71
N LYS C 85 -19.48 19.53 -27.38
CA LYS C 85 -18.91 20.86 -27.47
C LYS C 85 -17.87 21.01 -28.59
N ASP C 86 -17.40 19.89 -29.15
CA ASP C 86 -16.30 19.83 -30.13
C ASP C 86 -15.34 21.03 -30.08
N THR C 97 -11.86 15.90 -27.17
CA THR C 97 -13.06 16.65 -26.83
C THR C 97 -13.63 16.19 -25.49
N ARG C 98 -14.71 16.83 -25.06
CA ARG C 98 -15.38 16.49 -23.81
C ARG C 98 -16.86 16.25 -24.07
N ALA C 99 -17.46 15.39 -23.25
CA ALA C 99 -18.84 15.00 -23.39
C ALA C 99 -19.60 15.27 -22.08
N ASN C 100 -20.85 14.86 -22.05
CA ASN C 100 -21.73 15.06 -20.91
C ASN C 100 -21.86 13.77 -20.12
N ILE C 101 -22.27 13.90 -18.86
CA ILE C 101 -22.40 12.74 -17.98
C ILE C 101 -23.53 11.80 -18.42
N VAL C 102 -24.45 12.29 -19.26
CA VAL C 102 -25.63 11.50 -19.64
C VAL C 102 -25.45 10.78 -20.96
N VAL C 103 -24.34 10.98 -21.67
CA VAL C 103 -24.14 10.32 -22.95
C VAL C 103 -23.96 8.80 -22.80
N PRO C 104 -23.42 8.27 -21.68
CA PRO C 104 -23.50 6.80 -21.51
C PRO C 104 -24.93 6.30 -21.42
N ASP C 105 -25.83 7.07 -20.80
CA ASP C 105 -27.24 6.67 -20.74
C ASP C 105 -27.94 6.89 -22.07
N TYR C 106 -27.50 7.88 -22.85
CA TYR C 106 -27.96 7.99 -24.23
C TYR C 106 -27.53 6.78 -25.05
N TRP C 107 -26.36 6.23 -24.75
CA TRP C 107 -25.89 5.04 -25.44
C TRP C 107 -26.54 3.77 -24.89
N SER C 108 -27.63 3.87 -24.13
CA SER C 108 -28.40 2.72 -23.70
C SER C 108 -29.79 2.67 -24.33
N LYS C 109 -30.17 3.70 -25.08
CA LYS C 109 -31.48 3.75 -25.73
C LYS C 109 -31.40 4.82 -26.81
N TYR C 110 -31.94 4.49 -27.99
CA TYR C 110 -31.77 5.30 -29.20
C TYR C 110 -30.30 5.36 -29.64
N GLY C 111 -29.65 4.19 -29.67
CA GLY C 111 -28.27 4.08 -30.07
C GLY C 111 -28.09 3.01 -31.14
N SER C 112 -26.88 2.47 -31.19
CA SER C 112 -26.50 1.44 -32.15
C SER C 112 -26.23 0.13 -31.45
N GLN C 113 -26.72 -0.96 -32.04
CA GLN C 113 -26.55 -2.30 -31.48
C GLN C 113 -25.41 -3.03 -32.19
N THR C 114 -25.00 -4.14 -31.59
CA THR C 114 -23.98 -5.02 -32.15
C THR C 114 -24.55 -6.44 -32.24
N SER C 115 -23.72 -7.36 -32.73
CA SER C 115 -24.17 -8.73 -32.92
C SER C 115 -24.33 -9.44 -31.57
N LEU C 116 -25.19 -10.46 -31.56
CA LEU C 116 -25.39 -11.24 -30.35
C LEU C 116 -24.12 -12.00 -29.97
N GLU C 117 -23.37 -12.46 -30.96
CA GLU C 117 -22.10 -13.14 -30.68
C GLU C 117 -21.13 -12.19 -30.00
N VAL C 118 -21.14 -10.92 -30.39
CA VAL C 118 -20.23 -9.94 -29.79
C VAL C 118 -20.50 -9.80 -28.30
N VAL C 119 -21.77 -9.67 -27.92
CA VAL C 119 -22.10 -9.54 -26.50
C VAL C 119 -21.98 -10.85 -25.76
N ASN C 120 -22.11 -12.00 -26.46
CA ASN C 120 -21.92 -13.28 -25.79
C ASN C 120 -20.45 -13.55 -25.50
N ALA C 121 -19.56 -13.10 -26.38
CA ALA C 121 -18.13 -13.35 -26.20
C ALA C 121 -17.40 -12.22 -25.48
N ILE C 122 -18.00 -11.03 -25.38
CA ILE C 122 -17.32 -9.93 -24.72
C ILE C 122 -17.14 -10.21 -23.23
N LEU C 123 -17.99 -11.04 -22.65
CA LEU C 123 -17.86 -11.47 -21.27
C LEU C 123 -18.03 -12.99 -21.23
N TYR C 124 -16.99 -13.68 -20.79
CA TYR C 124 -17.02 -15.14 -20.67
C TYR C 124 -16.74 -15.62 -19.26
N ALA C 125 -15.67 -15.11 -18.63
CA ALA C 125 -15.37 -15.49 -17.25
C ALA C 125 -16.46 -15.02 -16.30
N GLU C 126 -17.04 -13.84 -16.57
CA GLU C 126 -18.15 -13.36 -15.75
C GLU C 126 -19.34 -14.30 -15.84
N ASP C 127 -19.66 -14.76 -17.04
CA ASP C 127 -20.75 -15.71 -17.20
C ASP C 127 -20.45 -17.01 -16.46
N LEU C 128 -19.22 -17.50 -16.55
CA LEU C 128 -18.87 -18.73 -15.85
C LEU C 128 -19.01 -18.57 -14.34
N LYS C 129 -18.57 -17.44 -13.80
CA LYS C 129 -18.72 -17.21 -12.37
C LYS C 129 -20.19 -17.11 -11.97
N VAL C 130 -21.01 -16.44 -12.77
CA VAL C 130 -22.41 -16.26 -12.42
C VAL C 130 -23.15 -17.59 -12.49
N GLN C 131 -22.92 -18.38 -13.54
CA GLN C 131 -23.64 -19.65 -13.68
C GLN C 131 -23.29 -20.62 -12.57
N ARG C 132 -22.04 -20.63 -12.10
CA ARG C 132 -21.70 -21.50 -10.98
C ARG C 132 -22.44 -21.09 -9.72
N PHE C 133 -22.71 -19.79 -9.56
CA PHE C 133 -23.50 -19.34 -8.42
C PHE C 133 -24.93 -19.90 -8.48
N PHE C 134 -25.58 -19.72 -9.63
CA PHE C 134 -26.96 -20.19 -9.80
C PHE C 134 -27.01 -21.60 -10.38
N SER C 135 -26.22 -22.51 -9.81
CA SER C 135 -26.28 -23.91 -10.19
C SER C 135 -26.12 -24.86 -9.02
N THR C 136 -26.01 -24.36 -7.79
CA THR C 136 -25.76 -25.19 -6.62
C THR C 136 -26.92 -25.02 -5.64
N GLU C 137 -27.48 -26.13 -5.19
CA GLU C 137 -28.51 -26.09 -4.17
C GLU C 137 -27.88 -25.95 -2.80
N TRP C 138 -28.51 -25.15 -1.94
CA TRP C 138 -28.01 -24.89 -0.60
C TRP C 138 -28.91 -25.55 0.43
N GLY C 139 -28.29 -26.15 1.43
CA GLY C 139 -29.01 -26.80 2.51
C GLY C 139 -29.56 -25.78 3.50
N GLU C 140 -29.98 -26.29 4.65
CA GLU C 140 -30.53 -25.45 5.70
C GLU C 140 -29.38 -24.84 6.51
N ILE C 141 -29.33 -23.52 6.57
CA ILE C 141 -28.31 -22.85 7.36
C ILE C 141 -28.55 -23.12 8.83
N ARG C 142 -27.53 -23.62 9.53
CA ARG C 142 -27.61 -23.96 10.94
C ARG C 142 -26.46 -23.31 11.68
N TYR C 143 -26.74 -22.82 12.89
CA TYR C 143 -25.82 -21.99 13.64
C TYR C 143 -25.14 -22.79 14.74
N GLY C 144 -23.94 -22.36 15.10
CA GLY C 144 -23.19 -23.04 16.15
C GLY C 144 -22.04 -22.18 16.61
N ARG C 145 -21.26 -22.74 17.52
CA ARG C 145 -20.11 -22.05 18.12
C ARG C 145 -18.81 -22.36 17.39
N MET C 146 -18.87 -22.59 16.08
CA MET C 146 -17.70 -22.97 15.31
C MET C 146 -16.63 -21.88 15.36
N LEU C 147 -15.38 -22.31 15.40
CA LEU C 147 -14.25 -21.39 15.33
C LEU C 147 -13.54 -21.57 14.00
N PRO C 148 -13.71 -20.63 13.06
CA PRO C 148 -13.11 -20.81 11.73
C PRO C 148 -11.64 -20.43 11.71
N PHE C 149 -10.84 -21.28 11.09
CA PHE C 149 -9.41 -21.05 10.94
C PHE C 149 -9.09 -20.96 9.45
N ARG C 150 -8.25 -19.99 9.09
CA ARG C 150 -8.02 -19.64 7.70
C ARG C 150 -6.86 -20.45 7.13
N LYS C 151 -7.13 -21.19 6.04
CA LYS C 151 -6.10 -21.88 5.28
C LYS C 151 -5.95 -21.23 3.90
N PRO C 152 -4.77 -21.33 3.28
CA PRO C 152 -4.61 -20.81 1.91
C PRO C 152 -5.16 -21.80 0.89
N VAL C 153 -6.22 -21.38 0.19
CA VAL C 153 -6.91 -22.23 -0.79
C VAL C 153 -6.99 -21.45 -2.10
N GLN C 154 -7.10 -22.20 -3.20
CA GLN C 154 -7.23 -21.58 -4.52
C GLN C 154 -8.45 -20.67 -4.55
N ALA C 155 -8.26 -19.46 -5.10
CA ALA C 155 -9.29 -18.43 -5.05
C ALA C 155 -10.54 -18.86 -5.82
N CYS C 156 -10.41 -19.07 -7.12
CA CYS C 156 -11.55 -19.35 -7.97
C CYS C 156 -11.28 -20.58 -8.82
N PRO C 157 -12.34 -21.27 -9.25
CA PRO C 157 -12.15 -22.44 -10.12
C PRO C 157 -11.50 -22.05 -11.44
N THR C 158 -10.70 -22.97 -11.98
CA THR C 158 -10.01 -22.79 -13.23
C THR C 158 -10.48 -23.83 -14.24
N ILE C 159 -10.31 -23.51 -15.52
CA ILE C 159 -10.72 -24.43 -16.58
C ILE C 159 -9.91 -25.71 -16.55
N GLU C 160 -8.64 -25.61 -16.17
CA GLU C 160 -7.75 -26.77 -16.03
C GLU C 160 -6.72 -26.47 -14.95
N GLU C 161 -6.26 -27.53 -14.30
CA GLU C 161 -5.25 -27.41 -13.25
C GLU C 161 -3.91 -27.03 -13.86
N VAL C 162 -3.50 -25.78 -13.66
CA VAL C 162 -2.25 -25.26 -14.20
C VAL C 162 -1.38 -24.77 -13.04
N ASN C 163 -0.14 -25.22 -13.01
CA ASN C 163 0.77 -24.80 -11.95
C ASN C 163 1.08 -23.30 -12.08
N PRO C 164 1.28 -22.61 -10.96
CA PRO C 164 1.58 -21.18 -11.03
C PRO C 164 2.80 -20.84 -11.86
N ALA C 165 3.81 -21.72 -11.88
CA ALA C 165 5.02 -21.43 -12.64
C ALA C 165 4.78 -21.47 -14.15
N SER C 166 3.87 -22.32 -14.61
CA SER C 166 3.65 -22.52 -16.04
C SER C 166 2.58 -21.62 -16.62
N ILE C 167 1.96 -20.74 -15.82
CA ILE C 167 0.94 -19.85 -16.35
C ILE C 167 1.49 -18.89 -17.40
N PRO C 168 2.62 -18.20 -17.17
CA PRO C 168 3.13 -17.33 -18.24
C PRO C 168 3.42 -18.06 -19.55
N HIS C 169 3.93 -19.28 -19.48
CA HIS C 169 4.23 -20.02 -20.70
C HIS C 169 2.94 -20.48 -21.40
N THR C 170 1.93 -20.85 -20.62
CA THR C 170 0.63 -21.18 -21.21
C THR C 170 0.04 -19.97 -21.93
N LEU C 171 0.11 -18.79 -21.29
CA LEU C 171 -0.38 -17.58 -21.94
C LEU C 171 0.44 -17.27 -23.20
N LEU C 172 1.75 -17.49 -23.13
CA LEU C 172 2.60 -17.25 -24.30
C LEU C 172 2.19 -18.13 -25.47
N GLN C 173 1.93 -19.41 -25.20
CA GLN C 173 1.46 -20.30 -26.26
C GLN C 173 0.09 -19.89 -26.78
N VAL C 174 -0.79 -19.44 -25.88
CA VAL C 174 -2.15 -19.09 -26.29
C VAL C 174 -2.13 -17.87 -27.21
N PHE C 175 -1.38 -16.84 -26.84
CA PHE C 175 -1.46 -15.55 -27.54
C PHE C 175 -0.44 -15.43 -28.66
N CYS C 176 0.85 -15.66 -28.37
CA CYS C 176 1.93 -15.47 -29.34
C CYS C 176 2.77 -16.74 -29.42
N PRO C 177 2.27 -17.77 -30.11
CA PRO C 177 3.05 -19.01 -30.23
C PRO C 177 4.39 -18.82 -30.93
N GLN C 178 4.47 -17.88 -31.88
CA GLN C 178 5.70 -17.72 -32.66
C GLN C 178 6.82 -17.11 -31.84
N TYR C 179 6.51 -16.27 -30.86
CA TYR C 179 7.54 -15.62 -30.04
C TYR C 179 7.78 -16.42 -28.75
N THR C 180 8.14 -17.69 -28.93
CA THR C 180 8.39 -18.58 -27.82
C THR C 180 9.68 -19.37 -28.10
N THR C 181 9.93 -20.38 -27.28
CA THR C 181 11.15 -21.18 -27.39
C THR C 181 10.80 -22.59 -26.97
N LEU C 182 11.64 -23.56 -27.38
CA LEU C 182 11.34 -24.97 -27.17
C LEU C 182 11.06 -25.27 -25.70
N ASP C 183 11.94 -24.82 -24.80
CA ASP C 183 11.72 -25.08 -23.39
C ASP C 183 10.53 -24.30 -22.82
N SER C 184 10.19 -23.16 -23.41
CA SER C 184 8.95 -22.49 -23.03
C SER C 184 7.74 -23.35 -23.35
N LYS C 185 7.77 -24.02 -24.50
CA LYS C 185 6.74 -25.02 -24.81
C LYS C 185 6.79 -26.18 -23.83
N ARG C 186 7.99 -26.64 -23.47
CA ARG C 186 8.12 -27.79 -22.59
C ARG C 186 7.51 -27.50 -21.21
N LYS C 187 7.85 -26.36 -20.62
CA LYS C 187 7.32 -26.01 -19.31
C LYS C 187 6.04 -25.18 -19.44
N ALA C 188 5.12 -25.67 -20.27
CA ALA C 188 3.79 -25.11 -20.44
C ALA C 188 2.80 -26.26 -20.43
N HIS C 189 1.72 -26.11 -19.67
CA HIS C 189 0.79 -27.22 -19.47
C HIS C 189 -0.04 -27.42 -20.73
N MET C 190 0.12 -28.58 -21.37
CA MET C 190 -0.62 -28.89 -22.57
C MET C 190 -2.07 -29.23 -22.23
N GLY C 191 -2.95 -29.05 -23.21
CA GLY C 191 -4.36 -29.29 -23.00
C GLY C 191 -5.12 -28.02 -22.64
N ALA C 192 -4.68 -27.33 -21.58
CA ALA C 192 -5.29 -26.07 -21.23
C ALA C 192 -5.03 -24.99 -22.28
N VAL C 193 -3.93 -25.09 -23.02
CA VAL C 193 -3.62 -24.10 -24.06
C VAL C 193 -4.68 -24.14 -25.15
N GLU C 194 -5.08 -25.34 -25.57
CA GLU C 194 -6.03 -25.46 -26.67
C GLU C 194 -7.42 -24.97 -26.24
N LYS C 195 -7.85 -25.31 -25.02
CA LYS C 195 -9.14 -24.82 -24.53
C LYS C 195 -9.12 -23.31 -24.32
N LEU C 196 -8.00 -22.77 -23.82
CA LEU C 196 -7.88 -21.32 -23.73
C LEU C 196 -7.99 -20.69 -25.10
N LYS C 197 -7.40 -21.33 -26.11
CA LYS C 197 -7.52 -20.82 -27.48
C LYS C 197 -8.97 -20.84 -27.97
N ARG C 198 -9.67 -21.95 -27.75
CA ARG C 198 -11.05 -22.03 -28.22
C ARG C 198 -11.93 -20.98 -27.55
N VAL C 199 -11.70 -20.74 -26.26
CA VAL C 199 -12.55 -19.77 -25.56
C VAL C 199 -12.12 -18.33 -25.77
N MET C 200 -10.87 -18.08 -26.14
CA MET C 200 -10.38 -16.71 -26.27
C MET C 200 -10.29 -16.25 -27.72
N GLU C 201 -10.51 -17.13 -28.70
CA GLU C 201 -10.52 -16.67 -30.09
C GLU C 201 -11.55 -15.58 -30.34
N PRO C 202 -12.82 -15.70 -29.92
CA PRO C 202 -13.74 -14.57 -30.10
C PRO C 202 -13.44 -13.40 -29.18
N ILE C 203 -12.95 -13.65 -27.96
CA ILE C 203 -12.70 -12.57 -27.02
C ILE C 203 -11.55 -11.69 -27.48
N CYS C 204 -10.52 -12.29 -28.08
CA CYS C 204 -9.34 -11.52 -28.47
C CYS C 204 -9.69 -10.47 -29.52
N LYS C 205 -10.54 -10.81 -30.48
CA LYS C 205 -10.85 -9.89 -31.57
C LYS C 205 -11.78 -8.76 -31.17
N VAL C 206 -12.47 -8.88 -30.04
CA VAL C 206 -13.48 -7.89 -29.66
C VAL C 206 -12.93 -6.94 -28.60
N GLN C 207 -12.07 -7.44 -27.72
CA GLN C 207 -11.48 -6.62 -26.66
C GLN C 207 -10.01 -6.36 -26.97
N THR C 208 -9.39 -5.53 -26.13
CA THR C 208 -7.98 -5.21 -26.26
C THR C 208 -7.12 -6.38 -25.80
N GLN C 209 -5.83 -6.33 -26.17
CA GLN C 209 -4.92 -7.41 -25.82
C GLN C 209 -4.69 -7.50 -24.32
N GLU C 210 -4.59 -6.34 -23.65
CA GLU C 210 -4.41 -6.35 -22.20
C GLU C 210 -5.61 -6.99 -21.51
N SER C 211 -6.82 -6.62 -21.94
CA SER C 211 -8.02 -7.24 -21.38
C SER C 211 -8.05 -8.73 -21.66
N ALA C 212 -7.65 -9.13 -22.88
CA ALA C 212 -7.66 -10.54 -23.23
C ALA C 212 -6.71 -11.34 -22.35
N VAL C 213 -5.48 -10.84 -22.16
CA VAL C 213 -4.52 -11.57 -21.35
C VAL C 213 -4.95 -11.59 -19.89
N HIS C 214 -5.56 -10.50 -19.41
CA HIS C 214 -6.07 -10.49 -18.04
C HIS C 214 -7.15 -11.54 -17.85
N ILE C 215 -8.10 -11.62 -18.78
CA ILE C 215 -9.17 -12.62 -18.67
C ILE C 215 -8.60 -14.02 -18.76
N ALA C 216 -7.66 -14.25 -19.67
CA ALA C 216 -7.08 -15.59 -19.83
C ALA C 216 -6.34 -16.01 -18.56
N ARG C 217 -5.51 -15.13 -18.01
CA ARG C 217 -4.81 -15.48 -16.77
C ARG C 217 -5.79 -15.71 -15.63
N SER C 218 -6.82 -14.88 -15.52
CA SER C 218 -7.84 -15.10 -14.49
C SER C 218 -8.52 -16.46 -14.68
N LEU C 219 -8.67 -16.90 -15.93
CA LEU C 219 -9.23 -18.22 -16.17
C LEU C 219 -8.27 -19.33 -15.73
N ILE C 220 -6.97 -19.13 -15.90
CA ILE C 220 -6.00 -20.19 -15.60
C ILE C 220 -5.21 -19.96 -14.31
N ASP C 221 -5.30 -18.78 -13.70
CA ASP C 221 -4.49 -18.52 -12.51
C ASP C 221 -4.97 -19.35 -11.34
N SER C 222 -4.04 -20.02 -10.67
CA SER C 222 -4.30 -20.74 -9.43
C SER C 222 -3.59 -19.98 -8.31
N ASN C 223 -4.26 -18.96 -7.78
CA ASN C 223 -3.71 -18.10 -6.73
C ASN C 223 -4.30 -18.54 -5.40
N LYS C 224 -3.45 -18.99 -4.48
CA LYS C 224 -3.90 -19.43 -3.17
C LYS C 224 -4.11 -18.20 -2.29
N LYS C 225 -5.35 -18.00 -1.85
CA LYS C 225 -5.73 -16.86 -1.03
C LYS C 225 -6.29 -17.35 0.29
N TRP C 226 -6.01 -16.60 1.36
CA TRP C 226 -6.45 -16.99 2.69
C TRP C 226 -7.94 -16.76 2.84
N LEU C 227 -8.68 -17.82 3.18
CA LEU C 227 -10.12 -17.77 3.28
C LEU C 227 -10.57 -18.49 4.53
N PRO C 228 -11.72 -18.10 5.11
CA PRO C 228 -12.24 -18.83 6.27
C PRO C 228 -12.53 -20.28 5.91
N THR C 229 -12.26 -21.17 6.86
CA THR C 229 -12.36 -22.61 6.61
C THR C 229 -12.82 -23.31 7.87
N VAL C 230 -14.01 -23.91 7.82
CA VAL C 230 -14.46 -24.83 8.85
C VAL C 230 -14.46 -26.27 8.35
N VAL C 231 -14.63 -26.50 7.05
CA VAL C 231 -14.48 -27.80 6.43
C VAL C 231 -13.64 -27.62 5.18
N ASP C 232 -13.11 -28.73 4.66
CA ASP C 232 -12.26 -28.68 3.49
C ASP C 232 -13.00 -28.05 2.31
N HIS C 233 -12.35 -27.08 1.67
CA HIS C 233 -12.97 -26.29 0.60
C HIS C 233 -12.42 -26.73 -0.75
N THR C 234 -13.32 -27.14 -1.65
CA THR C 234 -12.97 -27.27 -3.04
C THR C 234 -12.91 -25.89 -3.68
N PRO C 235 -12.23 -25.75 -4.82
CA PRO C 235 -12.19 -24.44 -5.50
C PRO C 235 -13.57 -23.87 -5.77
N ARG C 236 -14.53 -24.73 -6.14
CA ARG C 236 -15.91 -24.27 -6.34
C ARG C 236 -16.47 -23.66 -5.06
N THR C 237 -16.26 -24.33 -3.92
CA THR C 237 -16.72 -23.80 -2.66
C THR C 237 -15.85 -22.63 -2.20
N ALA C 238 -14.55 -22.70 -2.47
CA ALA C 238 -13.65 -21.63 -2.05
C ALA C 238 -13.93 -20.32 -2.76
N GLU C 239 -14.50 -20.38 -3.97
CA GLU C 239 -14.84 -19.15 -4.69
C GLU C 239 -15.87 -18.34 -3.92
N MET C 240 -16.88 -19.01 -3.37
CA MET C 240 -17.93 -18.36 -2.60
C MET C 240 -17.81 -18.82 -1.14
N ALA C 241 -17.06 -18.05 -0.36
CA ALA C 241 -16.79 -18.40 1.04
C ALA C 241 -17.09 -17.29 2.02
N HIS C 242 -17.38 -16.07 1.56
CA HIS C 242 -17.71 -14.98 2.48
C HIS C 242 -19.09 -15.14 3.10
N PHE C 243 -19.90 -16.09 2.63
CA PHE C 243 -21.23 -16.30 3.17
C PHE C 243 -21.55 -17.75 3.49
N LEU C 244 -20.74 -18.71 3.05
CA LEU C 244 -21.04 -20.12 3.32
C LEU C 244 -20.75 -20.47 4.78
N CYS C 245 -19.65 -19.96 5.33
CA CYS C 245 -19.24 -20.27 6.69
C CYS C 245 -18.83 -19.00 7.41
N SER C 246 -19.02 -19.01 8.72
CA SER C 246 -18.64 -17.89 9.58
C SER C 246 -18.49 -18.42 11.00
N LYS C 247 -18.19 -17.51 11.93
CA LYS C 247 -18.02 -17.90 13.33
C LYS C 247 -19.34 -18.25 14.00
N TYR C 248 -20.48 -17.91 13.39
CA TYR C 248 -21.78 -18.16 14.00
C TYR C 248 -22.73 -18.94 13.11
N HIS C 249 -22.37 -19.23 11.87
CA HIS C 249 -23.28 -19.90 10.96
C HIS C 249 -22.48 -20.70 9.95
N TYR C 250 -23.15 -21.70 9.35
CA TYR C 250 -22.55 -22.53 8.31
C TYR C 250 -23.66 -23.23 7.56
N VAL C 251 -23.72 -23.01 6.25
CA VAL C 251 -24.67 -23.68 5.37
C VAL C 251 -23.91 -24.66 4.49
N HIS C 252 -24.46 -25.86 4.34
CA HIS C 252 -23.78 -26.93 3.62
C HIS C 252 -24.23 -26.94 2.16
N THR C 253 -23.27 -26.98 1.25
CA THR C 253 -23.54 -26.93 -0.18
C THR C 253 -23.94 -28.31 -0.67
N ASN C 254 -24.06 -28.47 -1.99
CA ASN C 254 -24.44 -29.73 -2.60
C ASN C 254 -23.41 -30.83 -2.37
#